data_8ZJW
#
_entry.id   8ZJW
#
_cell.length_a   1.00
_cell.length_b   1.00
_cell.length_c   1.00
_cell.angle_alpha   90.00
_cell.angle_beta   90.00
_cell.angle_gamma   90.00
#
_symmetry.space_group_name_H-M   'P 1'
#
loop_
_entity.id
_entity.type
_entity.pdbx_description
1 polymer 'Beta subunit of light-harvesting 1 complex'
2 polymer 'Alpha subunit of light-harvesting 1 complex'
3 non-polymer 'BACTERIOCHLOROPHYLL A'
4 non-polymer SPIRILLOXANTHIN
#
loop_
_entity_poly.entity_id
_entity_poly.type
_entity_poly.pdbx_seq_one_letter_code
_entity_poly.pdbx_strand_id
1 'polypeptide(L)' MATTENVTSSTGLTEAEAKEFHAVYSQSAAGFLAVCAVAHVLAWMWRPFWPGAEGWVMDTAQNLTFLA B,D,F,I,K,Q,S,U,Y,a,c,e,g,i
2 'polypeptide(L)' MTFSTHKVWLMFDPRSTLVALAAFLVVLALLIHFLCLGHDRFNWLEGNPAATKAAAAAVTMPVNPVA A,E,G,J,N,R,T,V,b,d,f,h,j,C
#
# COMPACT_ATOMS: atom_id res chain seq x y z
N SER A 9 -46.62 6.80 -0.73
CA SER A 9 -46.38 6.27 0.60
C SER A 9 -44.98 6.64 1.10
N SER A 10 -44.06 5.68 1.05
CA SER A 10 -42.68 5.91 1.44
C SER A 10 -41.84 6.51 0.32
N THR A 11 -42.41 6.65 -0.88
CA THR A 11 -41.72 7.27 -2.00
C THR A 11 -42.28 8.63 -2.38
N GLY A 12 -43.44 9.00 -1.84
CA GLY A 12 -44.06 10.27 -2.15
C GLY A 12 -45.08 10.20 -3.28
N LEU A 13 -45.06 9.14 -4.07
CA LEU A 13 -46.02 8.99 -5.16
C LEU A 13 -47.40 8.68 -4.61
N THR A 14 -48.41 9.00 -5.41
CA THR A 14 -49.78 8.57 -5.16
C THR A 14 -50.04 7.27 -5.88
N GLU A 15 -51.14 6.62 -5.51
CA GLU A 15 -51.50 5.36 -6.18
C GLU A 15 -51.85 5.61 -7.65
N ALA A 16 -52.44 6.77 -7.94
CA ALA A 16 -52.70 7.13 -9.34
C ALA A 16 -51.39 7.32 -10.11
N GLU A 17 -50.43 8.01 -9.51
CA GLU A 17 -49.12 8.17 -10.14
C GLU A 17 -48.40 6.82 -10.27
N ALA A 18 -48.49 6.00 -9.23
CA ALA A 18 -47.90 4.67 -9.28
C ALA A 18 -48.54 3.83 -10.39
N LYS A 19 -49.84 3.97 -10.60
CA LYS A 19 -50.51 3.21 -11.65
C LYS A 19 -49.99 3.55 -13.03
N GLU A 20 -49.85 4.84 -13.36
CA GLU A 20 -49.38 5.19 -14.70
C GLU A 20 -47.89 4.90 -14.87
N PHE A 21 -47.08 5.13 -13.83
CA PHE A 21 -45.68 4.75 -13.92
C PHE A 21 -45.54 3.25 -14.14
N HIS A 22 -46.34 2.46 -13.42
CA HIS A 22 -46.25 1.01 -13.57
C HIS A 22 -46.76 0.57 -14.94
N ALA A 23 -47.74 1.27 -15.50
CA ALA A 23 -48.17 0.96 -16.86
C ALA A 23 -47.03 1.17 -17.85
N VAL A 24 -46.36 2.31 -17.77
CA VAL A 24 -45.24 2.58 -18.68
C VAL A 24 -44.11 1.59 -18.45
N TYR A 25 -43.79 1.33 -17.17
CA TYR A 25 -42.71 0.40 -16.83
C TYR A 25 -43.03 -1.01 -17.32
N SER A 26 -44.28 -1.45 -17.15
CA SER A 26 -44.67 -2.78 -17.58
C SER A 26 -44.61 -2.91 -19.09
N GLN A 27 -45.05 -1.88 -19.82
CA GLN A 27 -44.94 -1.90 -21.27
C GLN A 27 -43.48 -1.98 -21.70
N SER A 28 -42.62 -1.18 -21.08
CA SER A 28 -41.20 -1.17 -21.44
C SER A 28 -40.55 -2.51 -21.12
N ALA A 29 -40.88 -3.09 -19.96
CA ALA A 29 -40.32 -4.37 -19.58
C ALA A 29 -40.79 -5.48 -20.53
N ALA A 30 -42.06 -5.46 -20.91
CA ALA A 30 -42.56 -6.45 -21.86
C ALA A 30 -41.88 -6.31 -23.22
N GLY A 31 -41.66 -5.07 -23.67
CA GLY A 31 -40.93 -4.87 -24.91
C GLY A 31 -39.50 -5.37 -24.83
N PHE A 32 -38.83 -5.10 -23.72
CA PHE A 32 -37.46 -5.58 -23.53
C PHE A 32 -37.41 -7.10 -23.54
N LEU A 33 -38.34 -7.75 -22.82
CA LEU A 33 -38.36 -9.21 -22.78
C LEU A 33 -38.69 -9.80 -24.14
N ALA A 34 -39.58 -9.16 -24.90
CA ALA A 34 -39.91 -9.64 -26.24
C ALA A 34 -38.71 -9.53 -27.17
N VAL A 35 -37.98 -8.41 -27.11
CA VAL A 35 -36.78 -8.26 -27.92
C VAL A 35 -35.74 -9.31 -27.54
N CYS A 36 -35.57 -9.55 -26.24
CA CYS A 36 -34.63 -10.57 -25.79
C CYS A 36 -35.03 -11.97 -26.24
N ALA A 37 -36.34 -12.28 -26.22
CA ALA A 37 -36.81 -13.57 -26.69
C ALA A 37 -36.54 -13.76 -28.18
N VAL A 38 -36.81 -12.71 -28.97
CA VAL A 38 -36.52 -12.77 -30.40
C VAL A 38 -35.02 -12.92 -30.63
N ALA A 39 -34.20 -12.22 -29.86
CA ALA A 39 -32.75 -12.33 -29.99
C ALA A 39 -32.28 -13.74 -29.64
N HIS A 40 -32.89 -14.37 -28.64
CA HIS A 40 -32.51 -15.72 -28.26
C HIS A 40 -32.92 -16.73 -29.32
N VAL A 41 -34.09 -16.55 -29.92
CA VAL A 41 -34.49 -17.39 -31.04
C VAL A 41 -33.49 -17.24 -32.19
N LEU A 42 -33.10 -16.01 -32.49
CA LEU A 42 -32.12 -15.77 -33.55
C LEU A 42 -30.78 -16.41 -33.24
N ALA A 43 -30.32 -16.27 -31.98
CA ALA A 43 -29.04 -16.84 -31.59
C ALA A 43 -29.07 -18.37 -31.68
N TRP A 44 -30.19 -18.97 -31.27
CA TRP A 44 -30.34 -20.42 -31.41
C TRP A 44 -30.30 -20.82 -32.88
N MET A 45 -30.99 -20.07 -33.74
CA MET A 45 -30.95 -20.35 -35.17
C MET A 45 -29.55 -20.19 -35.73
N TRP A 46 -28.73 -19.34 -35.11
CA TRP A 46 -27.34 -19.19 -35.53
C TRP A 46 -26.54 -20.39 -35.05
N ARG A 47 -26.42 -20.55 -33.74
CA ARG A 47 -25.74 -21.70 -33.14
C ARG A 47 -26.50 -22.12 -31.90
N PRO A 48 -27.18 -23.27 -31.93
CA PRO A 48 -27.87 -23.74 -30.72
C PRO A 48 -26.89 -23.94 -29.58
N PHE A 49 -27.34 -23.67 -28.36
CA PHE A 49 -26.44 -23.55 -27.23
C PHE A 49 -26.71 -24.58 -26.13
N TRP A 50 -27.46 -25.65 -26.42
CA TRP A 50 -27.58 -26.78 -25.50
C TRP A 50 -27.02 -28.02 -26.20
N PRO A 51 -25.83 -28.47 -25.83
CA PRO A 51 -25.21 -29.59 -26.54
C PRO A 51 -25.84 -30.93 -26.20
N GLY A 52 -25.77 -31.84 -27.16
CA GLY A 52 -26.16 -33.22 -26.94
C GLY A 52 -25.07 -33.99 -26.22
N ALA A 53 -25.30 -35.30 -26.10
CA ALA A 53 -24.40 -36.16 -25.34
C ALA A 53 -23.00 -36.19 -25.92
N GLU A 54 -22.84 -35.97 -27.22
CA GLU A 54 -21.53 -35.98 -27.86
C GLU A 54 -20.90 -34.60 -27.96
N GLY A 55 -21.53 -33.58 -27.39
CA GLY A 55 -20.94 -32.24 -27.42
C GLY A 55 -21.19 -31.53 -28.73
N TRP A 56 -20.28 -30.62 -29.06
CA TRP A 56 -20.37 -29.83 -30.29
C TRP A 56 -19.59 -30.55 -31.38
N VAL A 57 -20.21 -31.56 -31.99
CA VAL A 57 -19.57 -32.37 -33.00
C VAL A 57 -20.27 -32.22 -34.35
N MET B 1 -43.06 -8.67 -8.80
CA MET B 1 -43.73 -7.62 -9.56
C MET B 1 -44.39 -8.16 -10.81
N THR B 2 -45.67 -7.83 -11.00
CA THR B 2 -46.41 -8.20 -12.19
C THR B 2 -47.06 -6.94 -12.76
N PHE B 3 -47.92 -7.13 -13.77
CA PHE B 3 -48.65 -6.01 -14.33
C PHE B 3 -49.59 -5.35 -13.32
N SER B 4 -50.13 -6.12 -12.38
CA SER B 4 -51.13 -5.61 -11.44
C SER B 4 -50.51 -5.02 -10.18
N THR B 5 -49.22 -5.14 -9.98
CA THR B 5 -48.56 -4.64 -8.77
C THR B 5 -48.02 -3.23 -8.96
N HIS B 6 -48.91 -2.28 -9.28
CA HIS B 6 -48.46 -0.90 -9.46
C HIS B 6 -48.07 -0.26 -8.14
N LYS B 7 -48.54 -0.81 -7.02
CA LYS B 7 -48.28 -0.25 -5.70
C LYS B 7 -46.86 -0.50 -5.22
N VAL B 8 -46.06 -1.25 -5.97
CA VAL B 8 -44.64 -1.44 -5.65
C VAL B 8 -43.86 -0.13 -5.75
N TRP B 9 -44.38 0.87 -6.46
CA TRP B 9 -43.69 2.14 -6.59
C TRP B 9 -44.04 3.11 -5.46
N LEU B 10 -44.96 2.75 -4.58
CA LEU B 10 -45.12 3.43 -3.31
C LEU B 10 -44.11 2.98 -2.28
N MET B 11 -43.34 1.94 -2.58
CA MET B 11 -42.28 1.43 -1.72
C MET B 11 -40.89 1.61 -2.30
N PHE B 12 -40.73 1.42 -3.61
CA PHE B 12 -39.46 1.61 -4.28
C PHE B 12 -39.51 2.92 -5.06
N ASP B 13 -38.46 3.74 -4.89
CA ASP B 13 -38.37 5.00 -5.62
C ASP B 13 -38.17 4.70 -7.10
N PRO B 14 -39.08 5.14 -7.97
CA PRO B 14 -38.98 4.79 -9.39
C PRO B 14 -37.69 5.23 -10.06
N ARG B 15 -37.17 6.41 -9.74
CA ARG B 15 -35.95 6.89 -10.39
C ARG B 15 -34.74 6.05 -9.99
N SER B 16 -34.54 5.85 -8.70
CA SER B 16 -33.40 5.06 -8.23
C SER B 16 -33.55 3.60 -8.64
N THR B 17 -34.77 3.07 -8.60
CA THR B 17 -34.99 1.69 -9.06
C THR B 17 -34.67 1.56 -10.54
N LEU B 18 -35.08 2.53 -11.35
CA LEU B 18 -34.77 2.48 -12.78
C LEU B 18 -33.27 2.54 -13.02
N VAL B 19 -32.56 3.41 -12.28
CA VAL B 19 -31.11 3.52 -12.46
C VAL B 19 -30.42 2.22 -12.06
N ALA B 20 -30.80 1.66 -10.92
CA ALA B 20 -30.19 0.42 -10.46
C ALA B 20 -30.50 -0.73 -11.41
N LEU B 21 -31.74 -0.82 -11.90
CA LEU B 21 -32.10 -1.85 -12.85
C LEU B 21 -31.32 -1.71 -14.15
N ALA B 22 -31.16 -0.48 -14.65
CA ALA B 22 -30.38 -0.28 -15.86
C ALA B 22 -28.93 -0.72 -15.65
N ALA B 23 -28.34 -0.35 -14.51
CA ALA B 23 -26.97 -0.75 -14.24
C ALA B 23 -26.84 -2.27 -14.17
N PHE B 24 -27.76 -2.92 -13.47
CA PHE B 24 -27.71 -4.38 -13.35
C PHE B 24 -27.89 -5.05 -14.70
N LEU B 25 -28.84 -4.57 -15.51
CA LEU B 25 -29.10 -5.19 -16.80
C LEU B 25 -27.93 -5.00 -17.75
N VAL B 26 -27.31 -3.81 -17.75
CA VAL B 26 -26.14 -3.59 -18.59
C VAL B 26 -25.00 -4.48 -18.17
N VAL B 27 -24.75 -4.59 -16.85
CA VAL B 27 -23.66 -5.41 -16.36
C VAL B 27 -23.90 -6.88 -16.71
N LEU B 28 -25.14 -7.35 -16.54
CA LEU B 28 -25.47 -8.74 -16.87
C LEU B 28 -25.30 -9.01 -18.35
N ALA B 29 -25.75 -8.08 -19.21
CA ALA B 29 -25.60 -8.26 -20.65
C ALA B 29 -24.14 -8.30 -21.06
N LEU B 30 -23.33 -7.41 -20.47
CA LEU B 30 -21.90 -7.43 -20.74
C LEU B 30 -21.27 -8.75 -20.30
N LEU B 31 -21.65 -9.23 -19.12
CA LEU B 31 -21.13 -10.50 -18.60
C LEU B 31 -21.47 -11.66 -19.51
N ILE B 32 -22.72 -11.72 -19.98
CA ILE B 32 -23.14 -12.84 -20.82
C ILE B 32 -22.44 -12.77 -22.18
N HIS B 33 -22.34 -11.57 -22.76
CA HIS B 33 -21.62 -11.43 -24.02
C HIS B 33 -20.16 -11.84 -23.87
N PHE B 34 -19.54 -11.45 -22.75
CA PHE B 34 -18.15 -11.82 -22.50
C PHE B 34 -18.00 -13.32 -22.29
N LEU B 35 -18.99 -13.96 -21.67
CA LEU B 35 -18.95 -15.41 -21.54
C LEU B 35 -19.05 -16.09 -22.89
N CYS B 36 -19.91 -15.57 -23.77
CA CYS B 36 -19.99 -16.11 -25.13
C CYS B 36 -18.67 -15.92 -25.87
N LEU B 37 -18.08 -14.74 -25.75
CA LEU B 37 -16.78 -14.48 -26.37
C LEU B 37 -15.69 -15.36 -25.79
N GLY B 38 -15.84 -15.79 -24.54
CA GLY B 38 -14.87 -16.63 -23.88
C GLY B 38 -14.92 -18.10 -24.25
N HIS B 39 -15.81 -18.48 -25.14
CA HIS B 39 -15.92 -19.86 -25.61
C HIS B 39 -15.82 -19.88 -27.13
N ASP B 40 -15.22 -20.94 -27.65
CA ASP B 40 -14.90 -21.02 -29.08
C ASP B 40 -16.15 -20.98 -29.94
N ARG B 41 -17.16 -21.78 -29.57
CA ARG B 41 -18.37 -21.90 -30.38
C ARG B 41 -19.13 -20.59 -30.50
N PHE B 42 -19.22 -19.80 -29.43
CA PHE B 42 -20.10 -18.66 -29.43
C PHE B 42 -19.38 -17.32 -29.53
N ASN B 43 -18.07 -17.32 -29.75
CA ASN B 43 -17.35 -16.08 -30.07
C ASN B 43 -17.57 -15.80 -31.55
N TRP B 44 -18.62 -15.01 -31.83
CA TRP B 44 -18.99 -14.69 -33.21
C TRP B 44 -17.93 -13.85 -33.91
N LEU B 45 -17.14 -13.07 -33.15
CA LEU B 45 -16.06 -12.31 -33.77
C LEU B 45 -14.91 -13.22 -34.17
N GLU B 46 -14.52 -14.15 -33.28
CA GLU B 46 -13.48 -15.11 -33.61
C GLU B 46 -13.89 -15.98 -34.79
N GLY B 47 -15.16 -16.34 -34.86
CA GLY B 47 -15.68 -17.12 -35.97
C GLY B 47 -15.05 -18.48 -36.13
N ASN B 48 -14.95 -19.23 -35.05
CA ASN B 48 -14.62 -20.64 -35.15
C ASN B 48 -15.77 -21.39 -35.81
N PRO B 49 -15.49 -22.49 -36.50
CA PRO B 49 -16.57 -23.34 -36.98
C PRO B 49 -17.42 -23.86 -35.82
N ALA B 50 -18.69 -23.85 -35.97
CA ALA B 50 -19.68 -24.30 -34.94
C ALA B 50 -19.37 -25.65 -34.22
N ALA B 51 -18.83 -26.63 -34.87
CA ALA B 51 -18.41 -27.85 -34.25
C ALA B 51 -16.98 -27.93 -33.65
N THR B 52 -16.80 -27.55 -32.42
CA THR B 52 -15.58 -27.20 -31.78
C THR B 52 -14.97 -28.51 -31.14
N LYS B 53 -15.60 -29.64 -31.32
CA LYS B 53 -15.21 -30.97 -30.88
C LYS B 53 -15.13 -31.93 -32.05
N SER C 9 -41.62 18.64 -11.60
CA SER C 9 -41.91 17.81 -10.45
C SER C 9 -40.70 17.72 -9.53
N SER C 10 -40.01 16.58 -9.58
CA SER C 10 -38.78 16.38 -8.80
C SER C 10 -37.55 16.94 -9.50
N THR C 11 -37.70 17.45 -10.72
CA THR C 11 -36.59 18.05 -11.45
C THR C 11 -36.72 19.56 -11.59
N GLY C 12 -37.90 20.13 -11.30
CA GLY C 12 -38.14 21.54 -11.40
C GLY C 12 -38.74 21.96 -12.73
N LEU C 13 -38.65 21.11 -13.75
CA LEU C 13 -39.24 21.44 -15.04
C LEU C 13 -40.76 21.33 -14.98
N THR C 14 -41.43 22.03 -15.89
CA THR C 14 -42.85 21.88 -16.10
C THR C 14 -43.09 20.89 -17.23
N GLU C 15 -44.36 20.50 -17.39
CA GLU C 15 -44.70 19.58 -18.47
C GLU C 15 -44.42 20.20 -19.83
N ALA C 16 -44.68 21.49 -19.99
CA ALA C 16 -44.37 22.18 -21.24
C ALA C 16 -42.87 22.14 -21.52
N GLU C 17 -42.05 22.43 -20.50
CA GLU C 17 -40.60 22.35 -20.68
C GLU C 17 -40.15 20.92 -20.91
N ALA C 18 -40.76 19.97 -20.19
CA ALA C 18 -40.42 18.57 -20.40
C ALA C 18 -40.77 18.12 -21.81
N LYS C 19 -41.92 18.55 -22.32
CA LYS C 19 -42.32 18.16 -23.67
C LYS C 19 -41.37 18.71 -24.73
N GLU C 20 -40.97 19.96 -24.62
CA GLU C 20 -40.08 20.55 -25.62
C GLU C 20 -38.65 20.04 -25.48
N PHE C 21 -38.21 19.68 -24.28
CA PHE C 21 -36.94 18.97 -24.16
C PHE C 21 -37.03 17.58 -24.80
N HIS C 22 -38.15 16.88 -24.57
CA HIS C 22 -38.29 15.52 -25.06
C HIS C 22 -38.39 15.48 -26.57
N ALA C 23 -38.94 16.51 -27.19
CA ALA C 23 -38.97 16.57 -28.65
C ALA C 23 -37.56 16.57 -29.22
N VAL C 24 -36.70 17.46 -28.71
CA VAL C 24 -35.31 17.52 -29.17
C VAL C 24 -34.55 16.25 -28.82
N TYR C 25 -34.78 15.71 -27.62
CA TYR C 25 -34.12 14.48 -27.20
C TYR C 25 -34.52 13.32 -28.11
N SER C 26 -35.80 13.21 -28.44
CA SER C 26 -36.28 12.15 -29.32
C SER C 26 -35.69 12.29 -30.72
N GLN C 27 -35.65 13.52 -31.24
CA GLN C 27 -35.04 13.73 -32.55
C GLN C 27 -33.56 13.35 -32.55
N SER C 28 -32.83 13.76 -31.51
CA SER C 28 -31.41 13.45 -31.42
C SER C 28 -31.16 11.95 -31.29
N ALA C 29 -31.96 11.28 -30.45
CA ALA C 29 -31.80 9.84 -30.29
C ALA C 29 -32.13 9.10 -31.58
N ALA C 30 -33.19 9.53 -32.28
CA ALA C 30 -33.52 8.89 -33.55
C ALA C 30 -32.43 9.11 -34.59
N GLY C 31 -31.85 10.32 -34.64
CA GLY C 31 -30.75 10.55 -35.56
C GLY C 31 -29.53 9.73 -35.24
N PHE C 32 -29.19 9.62 -33.95
CA PHE C 32 -28.07 8.80 -33.54
C PHE C 32 -28.28 7.34 -33.92
N LEU C 33 -29.49 6.82 -33.68
CA LEU C 33 -29.79 5.43 -34.02
C LEU C 33 -29.78 5.21 -35.52
N ALA C 34 -30.26 6.19 -36.29
CA ALA C 34 -30.23 6.07 -37.74
C ALA C 34 -28.79 6.03 -38.27
N VAL C 35 -27.93 6.89 -37.73
CA VAL C 35 -26.52 6.86 -38.12
C VAL C 35 -25.88 5.53 -37.74
N CYS C 36 -26.19 5.03 -36.53
CA CYS C 36 -25.66 3.75 -36.10
C CYS C 36 -26.15 2.61 -36.99
N ALA C 37 -27.41 2.65 -37.43
CA ALA C 37 -27.94 1.61 -38.30
C ALA C 37 -27.26 1.64 -39.67
N VAL C 38 -27.07 2.84 -40.22
CA VAL C 38 -26.35 2.96 -41.48
C VAL C 38 -24.91 2.46 -41.32
N ALA C 39 -24.28 2.80 -40.20
CA ALA C 39 -22.92 2.34 -39.94
C ALA C 39 -22.84 0.82 -39.85
N HIS C 40 -23.83 0.20 -39.21
CA HIS C 40 -23.87 -1.26 -39.12
C HIS C 40 -24.10 -1.92 -40.45
N VAL C 41 -24.96 -1.35 -41.29
CA VAL C 41 -25.14 -1.88 -42.64
C VAL C 41 -23.84 -1.79 -43.42
N LEU C 42 -23.14 -0.65 -43.30
CA LEU C 42 -21.85 -0.49 -43.96
C LEU C 42 -20.83 -1.48 -43.45
N ALA C 43 -20.78 -1.69 -42.13
CA ALA C 43 -19.83 -2.64 -41.55
C ALA C 43 -20.13 -4.06 -42.01
N TRP C 44 -21.41 -4.40 -42.14
CA TRP C 44 -21.78 -5.71 -42.66
C TRP C 44 -21.37 -5.87 -44.11
N MET C 45 -21.54 -4.83 -44.93
CA MET C 45 -21.07 -4.92 -46.31
C MET C 45 -19.55 -5.03 -46.38
N TRP C 46 -18.85 -4.39 -45.44
CA TRP C 46 -17.41 -4.56 -45.35
C TRP C 46 -17.07 -6.00 -45.02
N ARG C 47 -17.48 -6.46 -43.84
CA ARG C 47 -17.23 -7.83 -43.40
C ARG C 47 -18.41 -8.26 -42.53
N PRO C 48 -19.22 -9.20 -42.99
CA PRO C 48 -20.33 -9.70 -42.16
C PRO C 48 -19.78 -10.30 -40.87
N PHE C 49 -20.53 -10.13 -39.79
CA PHE C 49 -20.02 -10.45 -38.47
C PHE C 49 -20.78 -11.57 -37.77
N TRP C 50 -21.56 -12.36 -38.51
CA TRP C 50 -22.19 -13.55 -37.96
C TRP C 50 -21.71 -14.77 -38.72
N PRO C 51 -20.79 -15.57 -38.17
CA PRO C 51 -20.19 -16.65 -38.96
C PRO C 51 -21.12 -17.82 -39.14
N GLY C 52 -20.98 -18.48 -40.29
CA GLY C 52 -21.70 -19.71 -40.56
C GLY C 52 -21.09 -20.88 -39.81
N ALA C 53 -21.61 -22.06 -40.11
CA ALA C 53 -21.21 -23.27 -39.40
C ALA C 53 -19.73 -23.57 -39.55
N GLU C 54 -19.11 -23.15 -40.65
CA GLU C 54 -17.69 -23.41 -40.88
C GLU C 54 -16.79 -22.28 -40.40
N GLY C 55 -17.36 -21.20 -39.86
CA GLY C 55 -16.55 -20.11 -39.38
C GLY C 55 -16.20 -19.11 -40.47
N TRP C 56 -15.08 -18.43 -40.28
CA TRP C 56 -14.60 -17.42 -41.24
C TRP C 56 -13.66 -18.09 -42.22
N VAL C 57 -14.27 -18.73 -43.23
CA VAL C 57 -13.50 -19.46 -44.23
C VAL C 57 -13.76 -18.89 -45.62
N MET D 1 -38.34 4.39 -22.35
CA MET D 1 -38.65 5.71 -22.90
C MET D 1 -39.04 5.63 -24.37
N THR D 2 -40.11 6.34 -24.73
CA THR D 2 -40.58 6.41 -26.10
C THR D 2 -40.76 7.86 -26.49
N PHE D 3 -41.27 8.06 -27.71
CA PHE D 3 -41.53 9.41 -28.21
C PHE D 3 -42.58 10.15 -27.38
N SER D 4 -43.52 9.43 -26.76
CA SER D 4 -44.62 10.06 -26.05
C SER D 4 -44.39 10.20 -24.55
N THR D 5 -43.25 9.76 -24.03
CA THR D 5 -42.98 9.80 -22.59
C THR D 5 -42.14 11.03 -22.25
N HIS D 6 -42.72 12.21 -22.47
CA HIS D 6 -41.99 13.44 -22.17
C HIS D 6 -41.94 13.72 -20.68
N LYS D 7 -42.81 13.06 -19.90
CA LYS D 7 -42.88 13.30 -18.46
C LYS D 7 -41.75 12.60 -17.72
N VAL D 8 -40.92 11.85 -18.43
CA VAL D 8 -39.74 11.24 -17.82
C VAL D 8 -38.75 12.31 -17.37
N TRP D 9 -38.84 13.51 -17.95
CA TRP D 9 -37.96 14.60 -17.56
C TRP D 9 -38.49 15.36 -16.36
N LEU D 10 -39.72 15.12 -15.95
CA LEU D 10 -40.20 15.55 -14.65
C LEU D 10 -39.65 14.68 -13.53
N MET D 11 -39.10 13.51 -13.86
CA MET D 11 -38.49 12.59 -12.90
C MET D 11 -36.99 12.54 -13.01
N PHE D 12 -36.44 12.57 -14.22
CA PHE D 12 -35.00 12.55 -14.44
C PHE D 12 -34.53 13.94 -14.83
N ASP D 13 -33.45 14.39 -14.20
CA ASP D 13 -32.89 15.69 -14.51
C ASP D 13 -32.27 15.65 -15.90
N PRO D 14 -32.72 16.47 -16.85
CA PRO D 14 -32.20 16.37 -18.22
C PRO D 14 -30.70 16.53 -18.36
N ARG D 15 -30.08 17.45 -17.60
CA ARG D 15 -28.66 17.72 -17.76
C ARG D 15 -27.81 16.55 -17.26
N SER D 16 -28.09 16.09 -16.04
CA SER D 16 -27.32 14.97 -15.50
C SER D 16 -27.60 13.68 -16.26
N THR D 17 -28.84 13.49 -16.70
CA THR D 17 -29.16 12.33 -17.53
C THR D 17 -28.41 12.37 -18.85
N LEU D 18 -28.32 13.55 -19.47
CA LEU D 18 -27.58 13.69 -20.72
C LEU D 18 -26.10 13.40 -20.52
N VAL D 19 -25.53 13.89 -19.43
CA VAL D 19 -24.11 13.65 -19.16
C VAL D 19 -23.85 12.16 -18.92
N ALA D 20 -24.70 11.52 -18.11
CA ALA D 20 -24.53 10.09 -17.83
C ALA D 20 -24.72 9.26 -19.09
N LEU D 21 -25.70 9.61 -19.92
CA LEU D 21 -25.93 8.89 -21.16
C LEU D 21 -24.77 9.06 -22.12
N ALA D 22 -24.21 10.26 -22.21
CA ALA D 22 -23.04 10.47 -23.07
C ALA D 22 -21.85 9.65 -22.58
N ALA D 23 -21.63 9.63 -21.26
CA ALA D 23 -20.53 8.85 -20.72
C ALA D 23 -20.72 7.36 -21.01
N PHE D 24 -21.93 6.85 -20.78
CA PHE D 24 -22.20 5.44 -21.05
C PHE D 24 -22.03 5.10 -22.53
N LEU D 25 -22.56 5.95 -23.41
CA LEU D 25 -22.48 5.67 -24.84
C LEU D 25 -21.04 5.72 -25.33
N VAL D 26 -20.26 6.68 -24.85
CA VAL D 26 -18.85 6.75 -25.24
C VAL D 26 -18.09 5.52 -24.75
N VAL D 27 -18.34 5.10 -23.51
CA VAL D 27 -17.66 3.92 -22.99
C VAL D 27 -18.07 2.68 -23.77
N LEU D 28 -19.35 2.54 -24.08
CA LEU D 28 -19.82 1.39 -24.84
C LEU D 28 -19.22 1.37 -26.24
N ALA D 29 -19.18 2.54 -26.91
CA ALA D 29 -18.59 2.60 -28.25
C ALA D 29 -17.11 2.25 -28.21
N LEU D 30 -16.39 2.75 -27.21
CA LEU D 30 -14.97 2.41 -27.07
C LEU D 30 -14.79 0.92 -26.84
N LEU D 31 -15.62 0.33 -25.97
CA LEU D 31 -15.53 -1.09 -25.69
C LEU D 31 -15.78 -1.92 -26.95
N ILE D 32 -16.80 -1.56 -27.73
CA ILE D 32 -17.12 -2.34 -28.92
C ILE D 32 -16.03 -2.18 -29.98
N HIS D 33 -15.53 -0.96 -30.16
CA HIS D 33 -14.44 -0.73 -31.10
C HIS D 33 -13.20 -1.52 -30.70
N PHE D 34 -12.87 -1.52 -29.41
CA PHE D 34 -11.72 -2.28 -28.93
C PHE D 34 -11.93 -3.77 -29.07
N LEU D 35 -13.16 -4.24 -28.92
CA LEU D 35 -13.46 -5.65 -29.15
C LEU D 35 -13.26 -6.02 -30.61
N CYS D 36 -13.68 -5.14 -31.52
CA CYS D 36 -13.40 -5.36 -32.94
C CYS D 36 -11.91 -5.36 -33.22
N LEU D 37 -11.18 -4.43 -32.59
CA LEU D 37 -9.73 -4.36 -32.75
C LEU D 37 -9.02 -5.60 -32.19
N GLY D 38 -9.59 -6.22 -31.16
CA GLY D 38 -9.03 -7.38 -30.52
C GLY D 38 -9.26 -8.70 -31.23
N HIS D 39 -9.94 -8.69 -32.37
CA HIS D 39 -10.21 -9.88 -33.15
C HIS D 39 -9.66 -9.70 -34.56
N ASP D 40 -9.14 -10.78 -35.13
CA ASP D 40 -8.38 -10.69 -36.37
C ASP D 40 -9.24 -10.21 -37.54
N ARG D 41 -10.45 -10.77 -37.68
CA ARG D 41 -11.27 -10.45 -38.84
C ARG D 41 -11.74 -9.00 -38.83
N PHE D 42 -11.99 -8.44 -37.66
CA PHE D 42 -12.64 -7.15 -37.58
C PHE D 42 -11.70 -6.02 -37.17
N ASN D 43 -10.41 -6.29 -37.02
CA ASN D 43 -9.40 -5.25 -36.80
C ASN D 43 -9.08 -4.62 -38.16
N TRP D 44 -9.70 -3.48 -38.44
CA TRP D 44 -9.56 -2.83 -39.74
C TRP D 44 -8.18 -2.20 -39.90
N LEU D 45 -7.53 -1.83 -38.79
CA LEU D 45 -6.19 -1.26 -38.88
C LEU D 45 -5.16 -2.34 -39.20
N GLU D 46 -5.26 -3.48 -38.54
CA GLU D 46 -4.38 -4.60 -38.83
C GLU D 46 -4.56 -5.09 -40.26
N GLY D 47 -5.80 -5.12 -40.74
CA GLY D 47 -6.09 -5.50 -42.10
C GLY D 47 -5.72 -6.92 -42.44
N ASN D 48 -6.12 -7.86 -41.59
CA ASN D 48 -6.00 -9.27 -41.93
C ASN D 48 -6.95 -9.61 -43.07
N PRO D 49 -6.64 -10.64 -43.85
CA PRO D 49 -7.64 -11.16 -44.78
C PRO D 49 -8.87 -11.62 -44.02
N ALA D 50 -10.04 -11.39 -44.62
CA ALA D 50 -11.30 -11.58 -43.90
C ALA D 50 -11.49 -13.03 -43.46
N ALA D 51 -11.14 -13.98 -44.33
CA ALA D 51 -11.24 -15.39 -43.99
C ALA D 51 -10.09 -15.80 -43.08
N THR D 52 -10.30 -15.70 -41.77
CA THR D 52 -9.27 -16.01 -40.79
C THR D 52 -9.15 -17.50 -40.50
N LYS D 53 -10.01 -18.32 -41.07
CA LYS D 53 -9.96 -19.76 -40.84
C LYS D 53 -9.82 -20.54 -42.15
N SER E 9 -31.26 30.50 -17.59
CA SER E 9 -32.09 29.67 -16.74
C SER E 9 -31.29 29.16 -15.54
N SER E 10 -30.85 27.91 -15.61
CA SER E 10 -30.04 27.30 -14.57
C SER E 10 -28.56 27.60 -14.74
N THR E 11 -28.19 28.31 -15.80
CA THR E 11 -26.80 28.69 -16.03
C THR E 11 -26.54 30.17 -15.80
N GLY E 12 -27.59 30.99 -15.72
CA GLY E 12 -27.49 32.42 -15.53
C GLY E 12 -27.56 33.20 -16.84
N LEU E 13 -27.33 32.52 -17.96
CA LEU E 13 -27.41 33.17 -19.26
C LEU E 13 -28.85 33.49 -19.62
N THR E 14 -29.02 34.48 -20.50
CA THR E 14 -30.29 34.75 -21.13
C THR E 14 -30.34 34.09 -22.50
N GLU E 15 -31.53 34.07 -23.09
CA GLU E 15 -31.67 33.49 -24.42
C GLU E 15 -30.86 34.27 -25.44
N ALA E 16 -30.81 35.60 -25.32
CA ALA E 16 -29.99 36.41 -26.20
C ALA E 16 -28.51 36.07 -26.05
N GLU E 17 -28.04 35.93 -24.82
CA GLU E 17 -26.66 35.50 -24.60
C GLU E 17 -26.45 34.07 -25.05
N ALA E 18 -27.43 33.19 -24.79
CA ALA E 18 -27.32 31.80 -25.23
C ALA E 18 -27.25 31.70 -26.75
N LYS E 19 -28.07 32.46 -27.46
CA LYS E 19 -28.05 32.44 -28.92
C LYS E 19 -26.72 32.98 -29.47
N GLU E 20 -26.23 34.08 -28.89
CA GLU E 20 -24.98 34.66 -29.35
C GLU E 20 -23.81 33.72 -29.09
N PHE E 21 -23.79 33.06 -27.92
CA PHE E 21 -22.76 32.05 -27.68
C PHE E 21 -22.90 30.87 -28.62
N HIS E 22 -24.13 30.44 -28.88
CA HIS E 22 -24.36 29.27 -29.71
C HIS E 22 -23.94 29.51 -31.15
N ALA E 23 -24.08 30.74 -31.64
CA ALA E 23 -23.62 31.04 -32.99
C ALA E 23 -22.11 30.80 -33.13
N VAL E 24 -21.33 31.32 -32.18
CA VAL E 24 -19.89 31.14 -32.22
C VAL E 24 -19.53 29.67 -32.01
N TYR E 25 -20.21 29.00 -31.07
CA TYR E 25 -19.95 27.59 -30.81
C TYR E 25 -20.23 26.74 -32.05
N SER E 26 -21.34 27.02 -32.73
CA SER E 26 -21.71 26.26 -33.92
C SER E 26 -20.74 26.50 -35.05
N GLN E 27 -20.31 27.77 -35.24
CA GLN E 27 -19.31 28.05 -36.26
C GLN E 27 -18.00 27.32 -35.96
N SER E 28 -17.57 27.33 -34.70
CA SER E 28 -16.32 26.67 -34.33
C SER E 28 -16.42 25.16 -34.50
N ALA E 29 -17.56 24.57 -34.11
CA ALA E 29 -17.75 23.14 -34.28
C ALA E 29 -17.79 22.75 -35.76
N ALA E 30 -18.45 23.56 -36.59
CA ALA E 30 -18.48 23.29 -38.02
C ALA E 30 -17.09 23.38 -38.62
N GLY E 31 -16.30 24.38 -38.21
CA GLY E 31 -14.94 24.48 -38.69
C GLY E 31 -14.08 23.31 -38.27
N PHE E 32 -14.22 22.87 -37.01
CA PHE E 32 -13.47 21.72 -36.53
C PHE E 32 -13.83 20.46 -37.31
N LEU E 33 -15.13 20.26 -37.57
CA LEU E 33 -15.56 19.08 -38.33
C LEU E 33 -15.09 19.16 -39.78
N ALA E 34 -15.09 20.37 -40.37
CA ALA E 34 -14.60 20.53 -41.73
C ALA E 34 -13.11 20.21 -41.83
N VAL E 35 -12.32 20.69 -40.87
CA VAL E 35 -10.91 20.37 -40.85
C VAL E 35 -10.70 18.88 -40.66
N CYS E 36 -11.51 18.26 -39.80
CA CYS E 36 -11.40 16.81 -39.58
C CYS E 36 -11.75 16.03 -40.84
N ALA E 37 -12.76 16.49 -41.58
CA ALA E 37 -13.14 15.82 -42.82
C ALA E 37 -12.05 15.93 -43.87
N VAL E 38 -11.47 17.13 -44.02
CA VAL E 38 -10.34 17.29 -44.93
C VAL E 38 -9.17 16.40 -44.50
N ALA E 39 -8.91 16.31 -43.19
CA ALA E 39 -7.84 15.48 -42.69
C ALA E 39 -8.10 14.00 -42.99
N HIS E 40 -9.34 13.55 -42.86
CA HIS E 40 -9.65 12.15 -43.14
C HIS E 40 -9.54 11.85 -44.62
N VAL E 41 -9.94 12.79 -45.48
CA VAL E 41 -9.73 12.63 -46.92
C VAL E 41 -8.24 12.52 -47.22
N LEU E 42 -7.43 13.37 -46.59
CA LEU E 42 -5.98 13.31 -46.80
C LEU E 42 -5.40 11.99 -46.30
N ALA E 43 -5.83 11.53 -45.13
CA ALA E 43 -5.33 10.27 -44.59
C ALA E 43 -5.72 9.09 -45.46
N TRP E 44 -6.95 9.10 -46.01
CA TRP E 44 -7.36 8.06 -46.94
C TRP E 44 -6.53 8.10 -48.21
N MET E 45 -6.26 9.29 -48.74
CA MET E 45 -5.41 9.40 -49.92
C MET E 45 -3.98 9.01 -49.63
N TRP E 46 -3.54 9.06 -48.37
CA TRP E 46 -2.24 8.56 -47.99
C TRP E 46 -2.30 7.04 -47.95
N ARG E 47 -3.12 6.50 -47.05
CA ARG E 47 -3.30 5.05 -46.92
C ARG E 47 -4.76 4.78 -46.55
N PRO E 48 -5.54 4.21 -47.48
CA PRO E 48 -6.93 3.87 -47.15
C PRO E 48 -6.99 2.89 -45.99
N PHE E 49 -8.00 3.05 -45.14
CA PHE E 49 -8.03 2.35 -43.86
C PHE E 49 -9.18 1.37 -43.71
N TRP E 50 -9.83 0.98 -44.80
CA TRP E 50 -10.82 -0.09 -44.77
C TRP E 50 -10.34 -1.23 -45.67
N PRO E 51 -9.89 -2.34 -45.10
CA PRO E 51 -9.26 -3.39 -45.93
C PRO E 51 -10.29 -4.20 -46.70
N GLY E 52 -9.87 -4.67 -47.87
CA GLY E 52 -10.66 -5.61 -48.63
C GLY E 52 -10.54 -7.01 -48.07
N ALA E 53 -11.17 -7.95 -48.79
CA ALA E 53 -11.23 -9.33 -48.32
C ALA E 53 -9.86 -9.95 -48.12
N GLU E 54 -8.86 -9.54 -48.90
CA GLU E 54 -7.52 -10.10 -48.78
C GLU E 54 -6.64 -9.31 -47.83
N GLY E 55 -7.15 -8.24 -47.21
CA GLY E 55 -6.35 -7.48 -46.27
C GLY E 55 -5.50 -6.42 -46.95
N TRP E 56 -4.38 -6.09 -46.30
CA TRP E 56 -3.45 -5.08 -46.81
C TRP E 56 -2.39 -5.79 -47.65
N VAL E 57 -2.73 -6.03 -48.92
CA VAL E 57 -1.85 -6.74 -49.83
C VAL E 57 -1.57 -5.90 -51.07
N MET F 1 -27.46 18.08 -30.30
CA MET F 1 -27.33 19.51 -30.42
C MET F 1 -27.15 19.91 -31.88
N THR F 2 -27.87 20.93 -32.32
CA THR F 2 -27.87 21.39 -33.70
C THR F 2 -27.63 22.89 -33.74
N PHE F 3 -27.69 23.46 -34.95
CA PHE F 3 -27.52 24.89 -35.15
C PHE F 3 -28.64 25.70 -34.51
N SER F 4 -29.79 25.07 -34.28
CA SER F 4 -30.96 25.77 -33.79
C SER F 4 -31.22 25.59 -32.30
N THR F 5 -30.48 24.72 -31.63
CA THR F 5 -30.67 24.46 -30.20
C THR F 5 -29.78 25.36 -29.35
N HIS F 6 -29.95 26.67 -29.48
CA HIS F 6 -29.15 27.59 -28.69
C HIS F 6 -29.53 27.58 -27.22
N LYS F 7 -30.75 27.13 -26.91
CA LYS F 7 -31.21 27.10 -25.53
C LYS F 7 -30.58 25.98 -24.71
N VAL F 8 -29.73 25.14 -25.34
CA VAL F 8 -28.96 24.16 -24.60
C VAL F 8 -27.99 24.82 -23.64
N TRP F 9 -27.65 26.09 -23.86
CA TRP F 9 -26.73 26.79 -22.97
C TRP F 9 -27.42 27.44 -21.80
N LEU F 10 -28.75 27.42 -21.77
CA LEU F 10 -29.49 27.71 -20.55
C LEU F 10 -29.52 26.53 -19.60
N MET F 11 -29.07 25.36 -20.05
CA MET F 11 -29.01 24.15 -19.23
C MET F 11 -27.58 23.75 -18.91
N PHE F 12 -26.68 23.83 -19.89
CA PHE F 12 -25.26 23.52 -19.68
C PHE F 12 -24.48 24.82 -19.58
N ASP F 13 -23.60 24.91 -18.59
CA ASP F 13 -22.75 26.08 -18.43
C ASP F 13 -21.73 26.11 -19.56
N PRO F 14 -21.67 27.20 -20.35
CA PRO F 14 -20.75 27.21 -21.50
C PRO F 14 -19.28 26.99 -21.15
N ARG F 15 -18.80 27.56 -20.05
CA ARG F 15 -17.37 27.46 -19.73
C ARG F 15 -16.98 26.04 -19.34
N SER F 16 -17.74 25.43 -18.42
CA SER F 16 -17.45 24.06 -18.00
C SER F 16 -17.68 23.07 -19.13
N THR F 17 -18.73 23.28 -19.93
CA THR F 17 -18.98 22.42 -21.08
C THR F 17 -17.84 22.52 -22.09
N LEU F 18 -17.35 23.73 -22.34
CA LEU F 18 -16.23 23.91 -23.25
C LEU F 18 -14.97 23.22 -22.74
N VAL F 19 -14.69 23.36 -21.45
CA VAL F 19 -13.49 22.71 -20.88
C VAL F 19 -13.61 21.19 -20.97
N ALA F 20 -14.78 20.65 -20.62
CA ALA F 20 -14.99 19.21 -20.70
C ALA F 20 -14.88 18.72 -22.15
N LEU F 21 -15.47 19.45 -23.09
CA LEU F 21 -15.39 19.06 -24.50
C LEU F 21 -13.98 19.11 -25.01
N ALA F 22 -13.21 20.14 -24.62
CA ALA F 22 -11.81 20.21 -25.03
C ALA F 22 -11.02 19.02 -24.50
N ALA F 23 -11.22 18.69 -23.21
CA ALA F 23 -10.52 17.54 -22.63
C ALA F 23 -10.90 16.26 -23.35
N PHE F 24 -12.19 16.06 -23.60
CA PHE F 24 -12.65 14.85 -24.27
C PHE F 24 -12.09 14.75 -25.69
N LEU F 25 -12.15 15.84 -26.44
CA LEU F 25 -11.66 15.84 -27.81
C LEU F 25 -10.16 15.60 -27.87
N VAL F 26 -9.40 16.20 -26.96
CA VAL F 26 -7.96 15.96 -26.92
C VAL F 26 -7.67 14.50 -26.57
N VAL F 27 -8.37 13.95 -25.58
CA VAL F 27 -8.11 12.56 -25.20
C VAL F 27 -8.49 11.61 -26.34
N LEU F 28 -9.60 11.87 -27.01
CA LEU F 28 -10.00 11.04 -28.15
C LEU F 28 -8.98 11.14 -29.27
N ALA F 29 -8.51 12.35 -29.58
CA ALA F 29 -7.52 12.51 -30.64
C ALA F 29 -6.23 11.77 -30.31
N LEU F 30 -5.77 11.87 -29.06
CA LEU F 30 -4.57 11.15 -28.64
C LEU F 30 -4.77 9.65 -28.75
N LEU F 31 -5.94 9.16 -28.31
CA LEU F 31 -6.23 7.74 -28.39
C LEU F 31 -6.22 7.24 -29.83
N ILE F 32 -6.82 7.98 -30.74
CA ILE F 32 -6.88 7.56 -32.13
C ILE F 32 -5.50 7.59 -32.77
N HIS F 33 -4.72 8.64 -32.49
CA HIS F 33 -3.36 8.72 -33.00
C HIS F 33 -2.51 7.58 -32.48
N PHE F 34 -2.68 7.24 -31.20
CA PHE F 34 -1.94 6.13 -30.61
C PHE F 34 -2.36 4.79 -31.21
N LEU F 35 -3.64 4.64 -31.54
CA LEU F 35 -4.09 3.43 -32.22
C LEU F 35 -3.48 3.33 -33.62
N CYS F 36 -3.37 4.46 -34.32
CA CYS F 36 -2.69 4.45 -35.61
C CYS F 36 -1.22 4.09 -35.46
N LEU F 37 -0.57 4.66 -34.44
CA LEU F 37 0.84 4.34 -34.19
C LEU F 37 1.03 2.89 -33.75
N GLY F 38 0.00 2.26 -33.20
CA GLY F 38 0.07 0.89 -32.75
C GLY F 38 -0.14 -0.16 -33.82
N HIS F 39 -0.28 0.26 -35.07
CA HIS F 39 -0.47 -0.66 -36.19
C HIS F 39 0.54 -0.32 -37.28
N ASP F 40 1.04 -1.35 -37.96
CA ASP F 40 2.12 -1.20 -38.92
C ASP F 40 1.77 -0.27 -40.06
N ARG F 41 0.57 -0.46 -40.64
CA ARG F 41 0.17 0.31 -41.81
C ARG F 41 0.06 1.79 -41.51
N PHE F 42 -0.42 2.16 -40.34
CA PHE F 42 -0.76 3.55 -40.06
C PHE F 42 0.19 4.24 -39.11
N ASN F 43 1.26 3.57 -38.68
CA ASN F 43 2.34 4.25 -37.96
C ASN F 43 3.18 5.01 -38.97
N TRP F 44 2.82 6.27 -39.22
CA TRP F 44 3.50 7.07 -40.22
C TRP F 44 4.95 7.37 -39.84
N LEU F 45 5.26 7.37 -38.54
CA LEU F 45 6.63 7.60 -38.11
C LEU F 45 7.51 6.38 -38.39
N GLU F 46 7.02 5.18 -38.05
CA GLU F 46 7.76 3.96 -38.34
C GLU F 46 7.93 3.76 -39.84
N GLY F 47 6.93 4.15 -40.63
CA GLY F 47 7.04 4.09 -42.07
C GLY F 47 7.20 2.71 -42.64
N ASN F 48 6.38 1.76 -42.20
CA ASN F 48 6.31 0.48 -42.86
C ASN F 48 5.68 0.63 -44.25
N PRO F 49 5.97 -0.29 -45.17
CA PRO F 49 5.24 -0.29 -46.44
C PRO F 49 3.75 -0.51 -46.19
N ALA F 50 2.92 0.11 -47.03
CA ALA F 50 1.48 0.11 -46.81
C ALA F 50 0.92 -1.30 -46.81
N ALA F 51 1.44 -2.17 -47.68
CA ALA F 51 0.99 -3.56 -47.77
C ALA F 51 1.71 -4.38 -46.70
N THR F 52 1.09 -4.49 -45.53
CA THR F 52 1.66 -5.23 -44.41
C THR F 52 1.31 -6.72 -44.44
N LYS F 53 0.52 -7.17 -45.41
CA LYS F 53 0.15 -8.57 -45.51
C LYS F 53 0.65 -9.17 -46.81
N SER G 9 -17.52 40.28 -17.03
CA SER G 9 -18.71 39.49 -16.71
C SER G 9 -18.44 38.54 -15.55
N SER G 10 -18.24 37.27 -15.86
CA SER G 10 -17.93 36.27 -14.85
C SER G 10 -16.44 36.24 -14.49
N THR G 11 -15.61 37.01 -15.18
CA THR G 11 -14.19 37.10 -14.88
C THR G 11 -13.79 38.42 -14.24
N GLY G 12 -14.65 39.42 -14.28
CA GLY G 12 -14.36 40.73 -13.72
C GLY G 12 -13.77 41.71 -14.70
N LEU G 13 -13.35 41.26 -15.88
CA LEU G 13 -12.81 42.17 -16.88
C LEU G 13 -13.93 42.94 -17.57
N THR G 14 -13.54 44.00 -18.24
CA THR G 14 -14.44 44.80 -19.08
C THR G 14 -14.17 44.45 -20.55
N GLU G 15 -15.20 44.67 -21.38
CA GLU G 15 -15.04 44.41 -22.81
C GLU G 15 -13.86 45.17 -23.38
N ALA G 16 -13.60 46.38 -22.88
CA ALA G 16 -12.41 47.12 -23.29
C ALA G 16 -11.14 46.41 -22.88
N GLU G 17 -11.09 45.90 -21.64
CA GLU G 17 -9.94 45.15 -21.19
C GLU G 17 -9.84 43.80 -21.90
N ALA G 18 -11.00 43.14 -22.10
CA ALA G 18 -11.02 41.89 -22.84
C ALA G 18 -10.51 42.08 -24.26
N LYS G 19 -10.87 43.21 -24.89
CA LYS G 19 -10.43 43.45 -26.26
C LYS G 19 -8.91 43.61 -26.35
N GLU G 20 -8.29 44.36 -25.44
CA GLU G 20 -6.84 44.53 -25.53
C GLU G 20 -6.09 43.26 -25.13
N PHE G 21 -6.60 42.55 -24.13
CA PHE G 21 -5.99 41.26 -23.80
C PHE G 21 -6.09 40.31 -24.98
N HIS G 22 -7.23 40.29 -25.67
CA HIS G 22 -7.38 39.42 -26.82
C HIS G 22 -6.50 39.86 -27.98
N ALA G 23 -6.27 41.16 -28.12
CA ALA G 23 -5.33 41.61 -29.14
C ALA G 23 -3.93 41.07 -28.87
N VAL G 24 -3.46 41.20 -27.63
CA VAL G 24 -2.13 40.66 -27.30
C VAL G 24 -2.10 39.14 -27.44
N TYR G 25 -3.17 38.47 -26.97
CA TYR G 25 -3.25 37.02 -27.04
C TYR G 25 -3.25 36.53 -28.49
N SER G 26 -4.01 37.21 -29.35
CA SER G 26 -4.08 36.84 -30.75
C SER G 26 -2.74 37.06 -31.44
N GLN G 27 -2.06 38.17 -31.16
CA GLN G 27 -0.73 38.36 -31.72
C GLN G 27 0.23 37.27 -31.27
N SER G 28 0.22 36.94 -29.98
CA SER G 28 1.08 35.88 -29.46
C SER G 28 0.78 34.52 -30.05
N ALA G 29 -0.50 34.16 -30.17
CA ALA G 29 -0.89 32.89 -30.76
C ALA G 29 -0.52 32.82 -32.23
N ALA G 30 -0.72 33.91 -32.98
CA ALA G 30 -0.31 33.93 -34.38
C ALA G 30 1.19 33.78 -34.52
N GLY G 31 1.97 34.44 -33.66
CA GLY G 31 3.41 34.26 -33.69
C GLY G 31 3.83 32.84 -33.37
N PHE G 32 3.19 32.23 -32.37
CA PHE G 32 3.51 30.85 -32.01
C PHE G 32 3.19 29.90 -33.17
N LEU G 33 2.04 30.10 -33.81
CA LEU G 33 1.67 29.24 -34.93
C LEU G 33 2.58 29.46 -36.13
N ALA G 34 3.00 30.70 -36.37
CA ALA G 34 3.93 30.97 -37.46
C ALA G 34 5.27 30.28 -37.22
N VAL G 35 5.78 30.36 -35.99
CA VAL G 35 7.04 29.68 -35.67
C VAL G 35 6.88 28.17 -35.81
N CYS G 36 5.73 27.63 -35.38
CA CYS G 36 5.50 26.20 -35.54
C CYS G 36 5.41 25.79 -37.00
N ALA G 37 4.78 26.61 -37.85
CA ALA G 37 4.71 26.30 -39.27
C ALA G 37 6.09 26.32 -39.91
N VAL G 38 6.91 27.31 -39.57
CA VAL G 38 8.29 27.34 -40.07
C VAL G 38 9.06 26.13 -39.59
N ALA G 39 8.87 25.76 -38.32
CA ALA G 39 9.55 24.60 -37.75
C ALA G 39 9.16 23.32 -38.48
N HIS G 40 7.88 23.18 -38.81
CA HIS G 40 7.43 22.00 -39.52
C HIS G 40 7.96 21.95 -40.94
N VAL G 41 8.03 23.11 -41.60
CA VAL G 41 8.63 23.16 -42.94
C VAL G 41 10.10 22.74 -42.87
N LEU G 42 10.82 23.23 -41.85
CA LEU G 42 12.21 22.84 -41.67
C LEU G 42 12.34 21.35 -41.38
N ALA G 43 11.48 20.81 -40.52
CA ALA G 43 11.53 19.39 -40.20
C ALA G 43 11.27 18.54 -41.43
N TRP G 44 10.31 18.96 -42.26
CA TRP G 44 10.04 18.24 -43.50
C TRP G 44 11.24 18.30 -44.43
N MET G 45 11.88 19.46 -44.56
CA MET G 45 13.07 19.52 -45.40
C MET G 45 14.21 18.67 -44.84
N TRP G 46 14.23 18.47 -43.52
CA TRP G 46 15.21 17.55 -42.94
C TRP G 46 14.85 16.10 -43.27
N ARG G 47 13.69 15.65 -42.80
CA ARG G 47 13.23 14.29 -43.06
C ARG G 47 11.70 14.33 -43.19
N PRO G 48 11.18 14.17 -44.40
CA PRO G 48 9.72 14.16 -44.57
C PRO G 48 9.08 13.05 -43.76
N PHE G 49 7.91 13.31 -43.22
CA PHE G 49 7.31 12.44 -42.22
C PHE G 49 6.02 11.78 -42.68
N TRP G 50 5.74 11.77 -43.98
CA TRP G 50 4.60 11.04 -44.54
C TRP G 50 5.12 9.99 -45.51
N PRO G 51 5.16 8.72 -45.11
CA PRO G 51 5.79 7.71 -45.97
C PRO G 51 4.93 7.32 -47.15
N GLY G 52 5.60 7.01 -48.26
CA GLY G 52 4.94 6.47 -49.42
C GLY G 52 4.60 5.01 -49.22
N ALA G 53 4.08 4.40 -50.29
CA ALA G 53 3.58 3.02 -50.22
C ALA G 53 4.66 2.03 -49.84
N GLU G 54 5.93 2.32 -50.17
CA GLU G 54 7.03 1.42 -49.83
C GLU G 54 7.69 1.74 -48.51
N GLY G 55 7.19 2.74 -47.77
CA GLY G 55 7.78 3.08 -46.49
C GLY G 55 8.99 3.98 -46.62
N TRP G 56 9.88 3.88 -45.62
CA TRP G 56 11.10 4.68 -45.60
C TRP G 56 12.22 3.89 -46.27
N VAL G 57 12.24 3.97 -47.60
CA VAL G 57 13.21 3.21 -48.38
C VAL G 57 14.08 4.14 -49.21
N MET H 1 -12.34 30.20 -30.72
CA MET H 1 -11.73 31.51 -30.52
C MET H 1 -11.04 32.00 -31.79
N THR H 2 -11.42 33.18 -32.26
CA THR H 2 -10.81 33.80 -33.42
C THR H 2 -10.30 35.18 -33.03
N PHE H 3 -9.82 35.93 -34.02
CA PHE H 3 -9.36 37.30 -33.77
C PHE H 3 -10.48 38.22 -33.31
N SER H 4 -11.74 37.90 -33.59
CA SER H 4 -12.86 38.75 -33.26
C SER H 4 -13.57 38.37 -31.97
N THR H 5 -13.24 37.22 -31.38
CA THR H 5 -13.92 36.75 -30.18
C THR H 5 -13.21 37.20 -28.91
N HIS H 6 -13.05 38.52 -28.75
CA HIS H 6 -12.41 39.05 -27.56
C HIS H 6 -13.26 38.86 -26.32
N LYS H 7 -14.57 38.66 -26.49
CA LYS H 7 -15.48 38.50 -25.37
C LYS H 7 -15.34 37.16 -24.66
N VAL H 8 -14.53 36.25 -25.20
CA VAL H 8 -14.26 34.98 -24.53
C VAL H 8 -13.52 35.15 -23.21
N TRP H 9 -12.90 36.31 -22.99
CA TRP H 9 -12.19 36.57 -21.75
C TRP H 9 -13.09 37.13 -20.66
N LEU H 10 -14.35 37.43 -20.98
CA LEU H 10 -15.37 37.67 -19.97
C LEU H 10 -15.91 36.37 -19.39
N MET H 11 -15.61 35.24 -20.01
CA MET H 11 -16.02 33.92 -19.53
C MET H 11 -14.87 33.10 -18.97
N PHE H 12 -13.69 33.18 -19.60
CA PHE H 12 -12.50 32.47 -19.13
C PHE H 12 -11.56 33.48 -18.49
N ASP H 13 -11.07 33.15 -17.29
CA ASP H 13 -10.11 34.00 -16.61
C ASP H 13 -8.79 33.98 -17.37
N PRO H 14 -8.29 35.14 -17.82
CA PRO H 14 -7.06 35.14 -18.65
C PRO H 14 -5.86 34.50 -17.99
N ARG H 15 -5.64 34.71 -16.68
CA ARG H 15 -4.45 34.18 -16.04
C ARG H 15 -4.50 32.67 -15.94
N SER H 16 -5.61 32.12 -15.44
CA SER H 16 -5.72 30.67 -15.32
C SER H 16 -5.78 30.00 -16.68
N THR H 17 -6.46 30.61 -17.65
CA THR H 17 -6.47 30.07 -19.00
C THR H 17 -5.07 30.05 -19.59
N LEU H 18 -4.30 31.12 -19.40
CA LEU H 18 -2.93 31.15 -19.89
C LEU H 18 -2.07 30.08 -19.24
N VAL H 19 -2.21 29.89 -17.93
CA VAL H 19 -1.42 28.87 -17.24
C VAL H 19 -1.79 27.47 -17.73
N ALA H 20 -3.09 27.17 -17.86
CA ALA H 20 -3.51 25.87 -18.34
C ALA H 20 -3.08 25.63 -19.78
N LEU H 21 -3.17 26.67 -20.62
CA LEU H 21 -2.76 26.55 -22.01
C LEU H 21 -1.25 26.33 -22.12
N ALA H 22 -0.47 27.05 -21.32
CA ALA H 22 0.98 26.84 -21.32
C ALA H 22 1.32 25.42 -20.89
N ALA H 23 0.66 24.92 -19.84
CA ALA H 23 0.90 23.56 -19.39
C ALA H 23 0.56 22.55 -20.49
N PHE H 24 -0.60 22.74 -21.13
CA PHE H 24 -1.02 21.81 -22.17
C PHE H 24 -0.06 21.85 -23.36
N LEU H 25 0.36 23.04 -23.77
CA LEU H 25 1.28 23.17 -24.90
C LEU H 25 2.64 22.57 -24.60
N VAL H 26 3.16 22.79 -23.39
CA VAL H 26 4.43 22.19 -23.02
C VAL H 26 4.32 20.66 -23.01
N VAL H 27 3.24 20.14 -22.44
CA VAL H 27 3.07 18.69 -22.36
C VAL H 27 2.95 18.09 -23.77
N LEU H 28 2.17 18.75 -24.63
CA LEU H 28 1.99 18.25 -26.00
C LEU H 28 3.30 18.29 -26.77
N ALA H 29 4.06 19.39 -26.64
CA ALA H 29 5.35 19.47 -27.31
C ALA H 29 6.31 18.39 -26.82
N LEU H 30 6.35 18.15 -25.51
CA LEU H 30 7.20 17.09 -24.97
C LEU H 30 6.75 15.73 -25.51
N LEU H 31 5.45 15.49 -25.55
CA LEU H 31 4.93 14.22 -26.06
C LEU H 31 5.32 13.99 -27.52
N ILE H 32 5.20 15.02 -28.35
CA ILE H 32 5.52 14.87 -29.76
C ILE H 32 7.02 14.68 -29.96
N HIS H 33 7.84 15.43 -29.21
CA HIS H 33 9.29 15.25 -29.29
C HIS H 33 9.69 13.84 -28.84
N PHE H 34 9.05 13.33 -27.79
CA PHE H 34 9.35 11.99 -27.31
C PHE H 34 8.90 10.93 -28.31
N LEU H 35 7.78 11.14 -28.99
CA LEU H 35 7.35 10.23 -30.04
C LEU H 35 8.34 10.23 -31.20
N CYS H 36 8.86 11.39 -31.57
CA CYS H 36 9.90 11.46 -32.60
C CYS H 36 11.15 10.72 -32.14
N LEU H 37 11.55 10.91 -30.88
CA LEU H 37 12.71 10.21 -30.34
C LEU H 37 12.49 8.71 -30.29
N GLY H 38 11.23 8.27 -30.16
CA GLY H 38 10.88 6.87 -30.09
C GLY H 38 10.85 6.12 -31.40
N HIS H 39 11.12 6.79 -32.51
CA HIS H 39 11.14 6.16 -33.83
C HIS H 39 12.48 6.42 -34.50
N ASP H 40 12.96 5.42 -35.25
CA ASP H 40 14.32 5.45 -35.77
C ASP H 40 14.56 6.63 -36.70
N ARG H 41 13.61 6.88 -37.61
CA ARG H 41 13.80 7.92 -38.61
C ARG H 41 13.89 9.31 -37.99
N PHE H 42 13.12 9.56 -36.95
CA PHE H 42 12.97 10.93 -36.46
C PHE H 42 13.67 11.19 -35.14
N ASN H 43 14.45 10.23 -34.63
CA ASN H 43 15.33 10.47 -33.49
C ASN H 43 16.58 11.13 -34.03
N TRP H 44 16.60 12.47 -33.98
CA TRP H 44 17.71 13.23 -34.53
C TRP H 44 18.98 13.08 -33.70
N LEU H 45 18.85 12.81 -32.40
CA LEU H 45 20.02 12.59 -31.57
C LEU H 45 20.70 11.28 -31.93
N GLU H 46 19.91 10.20 -32.03
CA GLU H 46 20.46 8.90 -32.40
C GLU H 46 21.03 8.92 -33.80
N GLY H 47 20.41 9.69 -34.70
CA GLY H 47 20.96 9.87 -36.03
C GLY H 47 21.04 8.61 -36.86
N ASN H 48 19.98 7.82 -36.90
CA ASN H 48 19.89 6.74 -37.86
C ASN H 48 19.81 7.31 -39.27
N PRO H 49 20.30 6.61 -40.29
CA PRO H 49 20.04 7.02 -41.66
C PRO H 49 18.54 7.08 -41.93
N ALA H 50 18.13 8.05 -42.75
CA ALA H 50 16.71 8.34 -42.91
C ALA H 50 15.94 7.15 -43.45
N ALA H 51 16.51 6.44 -44.42
CA ALA H 51 15.89 5.26 -45.01
C ALA H 51 16.04 4.10 -44.03
N THR H 52 15.05 3.93 -43.17
CA THR H 52 15.07 2.89 -42.14
C THR H 52 14.51 1.56 -42.63
N LYS H 53 14.06 1.48 -43.87
CA LYS H 53 13.55 0.23 -44.43
C LYS H 53 14.30 -0.13 -45.71
N SER I 9 -2.94 45.92 -10.42
CA SER I 9 -4.32 45.50 -10.65
C SER I 9 -4.69 44.35 -9.72
N SER I 10 -4.68 43.14 -10.26
CA SER I 10 -4.96 41.95 -9.49
C SER I 10 -3.74 41.41 -8.75
N THR I 11 -2.56 42.00 -8.98
CA THR I 11 -1.35 41.63 -8.28
C THR I 11 -0.95 42.62 -7.20
N GLY I 12 -1.59 43.79 -7.16
CA GLY I 12 -1.23 44.85 -6.24
C GLY I 12 -0.18 45.81 -6.77
N LEU I 13 0.51 45.44 -7.84
CA LEU I 13 1.53 46.29 -8.41
C LEU I 13 0.89 47.48 -9.14
N THR I 14 1.67 48.55 -9.24
CA THR I 14 1.29 49.69 -10.06
C THR I 14 1.91 49.53 -11.45
N GLU I 15 1.34 50.23 -12.42
CA GLU I 15 1.89 50.18 -13.78
C GLU I 15 3.32 50.71 -13.81
N ALA I 16 3.64 51.70 -12.97
CA ALA I 16 5.01 52.17 -12.87
C ALA I 16 5.92 51.07 -12.32
N GLU I 17 5.49 50.37 -11.28
CA GLU I 17 6.27 49.25 -10.76
C GLU I 17 6.33 48.11 -11.78
N ALA I 18 5.21 47.84 -12.45
CA ALA I 18 5.19 46.79 -13.46
C ALA I 18 6.14 47.12 -14.60
N LYS I 19 6.22 48.40 -14.99
CA LYS I 19 7.11 48.79 -16.07
C LYS I 19 8.57 48.54 -15.73
N GLU I 20 9.01 48.90 -14.52
CA GLU I 20 10.41 48.71 -14.18
C GLU I 20 10.72 47.23 -13.95
N PHE I 21 9.79 46.49 -13.34
CA PHE I 21 9.99 45.05 -13.21
C PHE I 21 10.10 44.40 -14.58
N HIS I 22 9.27 44.84 -15.53
CA HIS I 22 9.33 44.26 -16.87
C HIS I 22 10.60 44.65 -17.58
N ALA I 23 11.12 45.86 -17.33
CA ALA I 23 12.41 46.24 -17.89
C ALA I 23 13.51 45.30 -17.41
N VAL I 24 13.57 45.07 -16.10
CA VAL I 24 14.59 44.16 -15.55
C VAL I 24 14.38 42.74 -16.06
N TYR I 25 13.13 42.29 -16.08
CA TYR I 25 12.81 40.93 -16.50
C TYR I 25 13.15 40.72 -17.97
N SER I 26 12.86 41.72 -18.81
CA SER I 26 13.17 41.65 -20.23
C SER I 26 14.67 41.62 -20.46
N GLN I 27 15.42 42.45 -19.73
CA GLN I 27 16.88 42.40 -19.86
C GLN I 27 17.42 41.04 -19.44
N SER I 28 16.91 40.50 -18.34
CA SER I 28 17.37 39.19 -17.86
C SER I 28 17.03 38.08 -18.84
N ALA I 29 15.81 38.10 -19.38
CA ALA I 29 15.39 37.10 -20.36
C ALA I 29 16.22 37.19 -21.63
N ALA I 30 16.48 38.42 -22.11
CA ALA I 30 17.31 38.58 -23.30
C ALA I 30 18.73 38.08 -23.07
N GLY I 31 19.30 38.35 -21.89
CA GLY I 31 20.61 37.84 -21.57
C GLY I 31 20.64 36.31 -21.50
N PHE I 32 19.61 35.72 -20.88
CA PHE I 32 19.53 34.26 -20.82
C PHE I 32 19.43 33.65 -22.21
N LEU I 33 18.60 34.24 -23.07
CA LEU I 33 18.46 33.71 -24.43
C LEU I 33 19.75 33.91 -25.23
N ALA I 34 20.44 35.03 -25.03
CA ALA I 34 21.71 35.25 -25.74
C ALA I 34 22.76 34.23 -25.31
N VAL I 35 22.84 33.95 -24.00
CA VAL I 35 23.77 32.93 -23.53
C VAL I 35 23.40 31.56 -24.09
N CYS I 36 22.09 31.26 -24.13
CA CYS I 36 21.65 29.98 -24.69
C CYS I 36 21.98 29.88 -26.16
N ALA I 37 21.85 30.97 -26.91
CA ALA I 37 22.16 30.96 -28.33
C ALA I 37 23.64 30.75 -28.58
N VAL I 38 24.49 31.43 -27.80
CA VAL I 38 25.93 31.21 -27.88
C VAL I 38 26.27 29.76 -27.53
N ALA I 39 25.60 29.22 -26.50
CA ALA I 39 25.84 27.84 -26.10
C ALA I 39 25.45 26.87 -27.20
N HIS I 40 24.34 27.14 -27.88
CA HIS I 40 23.90 26.26 -28.96
C HIS I 40 24.83 26.33 -30.16
N VAL I 41 25.35 27.52 -30.47
CA VAL I 41 26.34 27.65 -31.52
C VAL I 41 27.59 26.85 -31.16
N LEU I 42 28.02 26.95 -29.90
CA LEU I 42 29.20 26.20 -29.45
C LEU I 42 28.96 24.70 -29.52
N ALA I 43 27.77 24.24 -29.10
CA ALA I 43 27.45 22.82 -29.14
C ALA I 43 27.42 22.32 -30.58
N TRP I 44 26.88 23.12 -31.49
CA TRP I 44 26.89 22.76 -32.90
C TRP I 44 28.31 22.67 -33.45
N MET I 45 29.17 23.64 -33.10
CA MET I 45 30.55 23.54 -33.53
C MET I 45 31.27 22.35 -32.90
N TRP I 46 30.80 21.88 -31.74
CA TRP I 46 31.33 20.64 -31.19
C TRP I 46 30.84 19.46 -32.00
N ARG I 47 29.52 19.24 -32.00
CA ARG I 47 28.91 18.13 -32.74
C ARG I 47 27.56 18.60 -33.26
N PRO I 48 27.42 18.82 -34.56
CA PRO I 48 26.13 19.19 -35.12
C PRO I 48 25.09 18.13 -34.80
N PHE I 49 23.85 18.58 -34.57
CA PHE I 49 22.83 17.70 -34.03
C PHE I 49 21.63 17.50 -34.96
N TRP I 50 21.77 17.84 -36.24
CA TRP I 50 20.77 17.51 -37.25
C TRP I 50 21.41 16.58 -38.27
N PRO I 51 21.10 15.28 -38.24
CA PRO I 51 21.80 14.34 -39.14
C PRO I 51 21.32 14.46 -40.57
N GLY I 52 22.22 14.12 -41.49
CA GLY I 52 21.88 13.99 -42.89
C GLY I 52 21.20 12.65 -43.16
N ALA I 53 20.97 12.40 -44.45
CA ALA I 53 20.25 11.20 -44.87
C ALA I 53 20.96 9.93 -44.44
N GLU I 54 22.29 9.95 -44.32
CA GLU I 54 23.03 8.76 -43.94
C GLU I 54 23.25 8.65 -42.43
N GLY I 55 22.76 9.61 -41.64
CA GLY I 55 22.94 9.53 -40.21
C GLY I 55 24.28 10.09 -39.75
N TRP I 56 24.75 9.58 -38.62
CA TRP I 56 26.02 10.01 -38.04
C TRP I 56 27.13 9.07 -38.52
N VAL I 57 27.59 9.30 -39.74
CA VAL I 57 28.60 8.46 -40.35
C VAL I 57 29.89 9.25 -40.59
N MET J 1 4.27 37.40 -23.92
CA MET J 1 5.07 38.52 -23.45
C MET J 1 6.04 39.04 -24.50
N THR J 2 6.24 40.35 -24.52
CA THR J 2 7.26 41.00 -25.34
C THR J 2 7.92 42.08 -24.48
N PHE J 3 8.79 42.87 -25.11
CA PHE J 3 9.41 44.00 -24.42
C PHE J 3 8.41 45.09 -24.05
N SER J 4 7.25 45.13 -24.69
CA SER J 4 6.29 46.21 -24.49
C SER J 4 5.12 45.82 -23.59
N THR J 5 4.97 44.54 -23.26
CA THR J 5 3.84 44.07 -22.46
C THR J 5 4.17 44.08 -20.97
N HIS J 6 4.47 45.26 -20.42
CA HIS J 6 4.82 45.35 -19.01
C HIS J 6 3.62 45.12 -18.10
N LYS J 7 2.41 45.42 -18.58
CA LYS J 7 1.22 45.24 -17.75
C LYS J 7 0.83 43.79 -17.57
N VAL J 8 1.63 42.85 -18.06
CA VAL J 8 1.44 41.44 -17.75
C VAL J 8 1.66 41.14 -16.28
N TRP J 9 2.39 41.99 -15.56
CA TRP J 9 2.64 41.79 -14.15
C TRP J 9 1.54 42.36 -13.26
N LEU J 10 0.60 43.10 -13.84
CA LEU J 10 -0.64 43.42 -13.15
C LEU J 10 -1.59 42.24 -13.11
N MET J 11 -1.29 41.18 -13.87
CA MET J 11 -2.09 39.95 -13.88
C MET J 11 -1.37 38.77 -13.25
N PHE J 12 -0.07 38.63 -13.48
CA PHE J 12 0.75 37.57 -12.90
C PHE J 12 1.60 38.15 -11.78
N ASP J 13 1.61 37.48 -10.64
CA ASP J 13 2.42 37.92 -9.51
C ASP J 13 3.90 37.70 -9.85
N PRO J 14 4.72 38.75 -9.83
CA PRO J 14 6.12 38.59 -10.26
C PRO J 14 6.92 37.55 -9.47
N ARG J 15 6.74 37.46 -8.16
CA ARG J 15 7.55 36.55 -7.36
C ARG J 15 7.20 35.09 -7.66
N SER J 16 5.91 34.76 -7.64
CA SER J 16 5.49 33.39 -7.93
C SER J 16 5.77 33.03 -9.39
N THR J 17 5.58 33.98 -10.30
CA THR J 17 5.91 33.73 -11.70
C THR J 17 7.39 33.45 -11.88
N LEU J 18 8.25 34.23 -11.21
CA LEU J 18 9.69 33.98 -11.28
C LEU J 18 10.04 32.62 -10.72
N VAL J 19 9.44 32.22 -9.59
CA VAL J 19 9.73 30.91 -9.01
C VAL J 19 9.29 29.79 -9.95
N ALA J 20 8.07 29.90 -10.50
CA ALA J 20 7.58 28.86 -11.41
C ALA J 20 8.42 28.80 -12.68
N LEU J 21 8.80 29.95 -13.23
CA LEU J 21 9.62 29.97 -14.43
C LEU J 21 11.00 29.38 -14.16
N ALA J 22 11.60 29.70 -13.01
CA ALA J 22 12.89 29.12 -12.67
C ALA J 22 12.81 27.61 -12.53
N ALA J 23 11.75 27.12 -11.87
CA ALA J 23 11.58 25.68 -11.72
C ALA J 23 11.42 25.01 -13.08
N PHE J 24 10.59 25.59 -13.94
CA PHE J 24 10.37 25.03 -15.26
C PHE J 24 11.66 25.02 -16.08
N LEU J 25 12.40 26.13 -16.06
CA LEU J 25 13.62 26.22 -16.84
C LEU J 25 14.67 25.23 -16.35
N VAL J 26 14.80 25.07 -15.03
CA VAL J 26 15.75 24.10 -14.49
C VAL J 26 15.34 22.69 -14.88
N VAL J 27 14.05 22.37 -14.78
CA VAL J 27 13.60 21.03 -15.12
C VAL J 27 13.82 20.75 -16.61
N LEU J 28 13.53 21.73 -17.47
CA LEU J 28 13.74 21.58 -18.90
C LEU J 28 15.23 21.41 -19.23
N ALA J 29 16.09 22.20 -18.58
CA ALA J 29 17.53 22.08 -18.81
C ALA J 29 18.04 20.71 -18.37
N LEU J 30 17.59 20.22 -17.21
CA LEU J 30 17.98 18.89 -16.77
C LEU J 30 17.50 17.82 -17.75
N LEU J 31 16.26 17.94 -18.22
CA LEU J 31 15.72 16.97 -19.17
C LEU J 31 16.53 16.95 -20.46
N ILE J 32 16.87 18.12 -20.99
CA ILE J 32 17.59 18.17 -22.25
C ILE J 32 19.01 17.65 -22.09
N HIS J 33 19.68 18.00 -20.99
CA HIS J 33 21.01 17.48 -20.72
C HIS J 33 20.98 15.96 -20.59
N PHE J 34 19.97 15.43 -19.89
CA PHE J 34 19.84 13.99 -19.73
C PHE J 34 19.55 13.30 -21.06
N LEU J 35 18.79 13.96 -21.94
CA LEU J 35 18.55 13.41 -23.28
C LEU J 35 19.84 13.38 -24.09
N CYS J 36 20.67 14.41 -23.95
CA CYS J 36 21.99 14.39 -24.61
C CYS J 36 22.85 13.27 -24.06
N LEU J 37 22.83 13.07 -22.73
CA LEU J 37 23.60 12.00 -22.13
C LEU J 37 23.06 10.62 -22.48
N GLY J 38 21.78 10.52 -22.83
CA GLY J 38 21.16 9.28 -23.21
C GLY J 38 21.42 8.81 -24.62
N HIS J 39 22.18 9.57 -25.39
CA HIS J 39 22.53 9.21 -26.75
C HIS J 39 24.05 9.22 -26.91
N ASP J 40 24.56 8.30 -27.73
CA ASP J 40 26.00 8.09 -27.83
C ASP J 40 26.73 9.33 -28.35
N ARG J 41 26.19 9.95 -29.40
CA ARG J 41 26.88 11.07 -30.02
C ARG J 41 27.00 12.26 -29.07
N PHE J 42 25.99 12.50 -28.25
CA PHE J 42 25.94 13.75 -27.50
C PHE J 42 26.22 13.56 -26.01
N ASN J 43 26.57 12.36 -25.57
CA ASN J 43 27.08 12.17 -24.21
C ASN J 43 28.54 12.59 -24.17
N TRP J 44 28.79 13.85 -23.80
CA TRP J 44 30.14 14.38 -23.76
C TRP J 44 30.98 13.72 -22.68
N LEU J 45 30.34 13.23 -21.61
CA LEU J 45 31.09 12.54 -20.56
C LEU J 45 31.56 11.18 -21.05
N GLU J 46 30.68 10.42 -21.70
CA GLU J 46 31.06 9.13 -22.25
C GLU J 46 32.12 9.29 -23.32
N GLY J 47 32.01 10.34 -24.14
CA GLY J 47 33.01 10.62 -25.14
C GLY J 47 33.14 9.58 -26.22
N ASN J 48 32.02 9.12 -26.77
CA ASN J 48 32.05 8.27 -27.94
C ASN J 48 32.56 9.07 -29.14
N PRO J 49 33.15 8.41 -30.12
CA PRO J 49 33.42 9.09 -31.39
C PRO J 49 32.12 9.61 -32.01
N ALA J 50 32.20 10.77 -32.63
CA ALA J 50 30.98 11.47 -33.09
C ALA J 50 30.21 10.63 -34.10
N ALA J 51 30.92 10.01 -35.05
CA ALA J 51 30.28 9.18 -36.05
C ALA J 51 29.86 7.84 -35.44
N THR J 52 28.66 7.80 -34.86
CA THR J 52 28.17 6.59 -34.20
C THR J 52 27.59 5.57 -35.17
N LYS J 53 27.63 5.79 -36.47
CA LYS J 53 27.12 4.86 -37.50
C LYS J 53 28.19 4.69 -38.59
N SER K 9 9.18 46.16 1.27
CA SER K 9 7.89 46.09 0.60
C SER K 9 7.07 44.90 1.10
N SER K 10 7.06 43.83 0.32
CA SER K 10 6.37 42.60 0.68
C SER K 10 7.24 41.67 1.52
N THR K 11 8.48 42.07 1.80
CA THR K 11 9.37 41.30 2.66
C THR K 11 9.59 41.93 4.02
N GLY K 12 9.21 43.19 4.19
CA GLY K 12 9.45 43.92 5.43
C GLY K 12 10.74 44.70 5.45
N LEU K 13 11.64 44.45 4.50
CA LEU K 13 12.90 45.15 4.42
C LEU K 13 12.70 46.55 3.83
N THR K 14 13.64 47.43 4.12
CA THR K 14 13.70 48.73 3.47
C THR K 14 14.77 48.69 2.38
N GLU K 15 14.82 49.75 1.58
CA GLU K 15 15.80 49.83 0.51
C GLU K 15 17.22 49.83 1.06
N ALA K 16 17.42 50.51 2.20
CA ALA K 16 18.74 50.55 2.83
C ALA K 16 19.19 49.15 3.25
N GLU K 17 18.31 48.41 3.94
CA GLU K 17 18.64 47.05 4.33
C GLU K 17 18.80 46.15 3.11
N ALA K 18 17.94 46.32 2.11
CA ALA K 18 18.04 45.53 0.89
C ALA K 18 19.36 45.80 0.18
N LYS K 19 19.81 47.06 0.16
CA LYS K 19 21.05 47.39 -0.52
C LYS K 19 22.27 46.72 0.13
N GLU K 20 22.37 46.76 1.46
CA GLU K 20 23.50 46.14 2.13
C GLU K 20 23.43 44.61 2.09
N PHE K 21 22.22 44.04 2.21
CA PHE K 21 22.10 42.60 2.03
C PHE K 21 22.52 42.19 0.63
N HIS K 22 22.13 42.99 -0.37
CA HIS K 22 22.51 42.68 -1.75
C HIS K 22 24.00 42.84 -1.94
N ALA K 23 24.63 43.79 -1.24
CA ALA K 23 26.07 43.91 -1.32
C ALA K 23 26.76 42.64 -0.81
N VAL K 24 26.35 42.16 0.36
CA VAL K 24 26.93 40.94 0.91
C VAL K 24 26.63 39.75 -0.01
N TYR K 25 25.39 39.65 -0.47
CA TYR K 25 24.97 38.56 -1.34
C TYR K 25 25.75 38.55 -2.64
N SER K 26 25.93 39.73 -3.23
CA SER K 26 26.65 39.86 -4.49
C SER K 26 28.12 39.47 -4.32
N GLN K 27 28.74 39.93 -3.23
CA GLN K 27 30.12 39.53 -2.99
C GLN K 27 30.23 38.03 -2.81
N SER K 28 29.30 37.42 -2.05
CA SER K 28 29.36 35.99 -1.81
C SER K 28 29.11 35.20 -3.09
N ALA K 29 28.16 35.63 -3.91
CA ALA K 29 27.88 34.96 -5.17
C ALA K 29 29.06 35.07 -6.12
N ALA K 30 29.69 36.24 -6.19
CA ALA K 30 30.86 36.40 -7.03
C ALA K 30 32.01 35.52 -6.56
N GLY K 31 32.22 35.43 -5.25
CA GLY K 31 33.24 34.53 -4.73
C GLY K 31 32.95 33.08 -5.04
N PHE K 32 31.69 32.66 -4.91
CA PHE K 32 31.31 31.29 -5.25
C PHE K 32 31.57 31.00 -6.72
N LEU K 33 31.18 31.93 -7.60
CA LEU K 33 31.41 31.73 -9.03
C LEU K 33 32.89 31.73 -9.38
N ALA K 34 33.69 32.57 -8.71
CA ALA K 34 35.13 32.57 -8.94
C ALA K 34 35.77 31.25 -8.51
N VAL K 35 35.37 30.72 -7.35
CA VAL K 35 35.87 29.43 -6.91
C VAL K 35 35.45 28.33 -7.88
N CYS K 36 34.20 28.37 -8.34
CA CYS K 36 33.74 27.38 -9.32
C CYS K 36 34.52 27.47 -10.63
N ALA K 37 34.83 28.69 -11.08
CA ALA K 37 35.60 28.86 -12.31
C ALA K 37 37.01 28.32 -12.17
N VAL K 38 37.65 28.61 -11.03
CA VAL K 38 38.99 28.05 -10.77
C VAL K 38 38.92 26.53 -10.72
N ALA K 39 37.89 25.99 -10.07
CA ALA K 39 37.72 24.55 -9.99
C ALA K 39 37.52 23.92 -11.37
N HIS K 40 36.78 24.59 -12.24
CA HIS K 40 36.56 24.07 -13.58
C HIS K 40 37.84 24.11 -14.41
N VAL K 41 38.63 25.18 -14.26
CA VAL K 41 39.93 25.23 -14.93
C VAL K 41 40.81 24.08 -14.45
N LEU K 42 40.81 23.83 -13.13
CA LEU K 42 41.59 22.73 -12.58
C LEU K 42 41.10 21.38 -13.10
N ALA K 43 39.79 21.18 -13.16
CA ALA K 43 39.23 19.92 -13.65
C ALA K 43 39.56 19.71 -15.12
N TRP K 44 39.52 20.77 -15.91
CA TRP K 44 39.91 20.69 -17.31
C TRP K 44 41.39 20.30 -17.43
N MET K 45 42.24 20.95 -16.64
CA MET K 45 43.67 20.61 -16.69
C MET K 45 43.92 19.19 -16.19
N TRP K 46 43.02 18.65 -15.38
CA TRP K 46 43.09 17.24 -15.01
C TRP K 46 42.67 16.39 -16.21
N ARG K 47 41.42 16.53 -16.64
CA ARG K 47 40.89 15.79 -17.77
C ARG K 47 39.91 16.68 -18.52
N PRO K 48 40.25 17.13 -19.73
CA PRO K 48 39.31 17.92 -20.52
C PRO K 48 38.03 17.16 -20.78
N PHE K 49 36.89 17.86 -20.82
CA PHE K 49 35.60 17.20 -20.82
C PHE K 49 34.76 17.51 -22.05
N TRP K 50 35.36 18.04 -23.11
CA TRP K 50 34.70 18.17 -24.42
C TRP K 50 35.45 17.29 -25.42
N PRO K 51 34.93 16.12 -25.76
CA PRO K 51 35.65 15.21 -26.64
C PRO K 51 35.66 15.67 -28.08
N GLY K 52 36.72 15.27 -28.79
CA GLY K 52 36.82 15.49 -30.22
C GLY K 52 36.04 14.46 -31.00
N ALA K 53 36.22 14.49 -32.32
CA ALA K 53 35.47 13.62 -33.20
C ALA K 53 35.74 12.14 -32.92
N GLU K 54 36.95 11.80 -32.48
CA GLU K 54 37.30 10.42 -32.19
C GLU K 54 37.03 10.03 -30.75
N GLY K 55 36.53 10.94 -29.92
CA GLY K 55 36.17 10.58 -28.57
C GLY K 55 37.35 10.63 -27.62
N TRP K 56 37.28 9.80 -26.58
CA TRP K 56 38.32 9.74 -25.54
C TRP K 56 39.36 8.69 -25.93
N VAL K 57 40.22 9.07 -26.86
CA VAL K 57 41.25 8.17 -27.37
C VAL K 57 42.64 8.73 -27.08
N MET L 1 19.24 38.97 -12.68
CA MET L 1 19.51 39.63 -11.40
C MET L 1 21.00 39.92 -11.30
N THR L 2 21.35 41.19 -11.05
CA THR L 2 22.72 41.66 -11.15
C THR L 2 23.13 42.34 -9.85
N PHE L 3 24.32 42.97 -9.88
CA PHE L 3 24.85 43.74 -8.76
C PHE L 3 23.98 44.94 -8.41
N SER L 4 23.23 45.49 -9.37
CA SER L 4 22.47 46.71 -9.15
C SER L 4 21.03 46.47 -8.73
N THR L 5 20.57 45.22 -8.72
CA THR L 5 19.18 44.90 -8.40
C THR L 5 19.00 44.55 -6.92
N HIS L 6 19.30 45.49 -6.03
CA HIS L 6 19.13 45.23 -4.61
C HIS L 6 17.65 45.20 -4.22
N LYS L 7 16.78 45.80 -5.04
CA LYS L 7 15.36 45.83 -4.76
C LYS L 7 14.68 44.48 -4.91
N VAL L 8 15.37 43.47 -5.45
CA VAL L 8 14.84 42.12 -5.49
C VAL L 8 14.61 41.55 -4.10
N TRP L 9 15.23 42.12 -3.07
CA TRP L 9 15.02 41.67 -1.70
C TRP L 9 13.82 42.34 -1.05
N LEU L 10 13.23 43.34 -1.70
CA LEU L 10 11.93 43.84 -1.32
C LEU L 10 10.79 42.98 -1.86
N MET L 11 11.11 42.00 -2.70
CA MET L 11 10.15 41.05 -3.24
C MET L 11 10.39 39.63 -2.76
N PHE L 12 11.64 39.20 -2.69
CA PHE L 12 12.00 37.87 -2.21
C PHE L 12 12.55 37.99 -0.79
N ASP L 13 12.05 37.13 0.09
CA ASP L 13 12.52 37.12 1.47
C ASP L 13 13.95 36.58 1.51
N PRO L 14 14.91 37.35 2.01
CA PRO L 14 16.32 36.92 1.98
C PRO L 14 16.60 35.59 2.65
N ARG L 15 15.96 35.31 3.79
CA ARG L 15 16.27 34.08 4.53
C ARG L 15 15.78 32.84 3.79
N SER L 16 14.51 32.86 3.37
CA SER L 16 13.96 31.72 2.64
C SER L 16 14.62 31.56 1.28
N THR L 17 14.94 32.68 0.62
CA THR L 17 15.66 32.62 -0.65
C THR L 17 17.04 32.00 -0.47
N LEU L 18 17.74 32.39 0.59
CA LEU L 18 19.06 31.80 0.85
C LEU L 18 18.95 30.31 1.13
N VAL L 19 17.96 29.90 1.91
CA VAL L 19 17.79 28.48 2.21
C VAL L 19 17.49 27.68 0.95
N ALA L 20 16.57 28.18 0.12
CA ALA L 20 16.21 27.49 -1.11
C ALA L 20 17.38 27.44 -2.08
N LEU L 21 18.13 28.56 -2.20
CA LEU L 21 19.27 28.59 -3.09
C LEU L 21 20.36 27.63 -2.63
N ALA L 22 20.61 27.56 -1.32
CA ALA L 22 21.58 26.62 -0.81
C ALA L 22 21.16 25.18 -1.09
N ALA L 23 19.89 24.87 -0.87
CA ALA L 23 19.42 23.51 -1.14
C ALA L 23 19.56 23.16 -2.61
N PHE L 24 19.17 24.08 -3.50
CA PHE L 24 19.27 23.82 -4.94
C PHE L 24 20.73 23.68 -5.37
N LEU L 25 21.60 24.55 -4.87
CA LEU L 25 23.01 24.48 -5.25
C LEU L 25 23.67 23.21 -4.75
N VAL L 26 23.37 22.78 -3.53
CA VAL L 26 23.89 21.53 -3.02
C VAL L 26 23.37 20.33 -3.81
N VAL L 27 22.08 20.31 -4.15
CA VAL L 27 21.54 19.22 -4.95
C VAL L 27 22.17 19.20 -6.34
N LEU L 28 22.34 20.37 -6.97
CA LEU L 28 22.98 20.44 -8.28
C LEU L 28 24.42 19.97 -8.23
N ALA L 29 25.16 20.39 -7.21
CA ALA L 29 26.55 19.95 -7.06
C ALA L 29 26.63 18.44 -6.85
N LEU L 30 25.75 17.87 -6.02
CA LEU L 30 25.74 16.43 -5.83
C LEU L 30 25.40 15.70 -7.13
N LEU L 31 24.43 16.23 -7.88
CA LEU L 31 24.06 15.62 -9.16
C LEU L 31 25.21 15.63 -10.15
N ILE L 32 25.93 16.75 -10.24
CA ILE L 32 27.04 16.82 -11.19
C ILE L 32 28.19 15.92 -10.77
N HIS L 33 28.49 15.87 -9.46
CA HIS L 33 29.52 14.97 -8.97
C HIS L 33 29.16 13.51 -9.24
N PHE L 34 27.88 13.16 -9.03
CA PHE L 34 27.43 11.79 -9.29
C PHE L 34 27.47 11.46 -10.77
N LEU L 35 27.19 12.45 -11.63
CA LEU L 35 27.31 12.23 -13.06
C LEU L 35 28.76 12.00 -13.45
N CYS L 36 29.69 12.74 -12.85
CA CYS L 36 31.11 12.49 -13.10
C CYS L 36 31.50 11.10 -12.64
N LEU L 37 31.04 10.70 -11.45
CA LEU L 37 31.33 9.37 -10.93
C LEU L 37 30.70 8.27 -11.77
N GLY L 38 29.62 8.59 -12.48
CA GLY L 38 28.93 7.64 -13.32
C GLY L 38 29.54 7.39 -14.68
N HIS L 39 30.66 8.04 -14.99
CA HIS L 39 31.34 7.87 -16.26
C HIS L 39 32.80 7.52 -16.02
N ASP L 40 33.35 6.73 -16.94
CA ASP L 40 34.67 6.14 -16.72
C ASP L 40 35.76 7.21 -16.64
N ARG L 41 35.74 8.15 -17.59
CA ARG L 41 36.80 9.16 -17.66
C ARG L 41 36.83 10.06 -16.44
N PHE L 42 35.66 10.41 -15.91
CA PHE L 42 35.59 11.45 -14.90
C PHE L 42 35.30 10.93 -13.50
N ASN L 43 35.29 9.61 -13.29
CA ASN L 43 35.28 9.05 -11.95
C ASN L 43 36.70 9.05 -11.40
N TRP L 44 37.03 10.09 -10.62
CA TRP L 44 38.38 10.25 -10.09
C TRP L 44 38.72 9.20 -9.04
N LEU L 45 37.71 8.70 -8.32
CA LEU L 45 37.96 7.66 -7.32
C LEU L 45 38.30 6.33 -8.00
N GLU L 46 37.51 5.95 -9.00
CA GLU L 46 37.81 4.73 -9.74
C GLU L 46 39.14 4.83 -10.46
N GLY L 47 39.47 6.01 -10.98
CA GLY L 47 40.76 6.25 -11.57
C GLY L 47 41.05 5.41 -12.79
N ASN L 48 40.10 5.35 -13.72
CA ASN L 48 40.38 4.76 -15.02
C ASN L 48 41.38 5.63 -15.77
N PRO L 49 42.15 5.04 -16.68
CA PRO L 49 42.95 5.88 -17.59
C PRO L 49 42.04 6.78 -18.40
N ALA L 50 42.53 7.99 -18.68
CA ALA L 50 41.68 9.03 -19.27
C ALA L 50 41.13 8.63 -20.63
N ALA L 51 41.94 7.94 -21.44
CA ALA L 51 41.50 7.50 -22.76
C ALA L 51 40.68 6.23 -22.61
N THR L 52 39.38 6.40 -22.43
CA THR L 52 38.47 5.27 -22.24
C THR L 52 38.02 4.64 -23.56
N LYS L 53 38.42 5.19 -24.69
CA LYS L 53 38.03 4.63 -25.99
C LYS L 53 39.26 4.31 -26.83
N SER M 9 16.66 41.53 15.21
CA SER M 9 15.77 41.73 14.08
C SER M 9 14.69 40.65 14.06
N SER M 10 14.63 39.88 12.96
CA SER M 10 13.71 38.76 12.89
C SER M 10 14.01 37.72 13.95
N THR M 11 15.29 37.45 14.20
CA THR M 11 15.69 36.62 15.32
C THR M 11 15.66 37.46 16.61
N GLY M 12 15.55 36.78 17.74
CA GLY M 12 15.45 37.48 19.00
C GLY M 12 16.72 38.16 19.47
N LEU M 13 17.86 37.85 18.85
CA LEU M 13 19.13 38.39 19.31
C LEU M 13 19.26 39.87 18.97
N THR M 14 20.16 40.53 19.67
CA THR M 14 20.61 41.88 19.33
C THR M 14 21.95 41.80 18.61
N GLU M 15 22.42 42.96 18.15
CA GLU M 15 23.70 42.99 17.45
C GLU M 15 24.85 42.59 18.35
N ALA M 16 24.82 42.99 19.62
CA ALA M 16 25.88 42.61 20.55
C ALA M 16 25.91 41.10 20.76
N GLU M 17 24.75 40.49 20.96
CA GLU M 17 24.69 39.03 21.11
C GLU M 17 25.08 38.34 19.81
N ALA M 18 24.63 38.88 18.68
CA ALA M 18 24.97 38.29 17.39
C ALA M 18 26.46 38.35 17.14
N LYS M 19 27.11 39.44 17.53
CA LYS M 19 28.55 39.58 17.30
C LYS M 19 29.35 38.54 18.09
N GLU M 20 29.01 38.32 19.36
CA GLU M 20 29.76 37.34 20.15
C GLU M 20 29.43 35.90 19.73
N PHE M 21 28.16 35.64 19.40
CA PHE M 21 27.84 34.33 18.85
C PHE M 21 28.60 34.07 17.56
N HIS M 22 28.71 35.09 16.71
CA HIS M 22 29.44 34.94 15.46
C HIS M 22 30.93 34.76 15.70
N ALA M 23 31.47 35.41 16.74
CA ALA M 23 32.87 35.17 17.10
C ALA M 23 33.09 33.70 17.44
N VAL M 24 32.23 33.14 18.29
CA VAL M 24 32.37 31.72 18.65
C VAL M 24 32.14 30.83 17.43
N TYR M 25 31.13 31.14 16.63
CA TYR M 25 30.82 30.34 15.45
C TYR M 25 31.96 30.38 14.43
N SER M 26 32.55 31.55 14.22
CA SER M 26 33.67 31.70 13.31
C SER M 26 34.89 30.94 13.80
N GLN M 27 35.18 31.01 15.09
CA GLN M 27 36.28 30.22 15.63
C GLN M 27 36.04 28.72 15.45
N SER M 28 34.82 28.25 15.73
CA SER M 28 34.51 26.84 15.59
C SER M 28 34.58 26.38 14.14
N ALA M 29 34.06 27.19 13.22
CA ALA M 29 34.12 26.86 11.80
C ALA M 29 35.55 26.84 11.29
N ALA M 30 36.37 27.81 11.73
CA ALA M 30 37.77 27.84 11.31
C ALA M 30 38.51 26.63 11.84
N GLY M 31 38.26 26.23 13.09
CA GLY M 31 38.88 25.03 13.62
C GLY M 31 38.46 23.78 12.87
N PHE M 32 37.16 23.67 12.55
CA PHE M 32 36.68 22.54 11.78
C PHE M 32 37.33 22.48 10.41
N LEU M 33 37.44 23.63 9.73
CA LEU M 33 38.06 23.66 8.42
C LEU M 33 39.55 23.34 8.49
N ALA M 34 40.24 23.80 9.54
CA ALA M 34 41.64 23.48 9.71
C ALA M 34 41.84 21.98 9.90
N VAL M 35 40.99 21.35 10.73
CA VAL M 35 41.07 19.92 10.93
C VAL M 35 40.79 19.18 9.62
N CYS M 36 39.79 19.63 8.87
CA CYS M 36 39.48 19.00 7.59
C CYS M 36 40.63 19.13 6.60
N ALA M 37 41.29 20.29 6.59
CA ALA M 37 42.43 20.51 5.70
C ALA M 37 43.58 19.57 6.06
N VAL M 38 43.87 19.45 7.35
CA VAL M 38 44.91 18.53 7.80
C VAL M 38 44.53 17.09 7.43
N ALA M 39 43.25 16.74 7.60
CA ALA M 39 42.80 15.39 7.27
C ALA M 39 42.93 15.10 5.79
N HIS M 40 42.63 16.08 4.94
CA HIS M 40 42.77 15.89 3.50
C HIS M 40 44.22 15.78 3.09
N VAL M 41 45.11 16.56 3.73
CA VAL M 41 46.55 16.41 3.48
C VAL M 41 47.01 15.00 3.86
N LEU M 42 46.55 14.53 5.02
CA LEU M 42 46.91 13.18 5.46
C LEU M 42 46.39 12.11 4.50
N ALA M 43 45.15 12.28 4.05
CA ALA M 43 44.56 11.31 3.13
C ALA M 43 45.29 11.30 1.80
N TRP M 44 45.70 12.47 1.31
CA TRP M 44 46.50 12.53 0.11
C TRP M 44 47.85 11.85 0.30
N MET M 45 48.50 12.08 1.44
CA MET M 45 49.76 11.41 1.73
C MET M 45 49.59 9.90 1.87
N TRP M 46 48.39 9.45 2.25
CA TRP M 46 48.10 8.03 2.29
C TRP M 46 47.92 7.51 0.87
N ARG M 47 46.92 8.02 0.17
CA ARG M 47 46.64 7.65 -1.21
C ARG M 47 46.14 8.87 -1.96
N PRO M 48 46.93 9.45 -2.86
CA PRO M 48 46.46 10.60 -3.63
C PRO M 48 45.22 10.25 -4.43
N PHE M 49 44.32 11.21 -4.57
CA PHE M 49 42.98 10.92 -5.07
C PHE M 49 42.65 11.61 -6.38
N TRP M 50 43.65 12.12 -7.10
CA TRP M 50 43.45 12.64 -8.45
C TRP M 50 44.32 11.84 -9.42
N PRO M 51 43.75 10.92 -10.18
CA PRO M 51 44.57 10.06 -11.03
C PRO M 51 45.14 10.80 -12.23
N GLY M 52 46.28 10.31 -12.69
CA GLY M 52 46.87 10.79 -13.93
C GLY M 52 46.22 10.15 -15.13
N ALA M 53 46.79 10.46 -16.31
CA ALA M 53 46.22 10.00 -17.56
C ALA M 53 46.14 8.48 -17.65
N GLU M 54 47.06 7.76 -17.02
CA GLU M 54 47.06 6.31 -17.04
C GLU M 54 46.24 5.70 -15.91
N GLY M 55 45.60 6.52 -15.09
CA GLY M 55 44.78 5.99 -14.01
C GLY M 55 45.59 5.62 -12.79
N TRP M 56 45.07 4.66 -12.02
CA TRP M 56 45.73 4.18 -10.82
C TRP M 56 46.64 3.01 -11.16
N VAL M 57 47.86 3.36 -11.58
CA VAL M 57 48.84 2.36 -11.99
C VAL M 57 50.14 2.55 -11.23
N MET N 1 28.88 33.98 3.97
CA MET N 1 29.15 34.34 5.35
C MET N 1 30.65 34.40 5.61
N THR N 2 31.09 35.45 6.31
CA THR N 2 32.50 35.65 6.64
C THR N 2 32.62 35.96 8.13
N PHE N 3 33.85 36.28 8.55
CA PHE N 3 34.09 36.69 9.92
C PHE N 3 33.39 38.00 10.28
N SER N 4 33.15 38.88 9.31
CA SER N 4 32.59 40.19 9.58
C SER N 4 31.08 40.24 9.48
N THR N 5 30.42 39.19 9.02
CA THR N 5 28.97 39.18 8.86
C THR N 5 28.27 38.60 10.10
N HIS N 6 28.50 39.22 11.25
CA HIS N 6 27.87 38.74 12.48
C HIS N 6 26.37 38.99 12.48
N LYS N 7 25.91 39.95 11.68
CA LYS N 7 24.49 40.29 11.64
C LYS N 7 23.65 39.24 10.90
N VAL N 8 24.28 38.18 10.39
CA VAL N 8 23.54 37.07 9.80
C VAL N 8 22.69 36.36 10.84
N TRP N 9 23.02 36.48 12.12
CA TRP N 9 22.27 35.84 13.17
C TRP N 9 21.08 36.67 13.65
N LEU N 10 20.94 37.90 13.16
CA LEU N 10 19.68 38.62 13.30
C LEU N 10 18.64 38.16 12.29
N MET N 11 19.07 37.43 11.26
CA MET N 11 18.18 36.87 10.25
C MET N 11 17.96 35.37 10.41
N PHE N 12 19.03 34.61 10.67
CA PHE N 12 18.93 33.19 10.92
C PHE N 12 18.99 32.92 12.41
N ASP N 13 18.11 32.06 12.90
CA ASP N 13 18.11 31.67 14.30
C ASP N 13 19.33 30.80 14.57
N PRO N 14 20.21 31.21 15.49
CA PRO N 14 21.45 30.46 15.72
C PRO N 14 21.26 28.99 16.08
N ARG N 15 20.26 28.68 16.92
CA ARG N 15 20.11 27.30 17.37
C ARG N 15 19.63 26.39 16.25
N SER N 16 18.58 26.79 15.53
CA SER N 16 18.07 25.98 14.44
C SER N 16 19.08 25.90 13.30
N THR N 17 19.78 27.00 13.03
CA THR N 17 20.83 26.99 12.02
C THR N 17 21.93 26.02 12.39
N LEU N 18 22.34 26.03 13.66
CA LEU N 18 23.38 25.11 14.12
C LEU N 18 22.93 23.66 13.96
N VAL N 19 21.68 23.38 14.33
CA VAL N 19 21.18 22.00 14.22
C VAL N 19 21.13 21.56 12.76
N ALA N 20 20.61 22.41 11.87
CA ALA N 20 20.52 22.07 10.46
C ALA N 20 21.91 21.90 9.85
N LEU N 21 22.85 22.78 10.22
CA LEU N 21 24.21 22.67 9.70
C LEU N 21 24.89 21.42 10.19
N ALA N 22 24.68 21.05 11.46
CA ALA N 22 25.24 19.81 11.97
C ALA N 22 24.69 18.60 11.24
N ALA N 23 23.37 18.60 10.99
CA ALA N 23 22.76 17.49 10.26
C ALA N 23 23.34 17.40 8.85
N PHE N 24 23.43 18.53 8.15
CA PHE N 24 23.97 18.54 6.79
C PHE N 24 25.42 18.07 6.76
N LEU N 25 26.23 18.57 7.70
CA LEU N 25 27.64 18.21 7.73
C LEU N 25 27.84 16.73 8.04
N VAL N 26 27.06 16.19 8.98
CA VAL N 26 27.16 14.77 9.29
C VAL N 26 26.74 13.93 8.09
N VAL N 27 25.65 14.30 7.43
CA VAL N 27 25.19 13.53 6.27
C VAL N 27 26.23 13.60 5.15
N LEU N 28 26.82 14.77 4.92
CA LEU N 28 27.84 14.91 3.90
C LEU N 28 29.08 14.09 4.22
N ALA N 29 29.52 14.11 5.48
CA ALA N 29 30.67 13.32 5.88
C ALA N 29 30.42 11.83 5.69
N LEU N 30 29.23 11.37 6.09
CA LEU N 30 28.86 9.96 5.89
C LEU N 30 28.86 9.61 4.42
N LEU N 31 28.28 10.49 3.58
CA LEU N 31 28.22 10.24 2.15
C LEU N 31 29.62 10.13 1.53
N ILE N 32 30.52 11.03 1.91
CA ILE N 32 31.86 11.01 1.33
C ILE N 32 32.63 9.79 1.80
N HIS N 33 32.51 9.42 3.08
CA HIS N 33 33.15 8.22 3.58
C HIS N 33 32.62 6.98 2.87
N PHE N 34 31.30 6.93 2.65
CA PHE N 34 30.70 5.79 1.96
C PHE N 34 31.14 5.74 0.50
N LEU N 35 31.33 6.90 -0.13
CA LEU N 35 31.84 6.91 -1.49
C LEU N 35 33.28 6.41 -1.54
N CYS N 36 34.08 6.75 -0.54
CA CYS N 36 35.43 6.18 -0.45
C CYS N 36 35.37 4.67 -0.27
N LEU N 37 34.47 4.20 0.60
CA LEU N 37 34.33 2.77 0.81
C LEU N 37 33.81 2.06 -0.42
N GLY N 38 33.11 2.78 -1.30
CA GLY N 38 32.58 2.21 -2.52
C GLY N 38 33.56 2.08 -3.66
N HIS N 39 34.80 2.51 -3.46
CA HIS N 39 35.84 2.39 -4.48
C HIS N 39 37.04 1.65 -3.91
N ASP N 40 37.66 0.83 -4.76
CA ASP N 40 38.70 -0.09 -4.32
C ASP N 40 39.90 0.64 -3.72
N ARG N 41 40.35 1.71 -4.38
CA ARG N 41 41.54 2.42 -3.93
C ARG N 41 41.34 3.08 -2.57
N PHE N 42 40.15 3.56 -2.28
CA PHE N 42 39.95 4.37 -1.11
C PHE N 42 39.13 3.70 -0.02
N ASN N 43 38.78 2.42 -0.18
CA ASN N 43 38.20 1.63 0.91
C ASN N 43 39.35 1.17 1.80
N TRP N 44 39.63 1.98 2.82
CA TRP N 44 40.74 1.70 3.72
C TRP N 44 40.49 0.43 4.54
N LEU N 45 39.23 0.10 4.80
CA LEU N 45 38.92 -1.13 5.54
C LEU N 45 39.25 -2.37 4.71
N GLU N 46 38.78 -2.39 3.46
CA GLU N 46 39.08 -3.50 2.56
C GLU N 46 40.58 -3.60 2.29
N GLY N 47 41.24 -2.46 2.15
CA GLY N 47 42.68 -2.44 1.98
C GLY N 47 43.17 -3.11 0.72
N ASN N 48 42.59 -2.74 -0.42
CA ASN N 48 43.16 -3.14 -1.70
C ASN N 48 44.50 -2.44 -1.89
N PRO N 49 45.41 -3.04 -2.66
CA PRO N 49 46.63 -2.31 -3.02
C PRO N 49 46.27 -1.03 -3.78
N ALA N 50 47.04 0.03 -3.52
CA ALA N 50 46.67 1.36 -3.99
C ALA N 50 46.54 1.40 -5.51
N ALA N 51 47.40 0.68 -6.22
CA ALA N 51 47.37 0.66 -7.68
C ALA N 51 46.33 -0.34 -8.15
N THR N 52 45.15 0.13 -8.62
CA THR N 52 43.97 -0.72 -8.86
C THR N 52 43.62 -0.86 -10.34
N LYS N 53 44.07 0.08 -11.17
CA LYS N 53 43.88 0.04 -12.63
C LYS N 53 42.40 0.03 -13.01
N SER O 9 18.23 31.85 29.56
CA SER O 9 17.79 32.64 28.43
C SER O 9 16.60 32.02 27.73
N SER O 10 16.85 31.35 26.60
CA SER O 10 15.81 30.65 25.86
C SER O 10 15.58 29.24 26.38
N THR O 11 16.37 28.79 27.35
CA THR O 11 16.21 27.48 27.96
C THR O 11 15.72 27.54 29.40
N GLY O 12 15.76 28.70 30.04
CA GLY O 12 15.35 28.86 31.41
C GLY O 12 16.48 28.79 32.42
N LEU O 13 17.63 28.27 32.01
CA LEU O 13 18.77 28.17 32.91
C LEU O 13 19.37 29.55 33.16
N THR O 14 20.07 29.67 34.28
CA THR O 14 20.88 30.84 34.58
C THR O 14 22.32 30.58 34.12
N GLU O 15 23.12 31.65 34.14
CA GLU O 15 24.51 31.51 33.71
C GLU O 15 25.30 30.65 34.68
N ALA O 16 24.98 30.72 35.97
CA ALA O 16 25.63 29.84 36.94
C ALA O 16 25.20 28.39 36.74
N GLU O 17 23.91 28.16 36.51
CA GLU O 17 23.44 26.81 36.20
C GLU O 17 24.05 26.29 34.91
N ALA O 18 24.13 27.15 33.89
CA ALA O 18 24.80 26.77 32.65
C ALA O 18 26.27 26.44 32.89
N LYS O 19 26.94 27.22 33.75
CA LYS O 19 28.34 26.96 34.06
C LYS O 19 28.54 25.60 34.74
N GLU O 20 27.71 25.26 35.72
CA GLU O 20 27.91 23.98 36.39
C GLU O 20 27.54 22.81 35.50
N PHE O 21 26.45 22.95 34.72
CA PHE O 21 26.11 21.90 33.77
C PHE O 21 27.21 21.72 32.74
N HIS O 22 27.79 22.82 32.26
CA HIS O 22 28.86 22.71 31.27
C HIS O 22 30.12 22.12 31.87
N ALA O 23 30.38 22.38 33.15
CA ALA O 23 31.51 21.72 33.80
C ALA O 23 31.32 20.21 33.81
N VAL O 24 30.14 19.75 34.23
CA VAL O 24 29.89 18.31 34.25
C VAL O 24 29.93 17.73 32.84
N TYR O 25 29.29 18.42 31.88
CA TYR O 25 29.25 17.96 30.50
C TYR O 25 30.64 17.90 29.90
N SER O 26 31.47 18.90 30.16
CA SER O 26 32.82 18.93 29.63
C SER O 26 33.67 17.81 30.22
N GLN O 27 33.53 17.57 31.52
CA GLN O 27 34.25 16.45 32.13
C GLN O 27 33.82 15.12 31.51
N SER O 28 32.52 14.93 31.34
CA SER O 28 32.02 13.68 30.77
C SER O 28 32.48 13.51 29.32
N ALA O 29 32.44 14.59 28.55
CA ALA O 29 32.88 14.54 27.15
C ALA O 29 34.37 14.23 27.06
N ALA O 30 35.17 14.85 27.92
CA ALA O 30 36.60 14.57 27.92
C ALA O 30 36.88 13.12 28.30
N GLY O 31 36.14 12.59 29.29
CA GLY O 31 36.30 11.18 29.63
C GLY O 31 35.92 10.26 28.49
N PHE O 32 34.82 10.56 27.81
CA PHE O 32 34.39 9.76 26.67
C PHE O 32 35.44 9.79 25.56
N LEU O 33 35.96 10.97 25.24
CA LEU O 33 36.96 11.09 24.19
C LEU O 33 38.25 10.38 24.57
N ALA O 34 38.64 10.45 25.85
CA ALA O 34 39.83 9.74 26.30
C ALA O 34 39.66 8.24 26.19
N VAL O 35 38.50 7.71 26.58
CA VAL O 35 38.24 6.29 26.45
C VAL O 35 38.26 5.87 24.98
N CYS O 36 37.67 6.70 24.12
CA CYS O 36 37.69 6.39 22.68
C CYS O 36 39.10 6.43 22.11
N ALA O 37 39.93 7.37 22.56
CA ALA O 37 41.32 7.43 22.09
C ALA O 37 42.09 6.18 22.52
N VAL O 38 41.91 5.77 23.78
CA VAL O 38 42.56 4.55 24.26
C VAL O 38 42.07 3.33 23.47
N ALA O 39 40.77 3.29 23.18
CA ALA O 39 40.21 2.19 22.40
C ALA O 39 40.78 2.17 20.99
N HIS O 40 40.98 3.34 20.38
CA HIS O 40 41.57 3.40 19.05
C HIS O 40 43.02 2.97 19.05
N VAL O 41 43.78 3.36 20.07
CA VAL O 41 45.15 2.88 20.21
C VAL O 41 45.16 1.35 20.33
N LEU O 42 44.26 0.80 21.15
CA LEU O 42 44.18 -0.64 21.31
C LEU O 42 43.81 -1.33 20.01
N ALA O 43 42.84 -0.78 19.28
CA ALA O 43 42.41 -1.36 18.01
C ALA O 43 43.55 -1.33 16.99
N TRP O 44 44.31 -0.24 16.98
CA TRP O 44 45.47 -0.16 16.10
C TRP O 44 46.50 -1.23 16.46
N MET O 45 46.79 -1.39 17.75
CA MET O 45 47.74 -2.43 18.13
C MET O 45 47.20 -3.82 17.83
N TRP O 46 45.88 -3.95 17.72
CA TRP O 46 45.31 -5.24 17.32
C TRP O 46 45.49 -5.42 15.82
N ARG O 47 44.87 -4.55 15.02
CA ARG O 47 45.02 -4.56 13.57
C ARG O 47 45.04 -3.13 13.07
N PRO O 48 46.20 -2.61 12.62
CA PRO O 48 46.24 -1.25 12.08
C PRO O 48 45.29 -1.12 10.90
N PHE O 49 44.69 0.05 10.76
CA PHE O 49 43.58 0.23 9.83
C PHE O 49 43.85 1.23 8.73
N TRP O 50 45.11 1.61 8.50
CA TRP O 50 45.50 2.39 7.33
C TRP O 50 46.45 1.57 6.47
N PRO O 51 45.99 1.02 5.36
CA PRO O 51 46.85 0.13 4.57
C PRO O 51 47.92 0.87 3.78
N GLY O 52 49.02 0.19 3.54
CA GLY O 52 50.06 0.68 2.67
C GLY O 52 49.70 0.46 1.21
N ALA O 53 50.66 0.78 0.35
CA ALA O 53 50.43 0.72 -1.10
C ALA O 53 50.07 -0.68 -1.58
N GLU O 54 50.52 -1.72 -0.89
CA GLU O 54 50.24 -3.10 -1.28
C GLU O 54 49.01 -3.67 -0.59
N GLY O 55 48.30 -2.88 0.20
CA GLY O 55 47.10 -3.36 0.86
C GLY O 55 47.41 -4.16 2.11
N TRP O 56 46.50 -5.08 2.45
CA TRP O 56 46.63 -5.92 3.63
C TRP O 56 47.34 -7.21 3.22
N VAL O 57 48.67 -7.16 3.18
CA VAL O 57 49.47 -8.31 2.77
C VAL O 57 50.42 -8.73 3.87
N MET P 1 31.78 24.00 20.32
CA MET P 1 31.71 24.01 21.77
C MET P 1 33.06 23.65 22.39
N THR P 2 33.47 24.41 23.40
CA THR P 2 34.69 24.18 24.14
C THR P 2 34.39 24.19 25.63
N PHE P 3 35.44 24.11 26.44
CA PHE P 3 35.29 24.18 27.88
C PHE P 3 34.76 25.53 28.34
N SER P 4 35.10 26.62 27.65
CA SER P 4 34.75 27.96 28.08
C SER P 4 33.35 28.38 27.66
N THR P 5 32.74 27.68 26.70
CA THR P 5 31.44 28.07 26.16
C THR P 5 30.32 27.41 26.96
N HIS P 6 30.23 27.80 28.24
CA HIS P 6 29.17 27.28 29.08
C HIS P 6 27.82 27.90 28.75
N LYS P 7 27.80 29.01 28.02
CA LYS P 7 26.58 29.73 27.72
C LYS P 7 25.81 29.11 26.55
N VAL P 8 26.33 28.04 25.95
CA VAL P 8 25.60 27.29 24.95
C VAL P 8 24.36 26.61 25.52
N TRP P 9 24.29 26.44 26.82
CA TRP P 9 23.13 25.82 27.46
C TRP P 9 22.04 26.82 27.81
N LEU P 10 22.30 28.11 27.62
CA LEU P 10 21.24 29.11 27.58
C LEU P 10 20.52 29.12 26.23
N MET P 11 21.05 28.42 25.23
CA MET P 11 20.47 28.33 23.91
C MET P 11 19.93 26.94 23.61
N PHE P 12 20.66 25.89 23.99
CA PHE P 12 20.25 24.51 23.80
C PHE P 12 19.74 23.95 25.12
N ASP P 13 18.59 23.29 25.09
CA ASP P 13 18.06 22.66 26.29
C ASP P 13 18.94 21.48 26.67
N PRO P 14 19.53 21.49 27.87
CA PRO P 14 20.47 20.41 28.22
C PRO P 14 19.87 19.00 28.16
N ARG P 15 18.63 18.82 28.58
CA ARG P 15 18.04 17.48 28.59
C ARG P 15 17.83 16.95 27.17
N SER P 16 17.19 17.75 26.31
CA SER P 16 16.97 17.32 24.93
C SER P 16 18.26 17.20 24.16
N THR P 17 19.22 18.10 24.40
CA THR P 17 20.52 17.99 23.76
C THR P 17 21.24 16.72 24.18
N LEU P 18 21.19 16.39 25.47
CA LEU P 18 21.81 15.16 25.94
C LEU P 18 21.16 13.93 25.31
N VAL P 19 19.83 13.92 25.21
CA VAL P 19 19.14 12.77 24.63
C VAL P 19 19.51 12.63 23.15
N ALA P 20 19.48 13.74 22.41
CA ALA P 20 19.82 13.69 20.99
C ALA P 20 21.27 13.29 20.77
N LEU P 21 22.18 13.81 21.60
CA LEU P 21 23.59 13.44 21.49
C LEU P 21 23.80 11.97 21.80
N ALA P 22 23.13 11.44 22.82
CA ALA P 22 23.25 10.02 23.12
C ALA P 22 22.73 9.18 21.97
N ALA P 23 21.59 9.55 21.38
CA ALA P 23 21.06 8.81 20.25
C ALA P 23 22.02 8.83 19.08
N PHE P 24 22.57 10.01 18.77
CA PHE P 24 23.51 10.12 17.66
C PHE P 24 24.77 9.31 17.91
N LEU P 25 25.31 9.37 19.12
CA LEU P 25 26.54 8.66 19.42
C LEU P 25 26.33 7.16 19.39
N VAL P 26 25.20 6.67 19.91
CA VAL P 26 24.90 5.25 19.84
C VAL P 26 24.76 4.79 18.39
N VAL P 27 24.04 5.58 17.58
CA VAL P 27 23.86 5.20 16.18
C VAL P 27 25.19 5.19 15.44
N LEU P 28 26.03 6.20 15.70
CA LEU P 28 27.35 6.25 15.06
C LEU P 28 28.21 5.08 15.47
N ALA P 29 28.22 4.74 16.76
CA ALA P 29 29.02 3.61 17.23
C ALA P 29 28.53 2.31 16.60
N LEU P 30 27.21 2.13 16.53
CA LEU P 30 26.65 0.94 15.88
C LEU P 30 27.05 0.88 14.42
N LEU P 31 26.97 2.01 13.72
CA LEU P 31 27.31 2.05 12.29
C LEU P 31 28.78 1.70 12.07
N ILE P 32 29.67 2.26 12.89
CA ILE P 32 31.09 2.00 12.73
C ILE P 32 31.42 0.55 13.05
N HIS P 33 30.83 0.00 14.12
CA HIS P 33 31.04 -1.41 14.44
C HIS P 33 30.53 -2.31 13.32
N PHE P 34 29.37 -1.97 12.75
CA PHE P 34 28.83 -2.77 11.65
C PHE P 34 29.71 -2.66 10.40
N LEU P 35 30.30 -1.49 10.18
CA LEU P 35 31.23 -1.34 9.06
C LEU P 35 32.47 -2.20 9.27
N CYS P 36 33.00 -2.23 10.49
CA CYS P 36 34.11 -3.11 10.79
C CYS P 36 33.73 -4.58 10.59
N LEU P 37 32.54 -4.96 11.06
CA LEU P 37 32.05 -6.32 10.90
C LEU P 37 31.84 -6.67 9.42
N GLY P 38 31.54 -5.68 8.59
CA GLY P 38 31.30 -5.87 7.18
C GLY P 38 32.54 -6.00 6.34
N HIS P 39 33.72 -5.93 6.94
CA HIS P 39 34.98 -6.09 6.23
C HIS P 39 35.77 -7.23 6.85
N ASP P 40 36.48 -7.97 5.99
CA ASP P 40 37.11 -9.21 6.42
C ASP P 40 38.16 -8.99 7.49
N ARG P 41 39.01 -7.98 7.33
CA ARG P 41 40.13 -7.78 8.23
C ARG P 41 39.67 -7.37 9.63
N PHE P 42 38.59 -6.61 9.71
CA PHE P 42 38.21 -6.00 10.98
C PHE P 42 37.00 -6.65 11.63
N ASN P 43 36.46 -7.72 11.04
CA ASN P 43 35.43 -8.52 11.71
C ASN P 43 36.12 -9.41 12.75
N TRP P 44 36.24 -8.92 13.97
CA TRP P 44 36.90 -9.65 15.05
C TRP P 44 36.15 -10.92 15.43
N LEU P 45 34.83 -10.98 15.23
CA LEU P 45 34.10 -12.21 15.48
C LEU P 45 34.36 -13.27 14.43
N GLU P 46 34.35 -12.90 13.15
CA GLU P 46 34.70 -13.82 12.08
C GLU P 46 36.14 -14.31 12.22
N GLY P 47 37.05 -13.45 12.65
CA GLY P 47 38.42 -13.86 12.90
C GLY P 47 39.17 -14.33 11.67
N ASN P 48 39.10 -13.58 10.58
CA ASN P 48 39.96 -13.83 9.44
C ASN P 48 41.41 -13.49 9.80
N PRO P 49 42.38 -14.08 9.10
CA PRO P 49 43.76 -13.60 9.25
C PRO P 49 43.87 -12.13 8.85
N ALA P 50 44.76 -11.41 9.54
CA ALA P 50 44.86 -9.98 9.36
C ALA P 50 45.22 -9.60 7.93
N ALA P 51 46.04 -10.41 7.26
CA ALA P 51 46.44 -10.16 5.88
C ALA P 51 45.42 -10.81 4.95
N THR P 52 44.44 -10.03 4.51
CA THR P 52 43.36 -10.52 3.67
C THR P 52 43.68 -10.42 2.18
N LYS P 53 44.87 -9.95 1.83
CA LYS P 53 45.27 -9.86 0.43
C LYS P 53 46.52 -10.68 0.16
N SER Q 9 -45.18 -2.62 13.20
CA SER Q 9 -44.46 -2.68 14.47
C SER Q 9 -43.16 -1.90 14.40
N SER Q 10 -42.04 -2.60 14.27
CA SER Q 10 -40.73 -1.99 14.15
C SER Q 10 -40.41 -1.58 12.72
N THR Q 11 -41.29 -1.88 11.77
CA THR Q 11 -41.10 -1.48 10.38
C THR Q 11 -42.07 -0.40 9.93
N GLY Q 12 -43.07 -0.07 10.74
CA GLY Q 12 -44.07 0.92 10.41
C GLY Q 12 -45.30 0.35 9.74
N LEU Q 13 -45.22 -0.87 9.23
CA LEU Q 13 -46.38 -1.50 8.60
C LEU Q 13 -47.40 -1.91 9.64
N THR Q 14 -48.65 -1.99 9.22
CA THR Q 14 -49.70 -2.59 10.02
C THR Q 14 -49.87 -4.05 9.59
N GLU Q 15 -50.71 -4.77 10.34
CA GLU Q 15 -50.91 -6.19 10.04
C GLU Q 15 -51.60 -6.38 8.69
N ALA Q 16 -52.47 -5.45 8.29
CA ALA Q 16 -53.13 -5.58 6.99
C ALA Q 16 -52.14 -5.37 5.85
N GLU Q 17 -51.33 -4.31 5.92
CA GLU Q 17 -50.32 -4.09 4.90
C GLU Q 17 -49.31 -5.22 4.86
N ALA Q 18 -48.90 -5.72 6.03
CA ALA Q 18 -47.99 -6.85 6.07
C ALA Q 18 -48.61 -8.08 5.44
N LYS Q 19 -49.89 -8.31 5.71
CA LYS Q 19 -50.58 -9.48 5.15
C LYS Q 19 -50.68 -9.40 3.62
N GLU Q 20 -51.02 -8.23 3.08
CA GLU Q 20 -51.12 -8.13 1.62
C GLU Q 20 -49.75 -8.17 0.95
N PHE Q 21 -48.74 -7.54 1.56
CA PHE Q 21 -47.39 -7.65 1.03
C PHE Q 21 -46.92 -9.11 1.07
N HIS Q 22 -47.27 -9.82 2.14
CA HIS Q 22 -46.86 -11.22 2.23
C HIS Q 22 -47.59 -12.07 1.23
N ALA Q 23 -48.84 -11.75 0.91
CA ALA Q 23 -49.54 -12.45 -0.16
C ALA Q 23 -48.80 -12.31 -1.47
N VAL Q 24 -48.43 -11.07 -1.82
CA VAL Q 24 -47.69 -10.84 -3.06
C VAL Q 24 -46.33 -11.53 -3.03
N TYR Q 25 -45.62 -11.41 -1.90
CA TYR Q 25 -44.29 -11.99 -1.75
C TYR Q 25 -44.34 -13.52 -1.84
N SER Q 26 -45.35 -14.13 -1.22
CA SER Q 26 -45.53 -15.57 -1.27
C SER Q 26 -45.84 -16.04 -2.67
N GLN Q 27 -46.70 -15.32 -3.40
CA GLN Q 27 -46.97 -15.68 -4.78
C GLN Q 27 -45.69 -15.59 -5.63
N SER Q 28 -44.93 -14.52 -5.46
CA SER Q 28 -43.70 -14.33 -6.22
C SER Q 28 -42.67 -15.40 -5.90
N ALA Q 29 -42.50 -15.73 -4.62
CA ALA Q 29 -41.56 -16.77 -4.22
C ALA Q 29 -41.98 -18.13 -4.75
N ALA Q 30 -43.29 -18.43 -4.70
CA ALA Q 30 -43.76 -19.71 -5.23
C ALA Q 30 -43.54 -19.79 -6.74
N GLY Q 31 -43.79 -18.70 -7.46
CA GLY Q 31 -43.52 -18.70 -8.89
C GLY Q 31 -42.04 -18.89 -9.19
N PHE Q 32 -41.17 -18.21 -8.43
CA PHE Q 32 -39.73 -18.36 -8.62
C PHE Q 32 -39.30 -19.80 -8.38
N LEU Q 33 -39.80 -20.40 -7.30
CA LEU Q 33 -39.45 -21.78 -6.99
C LEU Q 33 -39.98 -22.75 -8.04
N ALA Q 34 -41.19 -22.50 -8.55
CA ALA Q 34 -41.73 -23.36 -9.60
C ALA Q 34 -40.87 -23.28 -10.87
N VAL Q 35 -40.46 -22.07 -11.25
CA VAL Q 35 -39.60 -21.92 -12.41
C VAL Q 35 -38.26 -22.61 -12.19
N CYS Q 36 -37.70 -22.47 -10.99
CA CYS Q 36 -36.44 -23.14 -10.68
C CYS Q 36 -36.57 -24.65 -10.73
N ALA Q 37 -37.70 -25.19 -10.23
CA ALA Q 37 -37.94 -26.62 -10.27
C ALA Q 37 -38.03 -27.13 -11.70
N VAL Q 38 -38.76 -26.40 -12.55
CA VAL Q 38 -38.87 -26.77 -13.96
C VAL Q 38 -37.50 -26.70 -14.63
N ALA Q 39 -36.72 -25.67 -14.30
CA ALA Q 39 -35.39 -25.54 -14.88
C ALA Q 39 -34.47 -26.67 -14.46
N HIS Q 40 -34.60 -27.12 -13.20
CA HIS Q 40 -33.80 -28.24 -12.74
C HIS Q 40 -34.21 -29.55 -13.39
N VAL Q 41 -35.50 -29.74 -13.61
CA VAL Q 41 -35.96 -30.92 -14.35
C VAL Q 41 -35.40 -30.90 -15.76
N LEU Q 42 -35.42 -29.73 -16.40
CA LEU Q 42 -34.87 -29.61 -17.75
C LEU Q 42 -33.37 -29.87 -17.76
N ALA Q 43 -32.64 -29.33 -16.78
CA ALA Q 43 -31.20 -29.52 -16.72
C ALA Q 43 -30.85 -30.98 -16.49
N TRP Q 44 -31.64 -31.68 -15.66
CA TRP Q 44 -31.45 -33.12 -15.47
C TRP Q 44 -31.72 -33.88 -16.76
N MET Q 45 -32.79 -33.51 -17.48
CA MET Q 45 -33.07 -34.12 -18.77
C MET Q 45 -31.96 -33.87 -19.78
N TRP Q 46 -31.27 -32.74 -19.67
CA TRP Q 46 -30.13 -32.44 -20.52
C TRP Q 46 -28.95 -33.31 -20.13
N ARG Q 47 -28.46 -33.13 -18.90
CA ARG Q 47 -27.35 -33.92 -18.36
C ARG Q 47 -27.59 -34.14 -16.88
N PRO Q 48 -27.91 -35.36 -16.47
CA PRO Q 48 -28.09 -35.65 -15.04
C PRO Q 48 -26.81 -35.33 -14.27
N PHE Q 49 -26.98 -34.82 -13.06
CA PHE Q 49 -25.86 -34.24 -12.34
C PHE Q 49 -25.50 -34.97 -11.04
N TRP Q 50 -25.97 -36.20 -10.86
CA TRP Q 50 -25.53 -37.05 -9.75
C TRP Q 50 -24.89 -38.31 -10.32
N PRO Q 51 -23.56 -38.41 -10.32
CA PRO Q 51 -22.92 -39.55 -10.96
C PRO Q 51 -23.07 -40.84 -10.17
N GLY Q 52 -23.03 -41.96 -10.90
CA GLY Q 52 -23.01 -43.26 -10.29
C GLY Q 52 -21.62 -43.64 -9.83
N ALA Q 53 -21.49 -44.89 -9.38
CA ALA Q 53 -20.24 -45.36 -8.81
C ALA Q 53 -19.08 -45.30 -9.80
N GLU Q 54 -19.35 -45.44 -11.10
CA GLU Q 54 -18.31 -45.37 -12.11
C GLU Q 54 -18.11 -43.97 -12.65
N GLY Q 55 -18.82 -42.98 -12.13
CA GLY Q 55 -18.63 -41.61 -12.58
C GLY Q 55 -19.39 -41.30 -13.86
N TRP Q 56 -18.86 -40.35 -14.62
CA TRP Q 56 -19.46 -39.92 -15.88
C TRP Q 56 -18.89 -40.75 -17.01
N VAL Q 57 -19.46 -41.93 -17.20
CA VAL Q 57 -18.99 -42.86 -18.23
C VAL Q 57 -20.13 -43.26 -19.15
N SER R 9 13.21 20.05 40.49
CA SER R 9 13.33 21.12 39.50
C SER R 9 12.32 20.92 38.38
N SER R 10 12.80 20.46 37.22
CA SER R 10 11.96 20.18 36.08
C SER R 10 11.31 18.80 36.15
N THR R 11 11.68 17.99 37.15
CA THR R 11 11.09 16.67 37.35
C THR R 11 10.16 16.60 38.55
N GLY R 12 10.16 17.62 39.41
CA GLY R 12 9.36 17.63 40.61
C GLY R 12 10.07 17.09 41.82
N LEU R 13 11.17 16.36 41.62
CA LEU R 13 11.92 15.82 42.73
C LEU R 13 12.68 16.93 43.46
N THR R 14 12.97 16.68 44.73
CA THR R 14 13.87 17.52 45.51
C THR R 14 15.27 16.93 45.49
N GLU R 15 16.23 17.70 45.96
CA GLU R 15 17.61 17.21 46.01
C GLU R 15 17.73 16.00 46.92
N ALA R 16 17.00 16.00 48.04
CA ALA R 16 17.04 14.87 48.96
C ALA R 16 16.53 13.59 48.30
N GLU R 17 15.40 13.69 47.59
CA GLU R 17 14.88 12.53 46.87
C GLU R 17 15.78 12.14 45.71
N ALA R 18 16.33 13.14 45.01
CA ALA R 18 17.26 12.86 43.93
C ALA R 18 18.50 12.16 44.45
N LYS R 19 19.00 12.56 45.62
CA LYS R 19 20.19 11.94 46.17
C LYS R 19 19.97 10.47 46.53
N GLU R 20 18.85 10.13 47.16
CA GLU R 20 18.62 8.73 47.50
C GLU R 20 18.29 7.89 46.28
N PHE R 21 17.54 8.44 45.31
CA PHE R 21 17.34 7.72 44.07
C PHE R 21 18.66 7.48 43.37
N HIS R 22 19.57 8.46 43.39
CA HIS R 22 20.86 8.29 42.73
C HIS R 22 21.72 7.29 43.48
N ALA R 23 21.59 7.23 44.80
CA ALA R 23 22.30 6.19 45.55
C ALA R 23 21.86 4.80 45.12
N VAL R 24 20.54 4.58 45.07
CA VAL R 24 20.04 3.28 44.62
C VAL R 24 20.42 3.00 43.17
N TYR R 25 20.31 4.01 42.30
CA TYR R 25 20.64 3.86 40.89
C TYR R 25 22.12 3.55 40.71
N SER R 26 22.98 4.23 41.46
CA SER R 26 24.41 3.99 41.37
C SER R 26 24.76 2.59 41.84
N GLN R 27 24.15 2.14 42.93
CA GLN R 27 24.38 0.77 43.38
C GLN R 27 23.93 -0.24 42.33
N SER R 28 22.75 -0.04 41.76
CA SER R 28 22.23 -0.97 40.75
C SER R 28 23.09 -0.98 39.50
N ALA R 29 23.52 0.19 39.03
CA ALA R 29 24.37 0.27 37.85
C ALA R 29 25.72 -0.38 38.11
N ALA R 30 26.30 -0.15 39.28
CA ALA R 30 27.57 -0.79 39.61
C ALA R 30 27.43 -2.31 39.68
N GLY R 31 26.34 -2.81 40.26
CA GLY R 31 26.11 -4.23 40.28
C GLY R 31 25.93 -4.82 38.90
N PHE R 32 25.18 -4.14 38.03
CA PHE R 32 25.00 -4.59 36.66
C PHE R 32 26.32 -4.65 35.93
N LEU R 33 27.14 -3.61 36.07
CA LEU R 33 28.44 -3.58 35.40
C LEU R 33 29.38 -4.64 35.95
N ALA R 34 29.32 -4.91 37.26
CA ALA R 34 30.15 -5.96 37.84
C ALA R 34 29.75 -7.33 37.30
N VAL R 35 28.45 -7.59 37.20
CA VAL R 35 27.99 -8.85 36.63
C VAL R 35 28.41 -8.97 35.18
N CYS R 36 28.28 -7.88 34.42
CA CYS R 36 28.71 -7.89 33.02
C CYS R 36 30.20 -8.13 32.88
N ALA R 37 31.01 -7.55 33.77
CA ALA R 37 32.45 -7.76 33.72
C ALA R 37 32.82 -9.21 34.03
N VAL R 38 32.17 -9.79 35.04
CA VAL R 38 32.40 -11.20 35.34
C VAL R 38 31.97 -12.07 34.16
N ALA R 39 30.84 -11.73 33.53
CA ALA R 39 30.36 -12.47 32.38
C ALA R 39 31.34 -12.38 31.22
N HIS R 40 31.94 -11.22 31.00
CA HIS R 40 32.91 -11.05 29.93
C HIS R 40 34.19 -11.82 30.21
N VAL R 41 34.65 -11.84 31.46
CA VAL R 41 35.81 -12.64 31.81
C VAL R 41 35.52 -14.12 31.57
N LEU R 42 34.32 -14.57 31.95
CA LEU R 42 33.92 -15.95 31.70
C LEU R 42 33.86 -16.26 30.21
N ALA R 43 33.30 -15.35 29.42
CA ALA R 43 33.19 -15.57 27.98
C ALA R 43 34.57 -15.60 27.33
N TRP R 44 35.51 -14.78 27.83
CA TRP R 44 36.87 -14.83 27.34
C TRP R 44 37.55 -16.16 27.68
N MET R 45 37.33 -16.66 28.90
CA MET R 45 37.89 -17.98 29.24
C MET R 45 37.26 -19.08 28.40
N TRP R 46 35.99 -18.94 28.05
CA TRP R 46 35.35 -19.87 27.13
C TRP R 46 36.03 -19.81 25.77
N ARG R 47 35.93 -18.67 25.10
CA ARG R 47 36.53 -18.45 23.80
C ARG R 47 36.96 -16.99 23.70
N PRO R 48 38.25 -16.71 23.67
CA PRO R 48 38.71 -15.32 23.49
C PRO R 48 38.19 -14.76 22.18
N PHE R 49 37.86 -13.47 22.18
CA PHE R 49 37.15 -12.87 21.06
C PHE R 49 37.94 -11.80 20.34
N TRP R 50 39.25 -11.74 20.54
CA TRP R 50 40.12 -10.85 19.76
C TRP R 50 41.14 -11.68 19.01
N PRO R 51 40.97 -11.89 17.70
CA PRO R 51 41.83 -12.82 16.97
C PRO R 51 43.22 -12.24 16.72
N GLY R 52 44.20 -13.13 16.71
CA GLY R 52 45.55 -12.77 16.34
C GLY R 52 45.68 -12.60 14.84
N ALA R 53 46.93 -12.40 14.40
CA ALA R 53 47.19 -12.12 13.00
C ALA R 53 46.75 -13.25 12.08
N GLU R 54 46.76 -14.49 12.56
CA GLU R 54 46.37 -15.63 11.75
C GLU R 54 44.88 -15.97 11.86
N GLY R 55 44.14 -15.25 12.69
CA GLY R 55 42.72 -15.52 12.83
C GLY R 55 42.42 -16.59 13.86
N TRP R 56 41.28 -17.27 13.66
CA TRP R 56 40.84 -18.33 14.57
C TRP R 56 41.39 -19.67 14.06
N VAL R 57 42.64 -19.93 14.40
CA VAL R 57 43.31 -21.14 13.95
C VAL R 57 43.77 -21.98 15.14
N MET S 1 27.12 10.71 33.66
CA MET S 1 26.70 10.48 35.03
C MET S 1 27.76 9.75 35.84
N THR S 2 27.97 10.21 37.07
CA THR S 2 28.87 9.57 38.02
C THR S 2 28.15 9.36 39.34
N PHE S 3 28.88 8.85 40.33
CA PHE S 3 28.32 8.64 41.66
C PHE S 3 27.90 9.93 42.34
N SER S 4 28.54 11.06 42.03
CA SER S 4 28.28 12.32 42.71
C SER S 4 27.25 13.19 42.00
N THR S 5 26.77 12.80 40.83
CA THR S 5 25.84 13.61 40.05
C THR S 5 24.40 13.23 40.34
N HIS S 6 23.97 13.35 41.59
CA HIS S 6 22.59 13.01 41.94
C HIS S 6 21.60 14.03 41.40
N LYS S 7 22.06 15.22 41.04
CA LYS S 7 21.18 16.27 40.56
C LYS S 7 20.73 16.06 39.12
N VAL S 8 21.24 15.02 38.45
CA VAL S 8 20.73 14.67 37.12
C VAL S 8 19.28 14.22 37.16
N TRP S 9 18.77 13.86 38.34
CA TRP S 9 17.38 13.44 38.47
C TRP S 9 16.45 14.62 38.74
N LEU S 10 16.99 15.80 38.95
CA LEU S 10 16.23 17.04 38.87
C LEU S 10 16.03 17.49 37.43
N MET S 11 16.73 16.86 36.49
CA MET S 11 16.60 17.16 35.07
C MET S 11 15.93 16.05 34.28
N PHE S 12 16.30 14.79 34.54
CA PHE S 12 15.69 13.64 33.90
C PHE S 12 14.71 12.99 34.86
N ASP S 13 13.51 12.67 34.36
CA ASP S 13 12.52 12.00 35.16
C ASP S 13 12.99 10.57 35.46
N PRO S 14 13.13 10.19 36.73
CA PRO S 14 13.68 8.86 37.04
C PRO S 14 12.90 7.69 36.42
N ARG S 15 11.57 7.75 36.42
CA ARG S 15 10.77 6.62 35.94
C ARG S 15 10.92 6.44 34.43
N SER S 16 10.74 7.51 33.66
CA SER S 16 10.88 7.42 32.21
C SER S 16 12.31 7.13 31.81
N THR S 17 13.29 7.70 32.52
CA THR S 17 14.68 7.38 32.25
C THR S 17 14.98 5.92 32.51
N LEU S 18 14.45 5.36 33.60
CA LEU S 18 14.64 3.95 33.88
C LEU S 18 14.01 3.07 32.81
N VAL S 19 12.81 3.42 32.36
CA VAL S 19 12.15 2.63 31.32
C VAL S 19 12.94 2.69 30.01
N ALA S 20 13.37 3.88 29.61
CA ALA S 20 14.14 4.02 28.37
C ALA S 20 15.48 3.30 28.47
N LEU S 21 16.15 3.40 29.61
CA LEU S 21 17.42 2.71 29.80
C LEU S 21 17.24 1.20 29.76
N ALA S 22 16.18 0.69 30.38
CA ALA S 22 15.91 -0.75 30.32
C ALA S 22 15.64 -1.20 28.89
N ALA S 23 14.85 -0.42 28.14
CA ALA S 23 14.59 -0.78 26.75
C ALA S 23 15.88 -0.79 25.93
N PHE S 24 16.70 0.25 26.09
CA PHE S 24 17.96 0.31 25.34
C PHE S 24 18.89 -0.83 25.72
N LEU S 25 18.99 -1.14 27.01
CA LEU S 25 19.89 -2.21 27.44
C LEU S 25 19.41 -3.57 26.95
N VAL S 26 18.10 -3.83 26.99
CA VAL S 26 17.57 -5.08 26.47
C VAL S 26 17.84 -5.19 24.98
N VAL S 27 17.61 -4.11 24.23
CA VAL S 27 17.84 -4.15 22.79
C VAL S 27 19.33 -4.37 22.49
N LEU S 28 20.21 -3.68 23.21
CA LEU S 28 21.64 -3.85 23.01
C LEU S 28 22.09 -5.27 23.33
N ALA S 29 21.60 -5.83 24.44
CA ALA S 29 21.96 -7.19 24.81
C ALA S 29 21.47 -8.19 23.77
N LEU S 30 20.25 -8.01 23.28
CA LEU S 30 19.73 -8.88 22.24
C LEU S 30 20.56 -8.77 20.96
N LEU S 31 20.92 -7.55 20.58
CA LEU S 31 21.73 -7.35 19.38
C LEU S 31 23.09 -8.03 19.52
N ILE S 32 23.74 -7.89 20.67
CA ILE S 32 25.07 -8.48 20.85
C ILE S 32 24.98 -10.01 20.88
N HIS S 33 23.97 -10.55 21.58
CA HIS S 33 23.78 -11.99 21.61
C HIS S 33 23.51 -12.54 20.21
N PHE S 34 22.68 -11.84 19.43
CA PHE S 34 22.40 -12.28 18.07
C PHE S 34 23.63 -12.17 17.17
N LEU S 35 24.47 -11.17 17.42
CA LEU S 35 25.73 -11.06 16.69
C LEU S 35 26.65 -12.23 17.00
N CYS S 36 26.71 -12.63 18.28
CA CYS S 36 27.48 -13.81 18.64
C CYS S 36 26.89 -15.06 17.99
N LEU S 37 25.56 -15.17 17.96
CA LEU S 37 24.91 -16.31 17.33
C LEU S 37 25.15 -16.34 15.82
N GLY S 38 25.31 -15.18 15.21
CA GLY S 38 25.51 -15.06 13.78
C GLY S 38 26.92 -15.35 13.30
N HIS S 39 27.84 -15.66 14.20
CA HIS S 39 29.21 -15.98 13.85
C HIS S 39 29.55 -17.38 14.36
N ASP S 40 30.36 -18.10 13.59
CA ASP S 40 30.58 -19.52 13.84
C ASP S 40 31.27 -19.77 15.18
N ARG S 41 32.32 -19.01 15.48
CA ARG S 41 33.10 -19.28 16.68
C ARG S 41 32.32 -19.01 17.95
N PHE S 42 31.44 -18.02 17.94
CA PHE S 42 30.80 -17.56 19.15
C PHE S 42 29.34 -17.98 19.26
N ASN S 43 28.83 -18.78 18.32
CA ASN S 43 27.51 -19.37 18.43
C ASN S 43 27.61 -20.60 19.33
N TRP S 44 27.34 -20.40 20.62
CA TRP S 44 27.45 -21.47 21.62
C TRP S 44 26.42 -22.56 21.45
N LEU S 45 25.26 -22.26 20.87
CA LEU S 45 24.25 -23.29 20.60
C LEU S 45 24.64 -24.18 19.44
N GLU S 46 25.14 -23.59 18.35
CA GLU S 46 25.63 -24.38 17.23
C GLU S 46 26.82 -25.24 17.64
N GLY S 47 27.69 -24.71 18.50
CA GLY S 47 28.82 -25.47 19.01
C GLY S 47 29.82 -25.89 17.96
N ASN S 48 30.21 -24.96 17.10
CA ASN S 48 31.33 -25.22 16.20
C ASN S 48 32.61 -25.34 17.00
N PRO S 49 33.61 -26.06 16.51
CA PRO S 49 34.94 -26.00 17.12
C PRO S 49 35.47 -24.57 17.05
N ALA S 50 36.18 -24.18 18.11
CA ALA S 50 36.56 -22.77 18.28
C ALA S 50 37.42 -22.28 17.13
N ALA S 51 38.37 -23.10 16.68
CA ALA S 51 39.22 -22.73 15.56
C ALA S 51 38.47 -22.87 14.24
N THR S 52 37.84 -21.79 13.79
CA THR S 52 37.03 -21.80 12.58
C THR S 52 37.86 -21.60 11.31
N LYS S 53 39.16 -21.38 11.44
CA LYS S 53 40.02 -21.17 10.28
C LYS S 53 41.18 -22.16 10.27
N SER T 9 -37.50 -7.53 27.47
CA SER T 9 -36.43 -7.15 28.38
C SER T 9 -35.45 -6.20 27.71
N SER T 10 -34.30 -6.72 27.30
CA SER T 10 -33.29 -5.95 26.60
C SER T 10 -33.54 -5.89 25.10
N THR T 11 -34.58 -6.57 24.62
CA THR T 11 -34.95 -6.55 23.21
C THR T 11 -36.22 -5.78 22.93
N GLY T 12 -36.99 -5.45 23.95
CA GLY T 12 -38.27 -4.79 23.78
C GLY T 12 -39.45 -5.71 23.66
N LEU T 13 -39.21 -7.00 23.46
CA LEU T 13 -40.28 -7.98 23.35
C LEU T 13 -40.84 -8.31 24.72
N THR T 14 -42.07 -8.82 24.73
CA THR T 14 -42.67 -9.40 25.92
C THR T 14 -42.57 -10.92 25.83
N GLU T 15 -42.93 -11.58 26.93
CA GLU T 15 -42.84 -13.04 26.97
C GLU T 15 -43.79 -13.66 25.95
N ALA T 16 -44.98 -13.08 25.78
CA ALA T 16 -45.92 -13.62 24.81
C ALA T 16 -45.38 -13.51 23.38
N GLU T 17 -44.89 -12.33 23.01
CA GLU T 17 -44.27 -12.17 21.70
C GLU T 17 -43.05 -13.05 21.54
N ALA T 18 -42.23 -13.14 22.59
CA ALA T 18 -41.09 -14.04 22.55
C ALA T 18 -41.53 -15.49 22.41
N LYS T 19 -42.61 -15.87 23.09
CA LYS T 19 -43.10 -17.25 22.98
C LYS T 19 -43.58 -17.57 21.58
N GLU T 20 -44.34 -16.66 20.94
CA GLU T 20 -44.83 -16.98 19.61
C GLU T 20 -43.70 -16.93 18.58
N PHE T 21 -42.76 -15.99 18.72
CA PHE T 21 -41.60 -15.98 17.84
C PHE T 21 -40.80 -17.27 18.00
N HIS T 22 -40.65 -17.75 19.24
CA HIS T 22 -39.91 -18.98 19.46
C HIS T 22 -40.66 -20.17 18.88
N ALA T 23 -41.99 -20.14 18.91
CA ALA T 23 -42.75 -21.21 18.27
C ALA T 23 -42.45 -21.27 16.78
N VAL T 24 -42.52 -20.12 16.09
CA VAL T 24 -42.23 -20.09 14.67
C VAL T 24 -40.77 -20.49 14.41
N TYR T 25 -39.85 -19.95 15.21
CA TYR T 25 -38.43 -20.22 15.04
C TYR T 25 -38.12 -21.70 15.25
N SER T 26 -38.73 -22.30 16.27
CA SER T 26 -38.51 -23.71 16.55
C SER T 26 -39.05 -24.59 15.44
N GLN T 27 -40.25 -24.27 14.92
CA GLN T 27 -40.77 -25.02 13.79
C GLN T 27 -39.86 -24.91 12.57
N SER T 28 -39.38 -23.69 12.29
CA SER T 28 -38.52 -23.49 11.12
C SER T 28 -37.18 -24.20 11.29
N ALA T 29 -36.60 -24.14 12.49
CA ALA T 29 -35.33 -24.80 12.74
C ALA T 29 -35.48 -26.33 12.64
N ALA T 30 -36.57 -26.86 13.17
CA ALA T 30 -36.81 -28.29 13.07
C ALA T 30 -37.00 -28.72 11.62
N GLY T 31 -37.72 -27.91 10.84
CA GLY T 31 -37.86 -28.21 9.42
C GLY T 31 -36.54 -28.18 8.68
N PHE T 32 -35.70 -27.18 8.97
CA PHE T 32 -34.38 -27.10 8.35
C PHE T 32 -33.53 -28.31 8.72
N LEU T 33 -33.57 -28.71 9.99
CA LEU T 33 -32.80 -29.87 10.42
C LEU T 33 -33.32 -31.16 9.80
N ALA T 34 -34.63 -31.30 9.66
CA ALA T 34 -35.20 -32.47 9.00
C ALA T 34 -34.82 -32.55 7.54
N VAL T 35 -34.84 -31.41 6.83
CA VAL T 35 -34.41 -31.40 5.44
C VAL T 35 -32.93 -31.75 5.34
N CYS T 36 -32.11 -31.20 6.23
CA CYS T 36 -30.68 -31.53 6.23
C CYS T 36 -30.45 -33.01 6.50
N ALA T 37 -31.22 -33.60 7.41
CA ALA T 37 -31.07 -35.03 7.72
C ALA T 37 -31.45 -35.89 6.52
N VAL T 38 -32.55 -35.55 5.85
CA VAL T 38 -32.94 -36.27 4.65
C VAL T 38 -31.88 -36.12 3.57
N ALA T 39 -31.33 -34.91 3.43
CA ALA T 39 -30.28 -34.67 2.45
C ALA T 39 -29.03 -35.48 2.75
N HIS T 40 -28.69 -35.60 4.03
CA HIS T 40 -27.51 -36.39 4.41
C HIS T 40 -27.74 -37.87 4.14
N VAL T 41 -28.94 -38.37 4.42
CA VAL T 41 -29.25 -39.76 4.09
C VAL T 41 -29.13 -39.99 2.58
N LEU T 42 -29.64 -39.04 1.79
CA LEU T 42 -29.54 -39.14 0.34
C LEU T 42 -28.08 -39.12 -0.11
N ALA T 43 -27.27 -38.22 0.45
CA ALA T 43 -25.87 -38.12 0.06
C ALA T 43 -25.10 -39.39 0.44
N TRP T 44 -25.42 -39.97 1.59
CA TRP T 44 -24.82 -41.24 1.98
C TRP T 44 -25.20 -42.34 0.99
N MET T 45 -26.48 -42.41 0.64
CA MET T 45 -26.92 -43.42 -0.32
C MET T 45 -26.31 -43.19 -1.70
N TRP T 46 -25.91 -41.96 -1.99
CA TRP T 46 -25.14 -41.68 -3.20
C TRP T 46 -23.73 -42.20 -3.03
N ARG T 47 -22.99 -41.63 -2.08
CA ARG T 47 -21.62 -42.03 -1.80
C ARG T 47 -21.37 -41.91 -0.31
N PRO T 48 -21.22 -43.04 0.39
CA PRO T 48 -20.91 -42.98 1.84
C PRO T 48 -19.62 -42.23 2.08
N PHE T 49 -19.55 -41.50 3.19
CA PHE T 49 -18.45 -40.56 3.40
C PHE T 49 -17.61 -40.86 4.63
N TRP T 50 -17.73 -42.05 5.20
CA TRP T 50 -16.82 -42.52 6.24
C TRP T 50 -16.04 -43.73 5.71
N PRO T 51 -14.78 -43.54 5.30
CA PRO T 51 -14.05 -44.66 4.69
C PRO T 51 -13.62 -45.71 5.69
N GLY T 52 -13.47 -46.93 5.18
CA GLY T 52 -12.94 -48.02 5.95
C GLY T 52 -11.42 -47.98 5.98
N ALA T 53 -10.84 -49.05 6.54
CA ALA T 53 -9.40 -49.11 6.72
C ALA T 53 -8.64 -49.04 5.40
N GLU T 54 -9.22 -49.55 4.32
CA GLU T 54 -8.58 -49.53 3.02
C GLU T 54 -8.91 -48.30 2.21
N GLY T 55 -9.75 -47.40 2.72
CA GLY T 55 -10.03 -46.17 2.02
C GLY T 55 -11.15 -46.32 0.99
N TRP T 56 -11.07 -45.49 -0.05
CA TRP T 56 -12.07 -45.49 -1.12
C TRP T 56 -11.63 -46.44 -2.22
N VAL T 57 -11.85 -47.73 -1.97
CA VAL T 57 -11.44 -48.77 -2.91
C VAL T 57 -12.65 -49.57 -3.38
N MET U 1 -30.11 -23.73 23.25
CA MET U 1 -31.47 -23.32 22.95
C MET U 1 -32.33 -24.53 22.57
N THR U 2 -33.49 -24.64 23.21
CA THR U 2 -34.42 -25.75 22.97
C THR U 2 -35.79 -25.18 22.64
N PHE U 3 -36.77 -26.08 22.50
CA PHE U 3 -38.15 -25.69 22.26
C PHE U 3 -38.77 -24.90 23.40
N SER U 4 -38.25 -25.03 24.61
CA SER U 4 -38.85 -24.41 25.79
C SER U 4 -38.20 -23.09 26.17
N THR U 5 -37.11 -22.71 25.53
CA THR U 5 -36.37 -21.49 25.88
C THR U 5 -36.82 -20.30 25.03
N HIS U 6 -38.09 -19.91 25.14
CA HIS U 6 -38.56 -18.76 24.38
C HIS U 6 -38.04 -17.45 24.94
N LYS U 7 -37.58 -17.44 26.19
CA LYS U 7 -37.08 -16.23 26.83
C LYS U 7 -35.72 -15.80 26.29
N VAL U 8 -35.08 -16.62 25.46
CA VAL U 8 -33.85 -16.21 24.79
C VAL U 8 -34.06 -15.04 23.85
N TRP U 9 -35.30 -14.77 23.45
CA TRP U 9 -35.59 -13.62 22.60
C TRP U 9 -35.84 -12.35 23.42
N LEU U 10 -35.90 -12.46 24.74
CA LEU U 10 -35.82 -11.29 25.60
C LEU U 10 -34.38 -10.86 25.83
N MET U 11 -33.41 -11.63 25.36
CA MET U 11 -32.00 -11.30 25.43
C MET U 11 -31.38 -11.05 24.07
N PHE U 12 -31.71 -11.87 23.08
CA PHE U 12 -31.21 -11.71 21.72
C PHE U 12 -32.29 -11.09 20.85
N ASP U 13 -31.93 -10.08 20.08
CA ASP U 13 -32.86 -9.43 19.18
C ASP U 13 -33.21 -10.37 18.04
N PRO U 14 -34.48 -10.72 17.84
CA PRO U 14 -34.83 -11.70 16.81
C PRO U 14 -34.39 -11.35 15.39
N ARG U 15 -34.48 -10.09 15.00
CA ARG U 15 -34.15 -9.71 13.62
C ARG U 15 -32.65 -9.85 13.36
N SER U 16 -31.82 -9.27 14.23
CA SER U 16 -30.38 -9.35 14.05
C SER U 16 -29.88 -10.78 14.23
N THR U 17 -30.47 -11.52 15.17
CA THR U 17 -30.11 -12.92 15.34
C THR U 17 -30.45 -13.73 14.10
N LEU U 18 -31.62 -13.49 13.50
CA LEU U 18 -31.99 -14.19 12.29
C LEU U 18 -31.03 -13.86 11.14
N VAL U 19 -30.66 -12.58 11.01
CA VAL U 19 -29.76 -12.20 9.93
C VAL U 19 -28.38 -12.86 10.13
N ALA U 20 -27.85 -12.81 11.35
CA ALA U 20 -26.55 -13.42 11.61
C ALA U 20 -26.59 -14.93 11.44
N LEU U 21 -27.67 -15.58 11.89
CA LEU U 21 -27.80 -17.02 11.73
C LEU U 21 -27.88 -17.40 10.26
N ALA U 22 -28.64 -16.64 9.47
CA ALA U 22 -28.72 -16.92 8.04
C ALA U 22 -27.36 -16.76 7.38
N ALA U 23 -26.63 -15.69 7.72
CA ALA U 23 -25.32 -15.49 7.13
C ALA U 23 -24.36 -16.62 7.49
N PHE U 24 -24.35 -17.03 8.76
CA PHE U 24 -23.47 -18.10 9.20
C PHE U 24 -23.84 -19.42 8.55
N LEU U 25 -25.14 -19.72 8.46
CA LEU U 25 -25.58 -20.98 7.86
C LEU U 25 -25.26 -21.03 6.37
N VAL U 26 -25.46 -19.91 5.66
CA VAL U 26 -25.09 -19.87 4.25
C VAL U 26 -23.59 -20.02 4.05
N VAL U 27 -22.77 -19.36 4.87
CA VAL U 27 -21.32 -19.51 4.76
C VAL U 27 -20.89 -20.93 5.06
N LEU U 28 -21.47 -21.56 6.10
CA LEU U 28 -21.14 -22.94 6.43
C LEU U 28 -21.55 -23.90 5.31
N ALA U 29 -22.74 -23.70 4.74
CA ALA U 29 -23.17 -24.54 3.63
C ALA U 29 -22.27 -24.39 2.42
N LEU U 30 -21.87 -23.16 2.09
CA LEU U 30 -20.95 -22.95 0.99
C LEU U 30 -19.60 -23.60 1.25
N LEU U 31 -19.10 -23.48 2.49
CA LEU U 31 -17.83 -24.10 2.85
C LEU U 31 -17.88 -25.61 2.70
N ILE U 32 -18.97 -26.23 3.17
CA ILE U 32 -19.06 -27.69 3.09
C ILE U 32 -19.20 -28.15 1.64
N HIS U 33 -20.00 -27.43 0.85
CA HIS U 33 -20.13 -27.77 -0.56
C HIS U 33 -18.79 -27.63 -1.28
N PHE U 34 -18.04 -26.57 -0.97
CA PHE U 34 -16.73 -26.39 -1.58
C PHE U 34 -15.74 -27.45 -1.14
N LEU U 35 -15.84 -27.90 0.10
CA LEU U 35 -14.99 -29.01 0.55
C LEU U 35 -15.33 -30.29 -0.18
N CYS U 36 -16.62 -30.54 -0.43
CA CYS U 36 -17.00 -31.70 -1.22
C CYS U 36 -16.46 -31.58 -2.63
N LEU U 37 -16.58 -30.39 -3.22
CA LEU U 37 -16.06 -30.17 -4.57
C LEU U 37 -14.54 -30.28 -4.63
N GLY U 38 -13.86 -30.05 -3.52
CA GLY U 38 -12.42 -30.11 -3.43
C GLY U 38 -11.84 -31.49 -3.29
N HIS U 39 -12.67 -32.53 -3.27
CA HIS U 39 -12.22 -33.90 -3.14
C HIS U 39 -12.82 -34.74 -4.27
N ASP U 40 -12.04 -35.72 -4.73
CA ASP U 40 -12.39 -36.44 -5.96
C ASP U 40 -13.70 -37.20 -5.80
N ARG U 41 -13.86 -37.91 -4.67
CA ARG U 41 -15.01 -38.77 -4.50
C ARG U 41 -16.30 -37.98 -4.40
N PHE U 42 -16.26 -36.82 -3.77
CA PHE U 42 -17.48 -36.10 -3.44
C PHE U 42 -17.72 -34.89 -4.33
N ASN U 43 -16.92 -34.67 -5.36
CA ASN U 43 -17.21 -33.66 -6.38
C ASN U 43 -18.18 -34.28 -7.38
N TRP U 44 -19.47 -34.02 -7.18
CA TRP U 44 -20.53 -34.58 -8.02
C TRP U 44 -20.52 -34.02 -9.43
N LEU U 45 -20.07 -32.78 -9.63
CA LEU U 45 -19.97 -32.21 -10.97
C LEU U 45 -18.84 -32.82 -11.78
N GLU U 46 -17.66 -32.97 -11.18
CA GLU U 46 -16.55 -33.64 -11.85
C GLU U 46 -16.89 -35.10 -12.13
N GLY U 47 -17.62 -35.74 -11.23
CA GLY U 47 -18.09 -37.10 -11.46
C GLY U 47 -16.99 -38.13 -11.62
N ASN U 48 -16.02 -38.12 -10.71
CA ASN U 48 -15.06 -39.21 -10.67
C ASN U 48 -15.77 -40.48 -10.23
N PRO U 49 -15.27 -41.65 -10.61
CA PRO U 49 -15.76 -42.89 -10.02
C PRO U 49 -15.53 -42.89 -8.51
N ALA U 50 -16.46 -43.47 -7.77
CA ALA U 50 -16.48 -43.33 -6.32
C ALA U 50 -15.21 -43.90 -5.68
N ALA U 51 -14.70 -45.01 -6.21
CA ALA U 51 -13.49 -45.64 -5.68
C ALA U 51 -12.28 -44.90 -6.24
N THR U 52 -11.85 -43.87 -5.51
CA THR U 52 -10.72 -43.05 -5.94
C THR U 52 -9.37 -43.63 -5.53
N LYS U 53 -9.35 -44.75 -4.80
CA LYS U 53 -8.10 -45.39 -4.41
C LYS U 53 -8.05 -46.84 -4.86
N SER V 9 -25.33 -7.43 39.13
CA SER V 9 -24.23 -6.62 39.64
C SER V 9 -23.73 -5.66 38.58
N SER V 10 -22.60 -6.00 37.95
CA SER V 10 -22.03 -5.20 36.88
C SER V 10 -22.65 -5.51 35.53
N THR V 11 -23.54 -6.50 35.46
CA THR V 11 -24.24 -6.84 34.22
C THR V 11 -25.69 -6.43 34.21
N GLY V 12 -26.25 -6.03 35.36
CA GLY V 12 -27.64 -5.68 35.49
C GLY V 12 -28.54 -6.83 35.90
N LEU V 13 -28.05 -8.06 35.77
CA LEU V 13 -28.84 -9.23 36.15
C LEU V 13 -28.95 -9.33 37.67
N THR V 14 -30.01 -9.99 38.12
CA THR V 14 -30.14 -10.36 39.52
C THR V 14 -29.57 -11.76 39.72
N GLU V 15 -29.43 -12.15 41.00
CA GLU V 15 -28.92 -13.48 41.29
C GLU V 15 -29.89 -14.57 40.84
N ALA V 16 -31.19 -14.34 41.01
CA ALA V 16 -32.17 -15.30 40.51
C ALA V 16 -32.12 -15.42 39.00
N GLU V 17 -32.03 -14.28 38.29
CA GLU V 17 -31.89 -14.30 36.85
C GLU V 17 -30.59 -14.98 36.44
N ALA V 18 -29.50 -14.66 37.14
CA ALA V 18 -28.22 -15.33 36.89
C ALA V 18 -28.33 -16.82 37.17
N LYS V 19 -29.06 -17.20 38.22
CA LYS V 19 -29.22 -18.61 38.54
C LYS V 19 -29.96 -19.37 37.45
N GLU V 20 -31.06 -18.80 36.93
CA GLU V 20 -31.78 -19.52 35.88
C GLU V 20 -31.01 -19.55 34.56
N PHE V 21 -30.34 -18.44 34.23
CA PHE V 21 -29.51 -18.44 33.03
C PHE V 21 -28.40 -19.47 33.16
N HIS V 22 -27.80 -19.59 34.36
CA HIS V 22 -26.73 -20.56 34.55
C HIS V 22 -27.27 -21.98 34.50
N ALA V 23 -28.49 -22.21 34.97
CA ALA V 23 -29.09 -23.53 34.82
C ALA V 23 -29.21 -23.91 33.35
N VAL V 24 -29.76 -23.00 32.54
CA VAL V 24 -29.89 -23.28 31.11
C VAL V 24 -28.53 -23.44 30.46
N TYR V 25 -27.59 -22.56 30.79
CA TYR V 25 -26.25 -22.59 30.19
C TYR V 25 -25.52 -23.87 30.56
N SER V 26 -25.65 -24.30 31.81
CA SER V 26 -25.01 -25.53 32.26
C SER V 26 -25.59 -26.74 31.56
N GLN V 27 -26.92 -26.78 31.41
CA GLN V 27 -27.54 -27.88 30.67
C GLN V 27 -27.05 -27.91 29.23
N SER V 28 -27.00 -26.75 28.58
CA SER V 28 -26.56 -26.68 27.19
C SER V 28 -25.10 -27.08 27.03
N ALA V 29 -24.24 -26.62 27.96
CA ALA V 29 -22.82 -26.98 27.91
C ALA V 29 -22.63 -28.47 28.14
N ALA V 30 -23.37 -29.05 29.10
CA ALA V 30 -23.27 -30.47 29.34
C ALA V 30 -23.72 -31.29 28.14
N GLY V 31 -24.80 -30.85 27.48
CA GLY V 31 -25.24 -31.52 26.26
C GLY V 31 -24.23 -31.42 25.14
N PHE V 32 -23.64 -30.24 24.96
CA PHE V 32 -22.61 -30.07 23.94
C PHE V 32 -21.41 -30.96 24.20
N LEU V 33 -20.97 -31.03 25.46
CA LEU V 33 -19.83 -31.86 25.80
C LEU V 33 -20.16 -33.34 25.65
N ALA V 34 -21.38 -33.75 25.99
CA ALA V 34 -21.78 -35.14 25.81
C ALA V 34 -21.81 -35.53 24.34
N VAL V 35 -22.32 -34.65 23.49
CA VAL V 35 -22.32 -34.92 22.05
C VAL V 35 -20.87 -34.99 21.54
N CYS V 36 -20.02 -34.08 22.01
CA CYS V 36 -18.62 -34.11 21.61
C CYS V 36 -17.93 -35.40 22.05
N ALA V 37 -18.25 -35.89 23.24
CA ALA V 37 -17.64 -37.12 23.75
C ALA V 37 -18.09 -38.32 22.94
N VAL V 38 -19.38 -38.38 22.61
CA VAL V 38 -19.88 -39.45 21.73
C VAL V 38 -19.22 -39.36 20.37
N ALA V 39 -19.05 -38.14 19.85
CA ALA V 39 -18.40 -37.96 18.55
C ALA V 39 -16.96 -38.43 18.58
N HIS V 40 -16.25 -38.14 19.67
CA HIS V 40 -14.86 -38.56 19.78
C HIS V 40 -14.74 -40.07 19.91
N VAL V 41 -15.66 -40.70 20.64
CA VAL V 41 -15.68 -42.16 20.70
C VAL V 41 -15.92 -42.74 19.31
N LEU V 42 -16.86 -42.16 18.56
CA LEU V 42 -17.14 -42.62 17.21
C LEU V 42 -15.93 -42.44 16.29
N ALA V 43 -15.26 -41.29 16.39
CA ALA V 43 -14.08 -41.03 15.57
C ALA V 43 -12.96 -42.00 15.90
N TRP V 44 -12.78 -42.31 17.18
CA TRP V 44 -11.79 -43.31 17.58
C TRP V 44 -12.14 -44.69 17.03
N MET V 45 -13.40 -45.08 17.10
CA MET V 45 -13.80 -46.36 16.51
C MET V 45 -13.64 -46.36 15.00
N TRP V 46 -13.69 -45.18 14.36
CA TRP V 46 -13.37 -45.10 12.94
C TRP V 46 -11.87 -45.28 12.73
N ARG V 47 -11.08 -44.35 13.26
CA ARG V 47 -9.63 -44.40 13.14
C ARG V 47 -9.03 -43.84 14.42
N PRO V 48 -8.43 -44.70 15.26
CA PRO V 48 -7.77 -44.20 16.47
C PRO V 48 -6.70 -43.19 16.14
N PHE V 49 -6.52 -42.18 16.99
CA PHE V 49 -5.69 -41.04 16.64
C PHE V 49 -4.49 -40.85 17.56
N TRP V 50 -4.12 -41.88 18.32
CA TRP V 50 -2.87 -41.88 19.08
C TRP V 50 -1.99 -43.01 18.57
N PRO V 51 -0.96 -42.72 17.78
CA PRO V 51 -0.17 -43.79 17.17
C PRO V 51 0.74 -44.50 18.17
N GLY V 52 1.02 -45.75 17.87
CA GLY V 52 2.01 -46.51 18.61
C GLY V 52 3.42 -46.17 18.16
N ALA V 53 4.37 -46.93 18.70
CA ALA V 53 5.78 -46.65 18.43
C ALA V 53 6.11 -46.77 16.95
N GLU V 54 5.40 -47.63 16.23
CA GLU V 54 5.66 -47.83 14.81
C GLU V 54 4.85 -46.90 13.91
N GLY V 55 3.99 -46.04 14.48
CA GLY V 55 3.22 -45.14 13.66
C GLY V 55 1.94 -45.78 13.14
N TRP V 56 1.47 -45.27 12.00
CA TRP V 56 0.25 -45.77 11.37
C TRP V 56 0.61 -46.84 10.35
N VAL V 57 0.88 -48.05 10.84
CA VAL V 57 1.28 -49.15 9.99
C VAL V 57 0.24 -50.26 10.01
N MET W 1 -15.78 -21.93 35.28
CA MET W 1 -17.18 -22.16 35.60
C MET W 1 -17.47 -23.60 36.00
N THR W 2 -18.43 -23.75 36.91
CA THR W 2 -18.99 -25.05 37.27
C THR W 2 -20.50 -24.92 37.31
N PHE W 3 -21.17 -26.01 37.69
CA PHE W 3 -22.62 -26.00 37.85
C PHE W 3 -23.10 -25.08 38.97
N SER W 4 -22.23 -24.72 39.91
CA SER W 4 -22.64 -23.94 41.07
C SER W 4 -22.26 -22.48 40.99
N THR W 5 -21.50 -22.07 39.98
CA THR W 5 -21.03 -20.68 39.86
C THR W 5 -21.97 -19.84 39.00
N HIS W 6 -23.22 -19.68 39.43
CA HIS W 6 -24.17 -18.89 38.65
C HIS W 6 -23.87 -17.40 38.72
N LYS W 7 -23.19 -16.95 39.77
CA LYS W 7 -22.89 -15.53 39.91
C LYS W 7 -21.82 -15.03 38.95
N VAL W 8 -21.29 -15.90 38.10
CA VAL W 8 -20.39 -15.48 37.03
C VAL W 8 -21.09 -14.60 36.00
N TRP W 9 -22.42 -14.66 35.92
CA TRP W 9 -23.16 -13.82 35.00
C TRP W 9 -23.50 -12.46 35.57
N LEU W 10 -23.24 -12.25 36.86
CA LEU W 10 -23.24 -10.91 37.42
C LEU W 10 -21.96 -10.14 37.06
N MET W 11 -20.98 -10.83 36.49
CA MET W 11 -19.73 -10.23 36.04
C MET W 11 -19.58 -10.24 34.53
N PHE W 12 -20.00 -11.30 33.86
CA PHE W 12 -19.95 -11.42 32.41
C PHE W 12 -21.36 -11.24 31.86
N ASP W 13 -21.50 -10.40 30.84
CA ASP W 13 -22.78 -10.20 30.20
C ASP W 13 -23.17 -11.46 29.43
N PRO W 14 -24.31 -12.07 29.73
CA PRO W 14 -24.65 -13.36 29.09
C PRO W 14 -24.72 -13.32 27.57
N ARG W 15 -25.26 -12.25 26.98
CA ARG W 15 -25.43 -12.20 25.53
C ARG W 15 -24.09 -12.11 24.81
N SER W 16 -23.24 -11.17 25.23
CA SER W 16 -21.93 -11.02 24.61
C SER W 16 -21.04 -12.23 24.90
N THR W 17 -21.14 -12.79 26.10
CA THR W 17 -20.40 -14.00 26.41
C THR W 17 -20.82 -15.16 25.53
N LEU W 18 -22.13 -15.32 25.30
CA LEU W 18 -22.62 -16.37 24.42
C LEU W 18 -22.13 -16.16 23.00
N VAL W 19 -22.14 -14.92 22.51
CA VAL W 19 -21.68 -14.65 21.15
C VAL W 19 -20.19 -14.96 21.01
N ALA W 20 -19.38 -14.51 21.97
CA ALA W 20 -17.95 -14.77 21.93
C ALA W 20 -17.64 -16.25 22.05
N LEU W 21 -18.35 -16.95 22.93
CA LEU W 21 -18.15 -18.39 23.08
C LEU W 21 -18.55 -19.14 21.81
N ALA W 22 -19.66 -18.76 21.17
CA ALA W 22 -20.04 -19.40 19.93
C ALA W 22 -19.02 -19.16 18.84
N ALA W 23 -18.51 -17.93 18.72
CA ALA W 23 -17.50 -17.64 17.72
C ALA W 23 -16.24 -18.46 17.97
N PHE W 24 -15.79 -18.52 19.23
CA PHE W 24 -14.59 -19.28 19.56
C PHE W 24 -14.78 -20.76 19.26
N LEU W 25 -15.92 -21.31 19.66
CA LEU W 25 -16.17 -22.73 19.45
C LEU W 25 -16.24 -23.08 17.97
N VAL W 26 -16.89 -22.23 17.18
CA VAL W 26 -16.96 -22.47 15.74
C VAL W 26 -15.58 -22.39 15.12
N VAL W 27 -14.77 -21.40 15.51
CA VAL W 27 -13.43 -21.27 14.96
C VAL W 27 -12.57 -22.46 15.34
N LEU W 28 -12.66 -22.91 16.59
CA LEU W 28 -11.90 -24.07 17.04
C LEU W 28 -12.33 -25.34 16.30
N ALA W 29 -13.64 -25.52 16.12
CA ALA W 29 -14.13 -26.68 15.38
C ALA W 29 -13.66 -26.67 13.93
N LEU W 30 -13.70 -25.50 13.28
CA LEU W 30 -13.19 -25.40 11.91
C LEU W 30 -11.70 -25.72 11.86
N LEU W 31 -10.94 -25.19 12.82
CA LEU W 31 -9.50 -25.44 12.87
C LEU W 31 -9.20 -26.93 13.03
N ILE W 32 -9.93 -27.60 13.92
CA ILE W 32 -9.64 -29.02 14.18
C ILE W 32 -10.05 -29.87 12.98
N HIS W 33 -11.20 -29.57 12.37
CA HIS W 33 -11.61 -30.29 11.17
C HIS W 33 -10.60 -30.10 10.05
N PHE W 34 -10.10 -28.87 9.88
CA PHE W 34 -9.11 -28.60 8.85
C PHE W 34 -7.79 -29.31 9.14
N LEU W 35 -7.43 -29.43 10.41
CA LEU W 35 -6.24 -30.20 10.77
C LEU W 35 -6.41 -31.67 10.46
N CYS W 36 -7.62 -32.20 10.68
CA CYS W 36 -7.89 -33.59 10.29
C CYS W 36 -7.81 -33.75 8.78
N LEU W 37 -8.35 -32.78 8.04
CA LEU W 37 -8.30 -32.83 6.58
C LEU W 37 -6.88 -32.64 6.05
N GLY W 38 -6.01 -31.99 6.82
CA GLY W 38 -4.64 -31.76 6.41
C GLY W 38 -3.71 -32.93 6.60
N HIS W 39 -4.20 -34.05 7.13
CA HIS W 39 -3.41 -35.25 7.33
C HIS W 39 -4.07 -36.42 6.62
N ASP W 40 -3.23 -37.33 6.10
CA ASP W 40 -3.72 -38.39 5.23
C ASP W 40 -4.66 -39.33 5.96
N ARG W 41 -4.29 -39.73 7.18
CA ARG W 41 -5.09 -40.72 7.91
C ARG W 41 -6.47 -40.18 8.26
N PHE W 42 -6.60 -38.90 8.55
CA PHE W 42 -7.83 -38.38 9.11
C PHE W 42 -8.62 -37.51 8.15
N ASN W 43 -8.17 -37.37 6.90
CA ASN W 43 -8.99 -36.76 5.87
C ASN W 43 -10.03 -37.77 5.38
N TRP W 44 -11.22 -37.74 5.98
CA TRP W 44 -12.27 -38.70 5.63
C TRP W 44 -12.79 -38.47 4.22
N LEU W 45 -12.69 -37.25 3.70
CA LEU W 45 -13.12 -37.00 2.32
C LEU W 45 -12.15 -37.61 1.33
N GLU W 46 -10.85 -37.42 1.57
CA GLU W 46 -9.84 -38.02 0.70
C GLU W 46 -9.90 -39.54 0.76
N GLY W 47 -10.16 -40.09 1.95
CA GLY W 47 -10.32 -41.52 2.10
C GLY W 47 -9.08 -42.34 1.79
N ASN W 48 -7.93 -41.91 2.30
CA ASN W 48 -6.74 -42.73 2.24
C ASN W 48 -6.93 -43.97 3.11
N PRO W 49 -6.23 -45.06 2.80
CA PRO W 49 -6.19 -46.18 3.75
C PRO W 49 -5.59 -45.73 5.07
N ALA W 50 -6.12 -46.29 6.16
CA ALA W 50 -5.77 -45.80 7.50
C ALA W 50 -4.29 -45.94 7.78
N ALA W 51 -3.70 -47.08 7.40
CA ALA W 51 -2.28 -47.30 7.61
C ALA W 51 -1.46 -46.51 6.60
N THR W 52 -1.14 -45.26 6.92
CA THR W 52 -0.41 -44.39 6.02
C THR W 52 1.09 -44.63 6.05
N LYS W 53 1.60 -45.59 6.79
CA LYS W 53 3.04 -45.93 6.88
C LYS W 53 3.21 -47.44 6.70
N SER X 9 -10.51 -1.43 45.90
CA SER X 9 -9.45 -0.46 45.66
C SER X 9 -9.59 0.14 44.27
N SER X 10 -8.58 -0.07 43.43
CA SER X 10 -8.67 0.38 42.05
C SER X 10 -9.76 -0.34 41.27
N THR X 11 -10.11 -1.56 41.68
CA THR X 11 -11.26 -2.26 41.15
C THR X 11 -12.47 -1.99 42.05
N GLY X 12 -13.65 -2.34 41.54
CA GLY X 12 -14.86 -2.10 42.30
C GLY X 12 -15.16 -3.09 43.39
N LEU X 13 -14.33 -4.11 43.56
CA LEU X 13 -14.61 -5.15 44.54
C LEU X 13 -14.17 -4.74 45.94
N THR X 14 -14.69 -5.44 46.93
CA THR X 14 -14.24 -5.36 48.31
C THR X 14 -13.37 -6.57 48.62
N GLU X 15 -12.79 -6.56 49.83
CA GLU X 15 -11.92 -7.66 50.22
C GLU X 15 -12.68 -8.97 50.30
N ALA X 16 -13.92 -8.95 50.80
CA ALA X 16 -14.73 -10.15 50.86
C ALA X 16 -15.05 -10.68 49.46
N GLU X 17 -15.49 -9.78 48.56
CA GLU X 17 -15.76 -10.18 47.18
C GLU X 17 -14.48 -10.66 46.50
N ALA X 18 -13.37 -9.96 46.72
CA ALA X 18 -12.09 -10.41 46.19
C ALA X 18 -11.73 -11.78 46.76
N LYS X 19 -12.01 -12.01 48.04
CA LYS X 19 -11.69 -13.29 48.65
C LYS X 19 -12.49 -14.43 48.03
N GLU X 20 -13.79 -14.24 47.81
CA GLU X 20 -14.57 -15.34 47.24
C GLU X 20 -14.24 -15.55 45.77
N PHE X 21 -14.02 -14.46 45.01
CA PHE X 21 -13.59 -14.62 43.64
C PHE X 21 -12.25 -15.34 43.57
N HIS X 22 -11.33 -15.03 44.49
CA HIS X 22 -10.03 -15.69 44.49
C HIS X 22 -10.16 -17.16 44.89
N ALA X 23 -11.11 -17.48 45.77
CA ALA X 23 -11.34 -18.89 46.08
C ALA X 23 -11.78 -19.66 44.84
N VAL X 24 -12.75 -19.11 44.11
CA VAL X 24 -13.20 -19.78 42.89
C VAL X 24 -12.07 -19.84 41.85
N TYR X 25 -11.34 -18.74 41.69
CA TYR X 25 -10.25 -18.67 40.73
C TYR X 25 -9.14 -19.66 41.06
N SER X 26 -8.81 -19.78 42.36
CA SER X 26 -7.78 -20.71 42.79
C SER X 26 -8.20 -22.15 42.57
N GLN X 27 -9.46 -22.48 42.87
CA GLN X 27 -9.95 -23.82 42.58
C GLN X 27 -9.89 -24.12 41.09
N SER X 28 -10.32 -23.18 40.26
CA SER X 28 -10.28 -23.36 38.81
C SER X 28 -8.86 -23.51 38.27
N ALA X 29 -7.92 -22.68 38.74
CA ALA X 29 -6.53 -22.78 38.32
C ALA X 29 -5.90 -24.09 38.78
N ALA X 30 -6.18 -24.52 40.00
CA ALA X 30 -5.66 -25.81 40.47
C ALA X 30 -6.21 -26.96 39.63
N GLY X 31 -7.50 -26.91 39.28
CA GLY X 31 -8.05 -27.94 38.41
C GLY X 31 -7.41 -27.93 37.03
N PHE X 32 -7.21 -26.75 36.45
CA PHE X 32 -6.58 -26.66 35.15
C PHE X 32 -5.17 -27.21 35.19
N LEU X 33 -4.40 -26.88 36.23
CA LEU X 33 -3.04 -27.37 36.35
C LEU X 33 -3.01 -28.88 36.57
N ALA X 34 -3.96 -29.40 37.35
CA ALA X 34 -4.03 -30.85 37.57
C ALA X 34 -4.32 -31.58 36.27
N VAL X 35 -5.27 -31.07 35.48
CA VAL X 35 -5.57 -31.67 34.19
C VAL X 35 -4.36 -31.61 33.26
N CYS X 36 -3.66 -30.47 33.26
CA CYS X 36 -2.45 -30.35 32.45
C CYS X 36 -1.35 -31.31 32.89
N ALA X 37 -1.19 -31.52 34.20
CA ALA X 37 -0.20 -32.46 34.69
C ALA X 37 -0.54 -33.89 34.27
N VAL X 38 -1.81 -34.27 34.38
CA VAL X 38 -2.23 -35.59 33.93
C VAL X 38 -2.01 -35.72 32.43
N ALA X 39 -2.32 -34.67 31.67
CA ALA X 39 -2.14 -34.69 30.22
C ALA X 39 -0.67 -34.88 29.86
N HIS X 40 0.23 -34.21 30.58
CA HIS X 40 1.65 -34.34 30.31
C HIS X 40 2.16 -35.72 30.67
N VAL X 41 1.66 -36.30 31.77
CA VAL X 41 2.02 -37.68 32.11
C VAL X 41 1.57 -38.63 31.01
N LEU X 42 0.34 -38.44 30.51
CA LEU X 42 -0.16 -39.27 29.42
C LEU X 42 0.68 -39.09 28.15
N ALA X 43 1.03 -37.84 27.82
CA ALA X 43 1.83 -37.58 26.63
C ALA X 43 3.20 -38.24 26.74
N TRP X 44 3.80 -38.17 27.93
CA TRP X 44 5.08 -38.83 28.15
C TRP X 44 4.95 -40.35 28.00
N MET X 45 3.89 -40.94 28.54
CA MET X 45 3.71 -42.38 28.35
C MET X 45 3.46 -42.73 26.90
N TRP X 46 2.91 -41.80 26.11
CA TRP X 46 2.77 -42.03 24.68
C TRP X 46 4.12 -41.95 23.99
N ARG X 47 4.76 -40.79 24.05
CA ARG X 47 6.08 -40.58 23.46
C ARG X 47 6.86 -39.61 24.33
N PRO X 48 7.86 -40.10 25.07
CA PRO X 48 8.67 -39.20 25.91
C PRO X 48 9.34 -38.12 25.06
N PHE X 49 9.43 -36.92 25.62
CA PHE X 49 9.81 -35.75 24.84
C PHE X 49 11.14 -35.14 25.26
N TRP X 50 11.96 -35.87 26.01
CA TRP X 50 13.31 -35.43 26.35
C TRP X 50 14.30 -36.43 25.79
N PRO X 51 14.97 -36.13 24.67
CA PRO X 51 15.81 -37.13 24.02
C PRO X 51 17.13 -37.35 24.75
N GLY X 52 17.60 -38.59 24.70
CA GLY X 52 18.91 -38.93 25.21
C GLY X 52 19.99 -38.49 24.24
N ALA X 53 21.23 -38.86 24.60
CA ALA X 53 22.39 -38.41 23.84
C ALA X 53 22.36 -38.85 22.39
N GLU X 54 21.73 -39.98 22.08
CA GLU X 54 21.66 -40.48 20.71
C GLU X 54 20.42 -40.01 19.97
N GLY X 55 19.59 -39.18 20.59
CA GLY X 55 18.41 -38.68 19.91
C GLY X 55 17.24 -39.65 19.99
N TRP X 56 16.36 -39.55 18.99
CA TRP X 56 15.18 -40.40 18.91
C TRP X 56 15.52 -41.66 18.09
N VAL X 57 16.15 -42.60 18.78
CA VAL X 57 16.57 -43.85 18.14
C VAL X 57 15.89 -45.03 18.81
N MET Y 1 0.94 -14.79 42.14
CA MET Y 1 -0.36 -15.10 42.75
C MET Y 1 -0.36 -16.50 43.37
N THR Y 2 -0.80 -16.57 44.62
CA THR Y 2 -0.92 -17.82 45.37
C THR Y 2 -2.34 -17.96 45.90
N PHE Y 3 -2.58 -19.02 46.66
CA PHE Y 3 -3.88 -19.24 47.27
C PHE Y 3 -4.25 -18.19 48.31
N SER Y 4 -3.28 -17.44 48.83
CA SER Y 4 -3.53 -16.47 49.87
C SER Y 4 -3.59 -15.03 49.38
N THR Y 5 -3.24 -14.78 48.13
CA THR Y 5 -3.21 -13.41 47.59
C THR Y 5 -4.55 -13.03 46.96
N HIS Y 6 -5.62 -13.08 47.74
CA HIS Y 6 -6.94 -12.71 47.23
C HIS Y 6 -7.04 -11.23 46.94
N LYS Y 7 -6.18 -10.41 47.57
CA LYS Y 7 -6.23 -8.97 47.42
C LYS Y 7 -5.73 -8.50 46.06
N VAL Y 8 -5.18 -9.41 45.23
CA VAL Y 8 -4.78 -9.06 43.88
C VAL Y 8 -5.95 -8.64 43.00
N TRP Y 9 -7.18 -8.99 43.39
CA TRP Y 9 -8.35 -8.61 42.61
C TRP Y 9 -8.86 -7.23 42.98
N LEU Y 10 -8.30 -6.60 44.00
CA LEU Y 10 -8.52 -5.18 44.23
C LEU Y 10 -7.65 -4.32 43.31
N MET Y 11 -6.65 -4.91 42.66
CA MET Y 11 -5.78 -4.23 41.71
C MET Y 11 -6.07 -4.59 40.27
N PHE Y 12 -6.37 -5.86 40.00
CA PHE Y 12 -6.71 -6.33 38.66
C PHE Y 12 -8.21 -6.57 38.57
N ASP Y 13 -8.83 -6.07 37.50
CA ASP Y 13 -10.24 -6.30 37.27
C ASP Y 13 -10.48 -7.77 36.93
N PRO Y 14 -11.29 -8.50 37.71
CA PRO Y 14 -11.44 -9.94 37.44
C PRO Y 14 -11.94 -10.29 36.05
N ARG Y 15 -12.86 -9.52 35.48
CA ARG Y 15 -13.41 -9.86 34.18
C ARG Y 15 -12.37 -9.67 33.07
N SER Y 16 -11.71 -8.52 33.03
CA SER Y 16 -10.69 -8.28 32.01
C SER Y 16 -9.49 -9.19 32.20
N THR Y 17 -9.08 -9.44 33.45
CA THR Y 17 -7.99 -10.36 33.70
C THR Y 17 -8.33 -11.77 33.24
N LEU Y 18 -9.56 -12.22 33.50
CA LEU Y 18 -10.00 -13.52 33.04
C LEU Y 18 -10.03 -13.61 31.52
N VAL Y 19 -10.51 -12.58 30.84
CA VAL Y 19 -10.52 -12.59 29.37
C VAL Y 19 -9.11 -12.63 28.79
N ALA Y 20 -8.21 -11.80 29.32
CA ALA Y 20 -6.83 -11.80 28.88
C ALA Y 20 -6.14 -13.12 29.16
N LEU Y 21 -6.38 -13.70 30.34
CA LEU Y 21 -5.79 -15.00 30.68
C LEU Y 21 -6.31 -16.10 29.77
N ALA Y 22 -7.62 -16.09 29.48
CA ALA Y 22 -8.16 -17.09 28.56
C ALA Y 22 -7.55 -16.96 27.18
N ALA Y 23 -7.42 -15.72 26.69
CA ALA Y 23 -6.80 -15.52 25.38
C ALA Y 23 -5.36 -16.01 25.37
N PHE Y 24 -4.59 -15.66 26.40
CA PHE Y 24 -3.20 -16.07 26.46
C PHE Y 24 -3.07 -17.59 26.54
N LEU Y 25 -3.90 -18.23 27.37
CA LEU Y 25 -3.82 -19.67 27.53
C LEU Y 25 -4.22 -20.39 26.24
N VAL Y 26 -5.27 -19.92 25.56
CA VAL Y 26 -5.66 -20.53 24.30
C VAL Y 26 -4.56 -20.37 23.26
N VAL Y 27 -3.96 -19.18 23.18
CA VAL Y 27 -2.91 -18.94 22.19
C VAL Y 27 -1.70 -19.81 22.49
N LEU Y 28 -1.31 -19.92 23.77
CA LEU Y 28 -0.16 -20.74 24.14
C LEU Y 28 -0.42 -22.21 23.86
N ALA Y 29 -1.63 -22.70 24.17
CA ALA Y 29 -1.96 -24.08 23.87
C ALA Y 29 -1.93 -24.36 22.38
N LEU Y 30 -2.47 -23.44 21.57
CA LEU Y 30 -2.41 -23.60 20.12
C LEU Y 30 -0.96 -23.61 19.63
N LEU Y 31 -0.14 -22.73 20.17
CA LEU Y 31 1.27 -22.65 19.77
C LEU Y 31 2.00 -23.96 20.09
N ILE Y 32 1.77 -24.52 21.27
CA ILE Y 32 2.46 -25.74 21.66
C ILE Y 32 1.97 -26.92 20.83
N HIS Y 33 0.66 -27.00 20.59
CA HIS Y 33 0.12 -28.05 19.74
C HIS Y 33 0.67 -27.96 18.32
N PHE Y 34 0.79 -26.74 17.79
CA PHE Y 34 1.34 -26.54 16.46
C PHE Y 34 2.83 -26.89 16.41
N LEU Y 35 3.57 -26.60 17.48
CA LEU Y 35 4.97 -27.00 17.54
C LEU Y 35 5.10 -28.53 17.55
N CYS Y 36 4.22 -29.21 18.29
CA CYS Y 36 4.21 -30.67 18.27
C CYS Y 36 3.88 -31.19 16.88
N LEU Y 37 2.90 -30.57 16.21
CA LEU Y 37 2.54 -30.97 14.86
C LEU Y 37 3.67 -30.71 13.87
N GLY Y 38 4.53 -29.73 14.16
CA GLY Y 38 5.64 -29.36 13.31
C GLY Y 38 6.87 -30.24 13.42
N HIS Y 39 6.84 -31.25 14.27
CA HIS Y 39 7.96 -32.17 14.43
C HIS Y 39 7.48 -33.60 14.23
N ASP Y 40 8.34 -34.42 13.61
CA ASP Y 40 7.94 -35.75 13.16
C ASP Y 40 7.48 -36.63 14.32
N ARG Y 41 8.24 -36.62 15.41
CA ARG Y 41 7.94 -37.53 16.52
C ARG Y 41 6.61 -37.21 17.18
N PHE Y 42 6.25 -35.94 17.28
CA PHE Y 42 5.12 -35.55 18.10
C PHE Y 42 3.91 -35.11 17.29
N ASN Y 43 3.93 -35.25 15.97
CA ASN Y 43 2.74 -35.06 15.15
C ASN Y 43 1.94 -36.37 15.21
N TRP Y 44 0.97 -36.40 16.13
CA TRP Y 44 0.18 -37.60 16.36
C TRP Y 44 -0.76 -37.89 15.20
N LEU Y 45 -1.19 -36.86 14.46
CA LEU Y 45 -2.03 -37.08 13.30
C LEU Y 45 -1.25 -37.75 12.18
N GLU Y 46 -0.07 -37.21 11.87
CA GLU Y 46 0.77 -37.81 10.84
C GLU Y 46 1.21 -39.22 11.22
N GLY Y 47 1.46 -39.45 12.50
CA GLY Y 47 1.75 -40.79 12.97
C GLY Y 47 3.02 -41.39 12.42
N ASN Y 48 4.12 -40.63 12.44
CA ASN Y 48 5.42 -41.20 12.16
C ASN Y 48 5.79 -42.18 13.27
N PRO Y 49 6.59 -43.20 12.98
CA PRO Y 49 7.13 -44.03 14.06
C PRO Y 49 7.96 -43.17 15.01
N ALA Y 50 7.90 -43.52 16.30
CA ALA Y 50 8.46 -42.66 17.34
C ALA Y 50 9.96 -42.46 17.16
N ALA Y 51 10.67 -43.52 16.80
CA ALA Y 51 12.11 -43.41 16.54
C ALA Y 51 12.37 -42.77 15.19
N THR Y 52 12.49 -41.44 15.17
CA THR Y 52 12.67 -40.69 13.94
C THR Y 52 14.13 -40.58 13.51
N LYS Y 53 15.05 -41.13 14.29
CA LYS Y 53 16.47 -41.09 13.94
C LYS Y 53 17.06 -42.49 13.92
N SER Z 9 3.00 7.99 46.34
CA SER Z 9 3.56 9.21 45.78
C SER Z 9 2.91 9.53 44.43
N SER Z 10 3.61 9.22 43.35
CA SER Z 10 3.10 9.43 42.00
C SER Z 10 2.27 8.26 41.51
N THR Z 11 2.13 7.21 42.32
CA THR Z 11 1.30 6.08 41.97
C THR Z 11 0.02 5.99 42.79
N GLY Z 12 -0.09 6.74 43.88
CA GLY Z 12 -1.24 6.73 44.75
C GLY Z 12 -1.10 5.81 45.95
N LEU Z 13 -0.14 4.88 45.90
CA LEU Z 13 0.09 3.97 47.00
C LEU Z 13 0.75 4.71 48.16
N THR Z 14 0.59 4.16 49.35
CA THR Z 14 1.34 4.58 50.52
C THR Z 14 2.54 3.67 50.72
N GLU Z 15 3.40 4.03 51.66
CA GLU Z 15 4.59 3.24 51.91
C GLU Z 15 4.22 1.85 52.44
N ALA Z 16 3.22 1.77 53.30
CA ALA Z 16 2.78 0.48 53.82
C ALA Z 16 2.23 -0.42 52.72
N GLU Z 17 1.37 0.13 51.87
CA GLU Z 17 0.85 -0.63 50.73
C GLU Z 17 1.98 -1.01 49.79
N ALA Z 18 2.89 -0.06 49.51
CA ALA Z 18 4.05 -0.37 48.68
C ALA Z 18 4.92 -1.44 49.33
N LYS Z 19 5.07 -1.40 50.66
CA LYS Z 19 5.89 -2.40 51.34
C LYS Z 19 5.28 -3.79 51.26
N GLU Z 20 3.97 -3.93 51.48
CA GLU Z 20 3.37 -5.25 51.40
C GLU Z 20 3.32 -5.77 49.96
N PHE Z 21 3.04 -4.89 49.00
CA PHE Z 21 3.11 -5.30 47.61
C PHE Z 21 4.52 -5.74 47.24
N HIS Z 22 5.53 -5.01 47.73
CA HIS Z 22 6.91 -5.37 47.43
C HIS Z 22 7.28 -6.69 48.08
N ALA Z 23 6.76 -6.97 49.27
CA ALA Z 23 6.99 -8.27 49.88
C ALA Z 23 6.44 -9.40 49.01
N VAL Z 24 5.20 -9.26 48.55
CA VAL Z 24 4.61 -10.28 47.70
C VAL Z 24 5.38 -10.40 46.37
N TYR Z 25 5.71 -9.26 45.78
CA TYR Z 25 6.44 -9.24 44.51
C TYR Z 25 7.81 -9.87 44.65
N SER Z 26 8.50 -9.58 45.75
CA SER Z 26 9.83 -10.12 46.00
C SER Z 26 9.78 -11.62 46.20
N GLN Z 27 8.79 -12.12 46.95
CA GLN Z 27 8.63 -13.56 47.10
C GLN Z 27 8.36 -14.21 45.75
N SER Z 28 7.49 -13.61 44.95
CA SER Z 28 7.15 -14.18 43.65
C SER Z 28 8.36 -14.19 42.71
N ALA Z 29 9.12 -13.10 42.69
CA ALA Z 29 10.30 -13.02 41.83
C ALA Z 29 11.37 -14.02 42.28
N ALA Z 30 11.56 -14.17 43.60
CA ALA Z 30 12.51 -15.16 44.09
C ALA Z 30 12.09 -16.57 43.72
N GLY Z 31 10.80 -16.87 43.83
CA GLY Z 31 10.31 -18.19 43.43
C GLY Z 31 10.50 -18.44 41.94
N PHE Z 32 10.22 -17.43 41.12
CA PHE Z 32 10.41 -17.57 39.68
C PHE Z 32 11.88 -17.81 39.34
N LEU Z 33 12.78 -17.07 39.98
CA LEU Z 33 14.21 -17.26 39.72
C LEU Z 33 14.68 -18.63 40.21
N ALA Z 34 14.15 -19.09 41.34
CA ALA Z 34 14.50 -20.42 41.83
C ALA Z 34 14.06 -21.51 40.86
N VAL Z 35 12.84 -21.39 40.33
CA VAL Z 35 12.36 -22.36 39.36
C VAL Z 35 13.22 -22.32 38.11
N CYS Z 36 13.58 -21.10 37.66
CA CYS Z 36 14.43 -20.98 36.48
C CYS Z 36 15.82 -21.58 36.71
N ALA Z 37 16.36 -21.42 37.92
CA ALA Z 37 17.67 -21.99 38.23
C ALA Z 37 17.62 -23.51 38.22
N VAL Z 38 16.57 -24.08 38.83
CA VAL Z 38 16.39 -25.53 38.79
C VAL Z 38 16.23 -26.01 37.34
N ALA Z 39 15.48 -25.24 36.54
CA ALA Z 39 15.28 -25.59 35.15
C ALA Z 39 16.59 -25.58 34.36
N HIS Z 40 17.45 -24.59 34.64
CA HIS Z 40 18.72 -24.50 33.93
C HIS Z 40 19.66 -25.62 34.36
N VAL Z 41 19.64 -25.99 35.64
CA VAL Z 41 20.40 -27.16 36.08
C VAL Z 41 19.91 -28.41 35.37
N LEU Z 42 18.59 -28.57 35.25
CA LEU Z 42 18.04 -29.73 34.55
C LEU Z 42 18.43 -29.73 33.07
N ALA Z 43 18.35 -28.57 32.43
CA ALA Z 43 18.70 -28.47 31.01
C ALA Z 43 20.18 -28.77 30.78
N TRP Z 44 21.05 -28.30 31.69
CA TRP Z 44 22.47 -28.63 31.60
C TRP Z 44 22.70 -30.13 31.80
N MET Z 45 22.01 -30.74 32.75
CA MET Z 45 22.14 -32.18 32.94
C MET Z 45 21.56 -32.97 31.77
N TRP Z 46 20.66 -32.37 31.00
CA TRP Z 46 20.18 -32.99 29.77
C TRP Z 46 21.25 -32.85 28.70
N ARG Z 47 21.56 -31.61 28.32
CA ARG Z 47 22.60 -31.32 27.33
C ARG Z 47 23.30 -30.02 27.72
N PRO Z 48 24.55 -30.11 28.16
CA PRO Z 48 25.31 -28.89 28.48
C PRO Z 48 25.40 -27.98 27.28
N PHE Z 49 25.36 -26.67 27.52
CA PHE Z 49 25.18 -25.71 26.44
C PHE Z 49 26.35 -24.74 26.28
N TRP Z 50 27.50 -25.04 26.85
CA TRP Z 50 28.73 -24.28 26.59
C TRP Z 50 29.76 -25.20 25.95
N PRO Z 51 30.03 -25.06 24.66
CA PRO Z 51 30.87 -26.03 23.97
C PRO Z 51 32.34 -25.83 24.29
N GLY Z 52 33.09 -26.93 24.30
CA GLY Z 52 34.52 -26.89 24.41
C GLY Z 52 35.16 -26.51 23.08
N ALA Z 53 36.49 -26.55 23.07
CA ALA Z 53 37.25 -26.11 21.91
C ALA Z 53 36.91 -26.90 20.65
N GLU Z 54 36.56 -28.17 20.78
CA GLU Z 54 36.23 -29.00 19.63
C GLU Z 54 34.75 -28.97 19.28
N GLY Z 55 33.93 -28.22 20.01
CA GLY Z 55 32.52 -28.14 19.70
C GLY Z 55 31.71 -29.28 20.33
N TRP Z 56 30.60 -29.61 19.67
CA TRP Z 56 29.72 -30.68 20.13
C TRP Z 56 30.14 -31.99 19.47
N VAL Z 57 31.11 -32.65 20.08
CA VAL Z 57 31.67 -33.88 19.54
C VAL Z 57 31.61 -35.00 20.58
N MET AA 1 16.52 -3.11 41.47
CA MET AA 1 15.49 -3.37 42.47
C MET AA 1 15.89 -4.56 43.33
N THR AA 2 15.76 -4.41 44.66
CA THR AA 2 16.14 -5.44 45.60
C THR AA 2 15.00 -5.69 46.58
N PHE AA 3 15.26 -6.54 47.56
CA PHE AA 3 14.28 -6.88 48.59
C PHE AA 3 13.94 -5.67 49.46
N SER AA 4 14.84 -4.69 49.53
CA SER AA 4 14.66 -3.54 50.40
C SER AA 4 14.10 -2.31 49.71
N THR AA 5 14.05 -2.29 48.39
CA THR AA 5 13.56 -1.12 47.65
C THR AA 5 12.05 -1.19 47.42
N HIS AA 6 11.28 -1.22 48.51
CA HIS AA 6 9.83 -1.26 48.37
C HIS AA 6 9.26 0.05 47.86
N LYS AA 7 9.99 1.15 48.01
CA LYS AA 7 9.52 2.46 47.58
C LYS AA 7 9.55 2.63 46.08
N VAL AA 8 10.02 1.62 45.33
CA VAL AA 8 9.98 1.68 43.87
C VAL AA 8 8.54 1.71 43.37
N TRP AA 9 7.60 1.21 44.18
CA TRP AA 9 6.20 1.19 43.80
C TRP AA 9 5.48 2.49 44.10
N LEU AA 10 6.16 3.46 44.72
CA LEU AA 10 5.66 4.82 44.80
C LEU AA 10 5.96 5.63 43.55
N MET AA 11 6.81 5.13 42.65
CA MET AA 11 7.03 5.74 41.35
C MET AA 11 6.62 4.86 40.19
N PHE AA 12 6.56 3.55 40.37
CA PHE AA 12 6.12 2.62 39.34
C PHE AA 12 4.79 2.02 39.76
N ASP AA 13 3.79 2.10 38.88
CA ASP AA 13 2.46 1.59 39.17
C ASP AA 13 2.48 0.07 39.19
N PRO AA 14 2.08 -0.57 40.29
CA PRO AA 14 2.17 -2.04 40.35
C PRO AA 14 1.47 -2.76 39.22
N ARG AA 15 0.28 -2.33 38.82
CA ARG AA 15 -0.50 -3.08 37.84
C ARG AA 15 0.14 -3.00 36.46
N SER AA 16 0.47 -1.79 36.01
CA SER AA 16 1.08 -1.65 34.68
C SER AA 16 2.46 -2.26 34.64
N THR AA 17 3.24 -2.11 35.72
CA THR AA 17 4.55 -2.74 35.78
C THR AA 17 4.42 -4.26 35.73
N LEU AA 18 3.45 -4.82 36.44
CA LEU AA 18 3.25 -6.26 36.42
C LEU AA 18 2.87 -6.75 35.03
N VAL AA 19 1.96 -6.03 34.36
CA VAL AA 19 1.54 -6.45 33.02
C VAL AA 19 2.70 -6.37 32.05
N ALA AA 20 3.46 -5.26 32.09
CA ALA AA 20 4.59 -5.11 31.19
C ALA AA 20 5.67 -6.16 31.46
N LEU AA 21 5.93 -6.46 32.73
CA LEU AA 21 6.93 -7.46 33.08
C LEU AA 21 6.48 -8.85 32.64
N ALA AA 22 5.20 -9.16 32.79
CA ALA AA 22 4.69 -10.45 32.32
C ALA AA 22 4.85 -10.57 30.81
N ALA AA 23 4.49 -9.52 30.08
CA ALA AA 23 4.65 -9.55 28.62
C ALA AA 23 6.11 -9.71 28.22
N PHE AA 24 7.01 -8.97 28.87
CA PHE AA 24 8.43 -9.07 28.54
C PHE AA 24 8.96 -10.47 28.86
N LEU AA 25 8.62 -11.01 30.02
CA LEU AA 25 9.12 -12.32 30.41
C LEU AA 25 8.58 -13.41 29.49
N VAL AA 26 7.31 -13.33 29.10
CA VAL AA 26 6.77 -14.30 28.16
C VAL AA 26 7.46 -14.20 26.81
N VAL AA 27 7.67 -12.98 26.30
CA VAL AA 27 8.31 -12.83 25.00
C VAL AA 27 9.75 -13.33 25.06
N LEU AA 28 10.46 -13.04 26.14
CA LEU AA 28 11.83 -13.53 26.30
C LEU AA 28 11.86 -15.06 26.35
N ALA AA 29 10.94 -15.66 27.12
CA ALA AA 29 10.91 -17.11 27.21
C ALA AA 29 10.62 -17.75 25.85
N LEU AA 30 9.67 -17.18 25.11
CA LEU AA 30 9.38 -17.70 23.77
C LEU AA 30 10.59 -17.56 22.85
N LEU AA 31 11.27 -16.41 22.91
CA LEU AA 31 12.45 -16.20 22.08
C LEU AA 31 13.55 -17.20 22.40
N ILE AA 32 13.78 -17.47 23.68
CA ILE AA 32 14.84 -18.40 24.05
C ILE AA 32 14.48 -19.82 23.66
N HIS AA 33 13.22 -20.22 23.87
CA HIS AA 33 12.77 -21.54 23.46
C HIS AA 33 12.89 -21.70 21.94
N PHE AA 34 12.54 -20.66 21.19
CA PHE AA 34 12.65 -20.72 19.74
C PHE AA 34 14.11 -20.79 19.29
N LEU AA 35 15.00 -20.11 20.00
CA LEU AA 35 16.42 -20.23 19.69
C LEU AA 35 16.93 -21.64 19.97
N CYS AA 36 16.45 -22.26 21.04
CA CYS AA 36 16.80 -23.66 21.30
C CYS AA 36 16.26 -24.57 20.19
N LEU AA 37 15.02 -24.34 19.77
CA LEU AA 37 14.43 -25.12 18.69
C LEU AA 37 15.12 -24.88 17.35
N GLY AA 38 15.78 -23.74 17.19
CA GLY AA 38 16.47 -23.39 15.96
C GLY AA 38 17.86 -23.96 15.83
N HIS AA 39 18.29 -24.78 16.78
CA HIS AA 39 19.61 -25.41 16.74
C HIS AA 39 19.45 -26.91 16.96
N ASP AA 40 20.30 -27.68 16.28
CA ASP AA 40 20.16 -29.13 16.26
C ASP AA 40 20.28 -29.74 17.66
N ARG AA 41 21.29 -29.32 18.41
CA ARG AA 41 21.56 -29.91 19.71
C ARG AA 41 20.43 -29.67 20.71
N PHE AA 42 19.78 -28.52 20.66
CA PHE AA 42 18.84 -28.14 21.70
C PHE AA 42 17.39 -28.17 21.25
N ASN AA 43 17.11 -28.59 20.03
CA ASN AA 43 15.73 -28.85 19.61
C ASN AA 43 15.33 -30.21 20.19
N TRP AA 44 14.74 -30.18 21.39
CA TRP AA 44 14.37 -31.41 22.07
C TRP AA 44 13.27 -32.16 21.35
N LEU AA 45 12.43 -31.45 20.58
CA LEU AA 45 11.38 -32.12 19.82
C LEU AA 45 11.95 -32.88 18.63
N GLU AA 46 12.85 -32.23 17.87
CA GLU AA 46 13.50 -32.91 16.75
C GLU AA 46 14.34 -34.09 17.22
N GLY AA 47 14.96 -33.96 18.39
CA GLY AA 47 15.70 -35.06 18.97
C GLY AA 47 16.90 -35.53 18.16
N ASN AA 48 17.73 -34.59 17.72
CA ASN AA 48 19.01 -34.95 17.14
C ASN AA 48 19.93 -35.51 18.23
N PRO AA 49 20.91 -36.34 17.86
CA PRO AA 49 21.92 -36.72 18.84
C PRO AA 49 22.67 -35.49 19.34
N ALA AA 50 23.08 -35.54 20.61
CA ALA AA 50 23.67 -34.37 21.25
C ALA AA 50 24.95 -33.91 20.54
N ALA AA 51 25.74 -34.85 20.06
CA ALA AA 51 26.98 -34.53 19.34
C ALA AA 51 26.64 -34.25 17.88
N THR AA 52 26.43 -32.97 17.58
CA THR AA 52 26.09 -32.55 16.23
C THR AA 52 27.31 -32.26 15.37
N LYS AA 53 28.52 -32.39 15.91
CA LYS AA 53 29.74 -32.17 15.14
C LYS AA 53 30.58 -33.43 15.10
N MET BA 1 -39.95 -18.87 7.28
CA MET BA 1 -41.06 -18.12 6.72
C MET BA 1 -41.93 -19.01 5.85
N THR BA 2 -43.25 -18.90 6.04
CA THR BA 2 -44.23 -19.67 5.28
C THR BA 2 -45.28 -18.72 4.72
N PHE BA 3 -46.32 -19.30 4.13
CA PHE BA 3 -47.45 -18.51 3.65
C PHE BA 3 -48.22 -17.82 4.77
N SER BA 4 -48.20 -18.39 5.99
CA SER BA 4 -48.99 -17.88 7.09
C SER BA 4 -48.25 -16.88 7.97
N THR BA 5 -46.94 -16.72 7.79
CA THR BA 5 -46.15 -15.83 8.63
C THR BA 5 -46.04 -14.43 8.01
N HIS BA 6 -47.20 -13.79 7.78
CA HIS BA 6 -47.20 -12.47 7.19
C HIS BA 6 -46.64 -11.41 8.14
N LYS BA 7 -46.71 -11.66 9.44
CA LYS BA 7 -46.21 -10.71 10.43
C LYS BA 7 -44.70 -10.61 10.46
N VAL BA 8 -44.00 -11.36 9.61
CA VAL BA 8 -42.55 -11.21 9.49
C VAL BA 8 -42.17 -9.85 8.93
N TRP BA 9 -43.10 -9.17 8.26
CA TRP BA 9 -42.82 -7.85 7.69
C TRP BA 9 -43.07 -6.73 8.69
N LEU BA 10 -43.60 -7.05 9.86
CA LEU BA 10 -43.58 -6.11 10.98
C LEU BA 10 -42.22 -6.09 11.67
N MET BA 11 -41.36 -7.06 11.40
CA MET BA 11 -40.01 -7.13 11.93
C MET BA 11 -38.94 -6.81 10.89
N PHE BA 12 -39.07 -7.33 9.68
CA PHE BA 12 -38.14 -7.02 8.59
C PHE BA 12 -38.77 -6.00 7.67
N ASP BA 13 -38.00 -4.97 7.30
CA ASP BA 13 -38.47 -3.96 6.36
C ASP BA 13 -38.59 -4.59 4.97
N PRO BA 14 -39.79 -4.57 4.38
CA PRO BA 14 -39.99 -5.23 3.09
C PRO BA 14 -39.06 -4.78 1.98
N ARG BA 15 -38.78 -3.47 1.88
CA ARG BA 15 -37.97 -2.97 0.78
C ARG BA 15 -36.51 -3.40 0.91
N SER BA 16 -35.92 -3.20 2.09
CA SER BA 16 -34.53 -3.58 2.29
C SER BA 16 -34.37 -5.10 2.25
N THR BA 17 -35.34 -5.83 2.78
CA THR BA 17 -35.30 -7.28 2.71
C THR BA 17 -35.37 -7.76 1.26
N LEU BA 18 -36.23 -7.14 0.45
CA LEU BA 18 -36.32 -7.49 -0.96
C LEU BA 18 -35.01 -7.21 -1.68
N VAL BA 19 -34.39 -6.06 -1.41
CA VAL BA 19 -33.13 -5.73 -2.07
C VAL BA 19 -32.03 -6.72 -1.67
N ALA BA 20 -31.92 -7.03 -0.38
CA ALA BA 20 -30.92 -7.98 0.08
C ALA BA 20 -31.16 -9.37 -0.49
N LEU BA 21 -32.43 -9.80 -0.52
CA LEU BA 21 -32.75 -11.10 -1.09
C LEU BA 21 -32.43 -11.16 -2.57
N ALA BA 22 -32.72 -10.09 -3.32
CA ALA BA 22 -32.38 -10.06 -4.72
C ALA BA 22 -30.87 -10.14 -4.93
N ALA BA 23 -30.11 -9.40 -4.13
CA ALA BA 23 -28.65 -9.46 -4.25
C ALA BA 23 -28.14 -10.86 -3.96
N PHE BA 24 -28.63 -11.47 -2.88
CA PHE BA 24 -28.18 -12.82 -2.52
C PHE BA 24 -28.55 -13.83 -3.60
N LEU BA 25 -29.77 -13.75 -4.12
CA LEU BA 25 -30.22 -14.70 -5.14
C LEU BA 25 -29.43 -14.54 -6.43
N VAL BA 26 -29.16 -13.30 -6.84
CA VAL BA 26 -28.36 -13.07 -8.04
C VAL BA 26 -26.96 -13.62 -7.86
N VAL BA 27 -26.33 -13.35 -6.71
CA VAL BA 27 -24.98 -13.82 -6.46
C VAL BA 27 -24.95 -15.35 -6.44
N LEU BA 28 -25.95 -15.98 -5.81
CA LEU BA 28 -26.01 -17.43 -5.76
C LEU BA 28 -26.18 -18.03 -7.16
N ALA BA 29 -27.08 -17.43 -7.95
CA ALA BA 29 -27.30 -17.93 -9.32
C ALA BA 29 -26.03 -17.81 -10.14
N LEU BA 30 -25.34 -16.67 -10.04
CA LEU BA 30 -24.07 -16.49 -10.76
C LEU BA 30 -23.04 -17.52 -10.30
N LEU BA 31 -22.94 -17.75 -8.99
CA LEU BA 31 -21.99 -18.72 -8.46
C LEU BA 31 -22.26 -20.12 -8.99
N ILE BA 32 -23.54 -20.53 -9.00
CA ILE BA 32 -23.88 -21.88 -9.44
C ILE BA 32 -23.63 -22.03 -10.93
N HIS BA 33 -23.99 -21.02 -11.71
CA HIS BA 33 -23.72 -21.06 -13.15
C HIS BA 33 -22.22 -21.14 -13.43
N PHE BA 34 -21.43 -20.37 -12.67
CA PHE BA 34 -19.98 -20.39 -12.84
C PHE BA 34 -19.40 -21.73 -12.43
N LEU BA 35 -19.97 -22.37 -11.40
CA LEU BA 35 -19.52 -23.69 -11.02
C LEU BA 35 -19.83 -24.72 -12.11
N CYS BA 36 -20.99 -24.58 -12.76
CA CYS BA 36 -21.29 -25.44 -13.90
C CYS BA 36 -20.30 -25.20 -15.04
N LEU BA 37 -19.99 -23.93 -15.31
CA LEU BA 37 -19.03 -23.60 -16.36
C LEU BA 37 -17.63 -24.09 -16.01
N GLY BA 38 -17.34 -24.26 -14.72
CA GLY BA 38 -16.04 -24.73 -14.28
C GLY BA 38 -15.84 -26.23 -14.33
N HIS BA 39 -16.84 -26.98 -14.79
CA HIS BA 39 -16.74 -28.42 -14.93
C HIS BA 39 -17.08 -28.82 -16.36
N ASP BA 40 -16.36 -29.83 -16.86
CA ASP BA 40 -16.45 -30.21 -18.27
C ASP BA 40 -17.86 -30.64 -18.65
N ARG BA 41 -18.48 -31.47 -17.81
CA ARG BA 41 -19.80 -32.02 -18.14
C ARG BA 41 -20.87 -30.95 -18.21
N PHE BA 42 -20.78 -29.93 -17.38
CA PHE BA 42 -21.88 -28.99 -17.25
C PHE BA 42 -21.57 -27.60 -17.80
N ASN BA 43 -20.42 -27.42 -18.46
CA ASN BA 43 -20.16 -26.20 -19.22
C ASN BA 43 -20.86 -26.35 -20.56
N TRP BA 44 -22.09 -25.85 -20.63
CA TRP BA 44 -22.90 -25.97 -21.84
C TRP BA 44 -22.32 -25.16 -22.99
N LEU BA 45 -21.60 -24.07 -22.70
CA LEU BA 45 -20.97 -23.28 -23.75
C LEU BA 45 -19.84 -24.05 -24.41
N GLU BA 46 -18.94 -24.61 -23.60
CA GLU BA 46 -17.84 -25.42 -24.12
C GLU BA 46 -18.36 -26.64 -24.85
N GLY BA 47 -19.41 -27.27 -24.31
CA GLY BA 47 -20.03 -28.38 -24.98
C GLY BA 47 -19.15 -29.60 -25.11
N ASN BA 48 -18.54 -30.03 -24.01
CA ASN BA 48 -17.87 -31.30 -24.00
C ASN BA 48 -18.89 -32.43 -24.11
N PRO BA 49 -18.50 -33.59 -24.63
CA PRO BA 49 -19.39 -34.75 -24.57
C PRO BA 49 -19.71 -35.10 -23.11
N ALA BA 50 -20.94 -35.55 -22.87
CA ALA BA 50 -21.44 -35.67 -21.51
C ALA BA 50 -20.60 -36.64 -20.68
N ALA BA 51 -20.21 -37.77 -21.27
CA ALA BA 51 -19.38 -38.76 -20.58
C ALA BA 51 -17.93 -38.27 -20.61
N THR BA 52 -17.55 -37.53 -19.57
CA THR BA 52 -16.23 -36.96 -19.46
C THR BA 52 -15.19 -37.93 -18.91
N LYS BA 53 -15.60 -39.13 -18.53
CA LYS BA 53 -14.66 -40.13 -18.01
C LYS BA 53 -14.72 -41.41 -18.84
#